data_6DWN
#
_entry.id   6DWN
#
_cell.length_a   64.855
_cell.length_b   195.078
_cell.length_c   238.013
_cell.angle_alpha   90.000
_cell.angle_beta   90.000
_cell.angle_gamma   90.000
#
_symmetry.space_group_name_H-M   'P 21 21 21'
#
loop_
_entity.id
_entity.type
_entity.pdbx_description
1 polymer 'Cytochrome P450 1A1'
2 non-polymer 'PROTOPORPHYRIN IX CONTAINING FE'
3 non-polymer [6,7-BIS(2-METHOXY-ETHOXY)QUINAZOLINE-4-YL]-(3-ETHYNYLPHENYL)AMINE
4 non-polymer 3-[(3-CHOLAMIDOPROPYL)DIMETHYLAMMONIO]-1-PROPANESULFONATE
5 water water
#
_entity_poly.entity_id   1
_entity_poly.type   'polypeptide(L)'
_entity_poly.pdbx_seq_one_letter_code
;MAKKTSSKGLKNPPGPWGWPLIGHMLTLGKNPHLALSRMSQQYGDVLQIRIGSTPVVVLSGLDTIRQALVRQGDDFKGRP
DLYTFTLISNGQSMSFSPDSGPVWAARRRLAQNGLKSFSIASDPASSTSCYLEEHVSKEAEVLISTLQELMAGPGHFNPY
RYVVVSVTNVICAICFGRRYDHNHQELLSLVNLNNNFGEVVGSGNPADFIPILRYLPNPSLNAFKDLNEKFYSFMQKMVK
EHYKTFEKGHIRDITDSLIEHCQEKQLDENANVQLSDEKIINIVLDLFGAGFDTVTTAISWSLMYLVMNPRVQRKIQEEL
DTVIGRSRRPRLSDRSHLPYMEAFILETFRHSSFVPFTIPHSTTRDTSLKGFYIPKGRCVFVNQWQINHDQKLWVNPSEF
LPERFLTPDGAIDKVLSEKVIIFGMGKRKCIGETIARWEVFLFLAILLQRVEFSVPLGVKVDMTPIYGLTMKHACCEHFQ
MQLRSHHHHHH
;
_entity_poly.pdbx_strand_id   A,B,C,D
#
# COMPACT_ATOMS: atom_id res chain seq x y z
N LEU A 10 22.80 -14.24 15.11
CA LEU A 10 22.60 -15.69 15.18
C LEU A 10 23.82 -16.37 15.80
N LYS A 11 23.62 -17.58 16.30
CA LYS A 11 24.64 -18.31 17.04
C LYS A 11 24.80 -19.71 16.45
N ASN A 12 25.87 -20.41 16.87
CA ASN A 12 26.05 -21.79 16.47
C ASN A 12 25.37 -22.72 17.47
N PRO A 13 24.87 -23.87 17.04
CA PRO A 13 24.19 -24.78 17.97
C PRO A 13 25.16 -25.24 19.04
N PRO A 14 24.69 -25.43 20.26
CA PRO A 14 25.57 -25.90 21.33
C PRO A 14 25.82 -27.40 21.17
N GLY A 15 26.69 -27.91 22.04
CA GLY A 15 27.02 -29.32 22.01
C GLY A 15 28.23 -29.62 22.88
N PRO A 16 28.39 -30.89 23.23
CA PRO A 16 29.50 -31.26 24.10
C PRO A 16 30.82 -31.30 23.33
N TRP A 17 31.90 -31.37 24.09
CA TRP A 17 33.24 -31.50 23.52
C TRP A 17 33.38 -32.88 22.89
N GLY A 18 34.12 -32.95 21.80
CA GLY A 18 34.36 -34.21 21.13
C GLY A 18 35.81 -34.34 20.71
N TRP A 19 36.25 -35.59 20.60
CA TRP A 19 37.62 -35.85 20.19
C TRP A 19 37.87 -35.22 18.83
N PRO A 20 39.08 -34.70 18.59
CA PRO A 20 39.30 -33.98 17.32
C PRO A 20 39.26 -34.89 16.11
N LEU A 21 39.70 -36.14 16.24
CA LEU A 21 39.76 -37.02 15.09
C LEU A 21 38.45 -37.80 14.86
N ILE A 22 37.83 -38.30 15.93
CA ILE A 22 36.63 -39.11 15.78
C ILE A 22 35.36 -38.41 16.25
N GLY A 23 35.48 -37.29 16.96
CA GLY A 23 34.28 -36.58 17.40
C GLY A 23 33.55 -37.34 18.49
N HIS A 24 32.22 -37.36 18.39
CA HIS A 24 31.38 -38.00 19.39
C HIS A 24 30.94 -39.40 18.99
N MET A 25 31.73 -40.06 18.12
CA MET A 25 31.36 -41.40 17.66
C MET A 25 31.17 -42.35 18.82
N LEU A 26 32.06 -42.30 19.81
CA LEU A 26 31.98 -43.25 20.92
C LEU A 26 30.81 -42.91 21.86
N THR A 27 30.42 -41.64 21.93
CA THR A 27 29.30 -41.29 22.80
C THR A 27 28.00 -41.89 22.29
N LEU A 28 27.83 -41.94 20.97
CA LEU A 28 26.61 -42.52 20.41
C LEU A 28 26.52 -44.01 20.72
N GLY A 29 27.58 -44.75 20.45
CA GLY A 29 27.61 -46.17 20.74
C GLY A 29 26.67 -46.92 19.82
N LYS A 30 26.12 -48.02 20.32
CA LYS A 30 25.20 -48.82 19.53
C LYS A 30 23.75 -48.36 19.62
N ASN A 31 23.40 -47.51 20.60
CA ASN A 31 22.04 -46.99 20.72
C ASN A 31 22.09 -45.47 20.66
N PRO A 32 22.32 -44.91 19.47
CA PRO A 32 22.41 -43.44 19.36
C PRO A 32 21.16 -42.73 19.81
N HIS A 33 19.99 -43.31 19.55
CA HIS A 33 18.74 -42.65 19.93
C HIS A 33 18.70 -42.39 21.42
N LEU A 34 19.25 -43.31 22.22
CA LEU A 34 19.31 -43.09 23.66
C LEU A 34 20.38 -42.08 24.02
N ALA A 35 21.57 -42.19 23.41
CA ALA A 35 22.65 -41.28 23.74
C ALA A 35 22.31 -39.85 23.35
N LEU A 36 21.65 -39.66 22.21
CA LEU A 36 21.29 -38.32 21.76
C LEU A 36 20.05 -37.79 22.45
N SER A 37 19.27 -38.66 23.09
CA SER A 37 18.15 -38.18 23.90
C SER A 37 18.65 -37.62 25.23
N ARG A 38 19.58 -38.31 25.88
CA ARG A 38 20.23 -37.76 27.06
C ARG A 38 20.92 -36.46 26.72
N MET A 39 21.58 -36.42 25.57
CA MET A 39 22.31 -35.21 25.18
C MET A 39 21.34 -34.05 25.00
N SER A 40 20.18 -34.29 24.41
CA SER A 40 19.23 -33.20 24.19
C SER A 40 18.73 -32.64 25.51
N GLN A 41 18.65 -33.45 26.57
CA GLN A 41 18.22 -32.94 27.86
C GLN A 41 19.15 -31.86 28.40
N GLN A 42 20.41 -31.86 27.97
CA GLN A 42 21.38 -30.88 28.43
C GLN A 42 21.54 -29.71 27.47
N TYR A 43 21.46 -29.95 26.16
CA TYR A 43 21.75 -28.92 25.18
C TYR A 43 20.54 -28.44 24.39
N GLY A 44 19.40 -29.12 24.50
CA GLY A 44 18.17 -28.61 23.92
C GLY A 44 17.80 -29.27 22.61
N ASP A 45 16.79 -28.67 21.97
CA ASP A 45 16.22 -29.25 20.75
C ASP A 45 17.19 -29.14 19.57
N VAL A 46 18.06 -28.14 19.56
CA VAL A 46 19.02 -27.95 18.49
C VAL A 46 20.42 -28.07 19.09
N LEU A 47 21.16 -29.09 18.68
CA LEU A 47 22.51 -29.30 19.16
C LEU A 47 23.38 -29.83 18.03
N GLN A 48 24.69 -29.75 18.23
CA GLN A 48 25.66 -30.07 17.19
C GLN A 48 26.68 -31.07 17.70
N ILE A 49 27.04 -32.03 16.85
CA ILE A 49 28.04 -33.01 17.19
C ILE A 49 28.93 -33.22 15.98
N ARG A 50 29.84 -34.19 16.07
CA ARG A 50 30.67 -34.58 14.95
C ARG A 50 30.87 -36.09 14.99
N ILE A 51 30.73 -36.72 13.84
CA ILE A 51 31.12 -38.11 13.65
C ILE A 51 32.33 -38.07 12.74
N GLY A 52 33.51 -38.34 13.31
CA GLY A 52 34.76 -38.11 12.62
C GLY A 52 35.02 -36.64 12.44
N SER A 53 35.11 -36.19 11.19
CA SER A 53 35.25 -34.78 10.88
C SER A 53 33.94 -34.14 10.45
N THR A 54 32.91 -34.93 10.19
CA THR A 54 31.67 -34.40 9.65
C THR A 54 30.79 -33.84 10.75
N PRO A 55 30.42 -32.56 10.70
CA PRO A 55 29.46 -32.04 11.67
C PRO A 55 28.06 -32.56 11.38
N VAL A 56 27.28 -32.72 12.45
CA VAL A 56 25.91 -33.19 12.36
C VAL A 56 25.07 -32.44 13.38
N VAL A 57 23.90 -32.00 12.97
CA VAL A 57 22.96 -31.31 13.84
C VAL A 57 21.81 -32.28 14.12
N VAL A 58 21.50 -32.48 15.39
CA VAL A 58 20.48 -33.42 15.83
C VAL A 58 19.29 -32.61 16.33
N LEU A 59 18.12 -32.89 15.77
CA LEU A 59 16.89 -32.17 16.12
C LEU A 59 16.03 -33.04 17.02
N SER A 60 15.53 -32.42 18.10
CA SER A 60 14.66 -33.05 19.07
C SER A 60 13.50 -32.12 19.35
N GLY A 61 12.59 -32.55 20.23
CA GLY A 61 11.45 -31.74 20.59
C GLY A 61 10.40 -31.68 19.49
N LEU A 62 9.13 -31.70 19.88
CA LEU A 62 8.05 -31.79 18.90
C LEU A 62 7.86 -30.48 18.15
N ASP A 63 7.73 -29.36 18.87
CA ASP A 63 7.50 -28.09 18.20
C ASP A 63 8.69 -27.69 17.34
N THR A 64 9.91 -27.91 17.85
CA THR A 64 11.10 -27.51 17.11
C THR A 64 11.23 -28.31 15.82
N ILE A 65 10.88 -29.60 15.85
CA ILE A 65 10.96 -30.40 14.65
C ILE A 65 9.88 -29.99 13.65
N ARG A 66 8.67 -29.72 14.13
CA ARG A 66 7.64 -29.20 13.25
C ARG A 66 8.07 -27.88 12.62
N GLN A 67 8.83 -27.07 13.35
CA GLN A 67 9.34 -25.82 12.80
C GLN A 67 10.24 -26.09 11.59
N ALA A 68 11.15 -27.05 11.73
CA ALA A 68 12.19 -27.24 10.71
C ALA A 68 11.67 -28.01 9.50
N LEU A 69 10.91 -29.08 9.73
CA LEU A 69 10.50 -29.93 8.62
C LEU A 69 9.25 -29.39 7.92
N VAL A 70 8.37 -28.72 8.66
CA VAL A 70 7.12 -28.23 8.07
C VAL A 70 7.28 -26.77 7.66
N ARG A 71 7.36 -25.87 8.65
CA ARG A 71 7.34 -24.44 8.35
C ARG A 71 8.57 -24.03 7.54
N GLN A 72 9.71 -24.68 7.75
CA GLN A 72 10.91 -24.45 6.94
C GLN A 72 11.28 -25.69 6.13
N GLY A 73 10.25 -26.44 5.69
CA GLY A 73 10.49 -27.74 5.07
C GLY A 73 11.43 -27.70 3.89
N ASP A 74 11.35 -26.65 3.07
CA ASP A 74 12.22 -26.58 1.91
C ASP A 74 13.68 -26.40 2.29
N ASP A 75 13.95 -25.96 3.53
CA ASP A 75 15.32 -25.80 4.00
C ASP A 75 15.92 -27.08 4.55
N PHE A 76 15.09 -28.10 4.85
CA PHE A 76 15.55 -29.31 5.50
C PHE A 76 15.10 -30.57 4.75
N LYS A 77 14.90 -30.45 3.44
CA LYS A 77 14.42 -31.56 2.62
C LYS A 77 15.54 -32.33 1.94
N GLY A 78 16.80 -32.04 2.26
CA GLY A 78 17.91 -32.66 1.57
C GLY A 78 18.35 -33.97 2.19
N ARG A 79 19.25 -34.66 1.47
CA ARG A 79 19.89 -35.87 1.91
C ARG A 79 21.41 -35.69 1.88
N PRO A 80 22.12 -36.04 2.95
CA PRO A 80 23.58 -35.92 2.93
C PRO A 80 24.21 -36.89 1.94
N ASP A 81 25.43 -36.55 1.52
CA ASP A 81 26.22 -37.36 0.58
C ASP A 81 26.92 -38.47 1.37
N LEU A 82 26.16 -39.51 1.68
CA LEU A 82 26.69 -40.63 2.45
C LEU A 82 27.00 -41.81 1.54
N TYR A 83 28.07 -42.53 1.88
CA TYR A 83 28.53 -43.64 1.04
C TYR A 83 27.50 -44.77 1.02
N THR A 84 27.02 -45.18 2.19
CA THR A 84 26.07 -46.30 2.24
C THR A 84 24.88 -46.05 1.33
N PHE A 85 24.48 -44.77 1.17
CA PHE A 85 23.35 -44.49 0.30
C PHE A 85 23.71 -44.68 -1.16
N THR A 86 24.99 -44.49 -1.53
CA THR A 86 25.37 -44.70 -2.94
C THR A 86 25.22 -46.16 -3.33
N LEU A 87 25.15 -47.07 -2.36
CA LEU A 87 25.00 -48.49 -2.63
C LEU A 87 23.54 -48.93 -2.74
N ILE A 88 22.60 -48.01 -2.62
CA ILE A 88 21.17 -48.32 -2.62
C ILE A 88 20.60 -47.94 -3.98
N SER A 89 19.98 -48.91 -4.66
CA SER A 89 19.32 -48.67 -5.94
C SER A 89 20.30 -48.07 -6.95
N ASN A 90 21.45 -48.73 -7.09
CA ASN A 90 22.48 -48.34 -8.04
C ASN A 90 22.85 -46.86 -7.88
N GLY A 91 22.78 -46.37 -6.65
CA GLY A 91 23.11 -44.98 -6.39
C GLY A 91 22.12 -43.98 -6.93
N GLN A 92 20.92 -44.42 -7.28
CA GLN A 92 19.90 -43.56 -7.85
C GLN A 92 18.58 -43.77 -7.11
N SER A 93 18.65 -43.78 -5.78
CA SER A 93 17.46 -44.01 -4.96
C SER A 93 16.68 -42.72 -4.75
N MET A 94 15.38 -42.77 -5.04
CA MET A 94 14.52 -41.62 -4.80
C MET A 94 14.61 -41.17 -3.34
N SER A 95 14.63 -42.13 -2.42
CA SER A 95 14.53 -41.81 -1.00
C SER A 95 15.89 -41.45 -0.38
N PHE A 96 16.99 -41.98 -0.93
CA PHE A 96 18.29 -41.84 -0.28
C PHE A 96 19.31 -41.02 -1.05
N SER A 97 19.18 -40.86 -2.37
CA SER A 97 20.17 -40.09 -3.11
C SER A 97 20.18 -38.64 -2.65
N PRO A 98 21.25 -37.90 -2.93
CA PRO A 98 21.31 -36.49 -2.53
C PRO A 98 20.34 -35.61 -3.31
N ASP A 99 19.79 -36.11 -4.41
CA ASP A 99 18.83 -35.35 -5.20
C ASP A 99 17.62 -35.00 -4.34
N SER A 100 17.38 -33.70 -4.17
CA SER A 100 16.21 -33.21 -3.46
C SER A 100 15.51 -32.10 -4.26
N GLY A 101 15.82 -31.98 -5.54
CA GLY A 101 15.28 -30.93 -6.37
C GLY A 101 14.06 -31.36 -7.16
N PRO A 102 13.88 -30.78 -8.34
CA PRO A 102 12.66 -31.07 -9.11
C PRO A 102 12.58 -32.50 -9.60
N VAL A 103 13.71 -33.15 -9.89
CA VAL A 103 13.66 -34.54 -10.34
C VAL A 103 13.09 -35.41 -9.23
N TRP A 104 13.53 -35.18 -7.99
CA TRP A 104 13.03 -35.96 -6.87
C TRP A 104 11.52 -35.74 -6.70
N ALA A 105 11.11 -34.47 -6.61
CA ALA A 105 9.70 -34.16 -6.40
C ALA A 105 8.84 -34.81 -7.47
N ALA A 106 9.33 -34.86 -8.70
CA ALA A 106 8.57 -35.53 -9.76
C ALA A 106 8.44 -37.01 -9.46
N ARG A 107 9.54 -37.67 -9.10
CA ARG A 107 9.47 -39.10 -8.77
C ARG A 107 8.54 -39.33 -7.58
N ARG A 108 8.59 -38.44 -6.58
CA ARG A 108 7.75 -38.62 -5.41
C ARG A 108 6.27 -38.62 -5.80
N ARG A 109 5.86 -37.68 -6.66
CA ARG A 109 4.48 -37.64 -7.09
C ARG A 109 4.11 -38.92 -7.84
N LEU A 110 5.02 -39.43 -8.66
CA LEU A 110 4.79 -40.71 -9.33
C LEU A 110 4.54 -41.81 -8.31
N ALA A 111 5.32 -41.84 -7.23
CA ALA A 111 5.12 -42.84 -6.19
C ALA A 111 3.77 -42.64 -5.52
N GLN A 112 3.46 -41.39 -5.15
CA GLN A 112 2.19 -41.09 -4.50
C GLN A 112 1.00 -41.57 -5.33
N ASN A 113 0.99 -41.23 -6.63
CA ASN A 113 -0.12 -41.66 -7.48
C ASN A 113 -0.14 -43.17 -7.67
N GLY A 114 1.03 -43.78 -7.88
CA GLY A 114 1.08 -45.22 -8.04
C GLY A 114 0.50 -45.97 -6.84
N LEU A 115 0.85 -45.54 -5.63
CA LEU A 115 0.30 -46.17 -4.43
C LEU A 115 -1.20 -45.96 -4.36
N LYS A 116 -1.65 -44.70 -4.47
CA LYS A 116 -3.08 -44.40 -4.40
C LYS A 116 -3.87 -45.26 -5.38
N SER A 117 -3.37 -45.42 -6.60
CA SER A 117 -4.10 -46.13 -7.64
C SER A 117 -4.25 -47.61 -7.36
N PHE A 118 -3.38 -48.21 -6.56
CA PHE A 118 -3.37 -49.65 -6.35
C PHE A 118 -3.37 -50.04 -4.88
N SER A 119 -3.85 -49.16 -4.01
CA SER A 119 -3.96 -49.47 -2.59
C SER A 119 -5.28 -48.94 -2.05
N ILE A 120 -5.55 -47.66 -2.26
CA ILE A 120 -6.76 -47.04 -1.75
C ILE A 120 -7.92 -47.18 -2.75
N ALA A 121 -7.61 -47.20 -4.05
CA ALA A 121 -8.65 -47.25 -5.07
C ALA A 121 -9.43 -48.56 -5.00
N SER A 122 -10.65 -48.50 -5.51
CA SER A 122 -11.54 -49.66 -5.49
C SER A 122 -11.07 -50.72 -6.48
N ASP A 123 -11.07 -51.97 -6.04
CA ASP A 123 -10.69 -53.09 -6.89
C ASP A 123 -11.85 -53.43 -7.83
N PRO A 124 -11.63 -53.49 -9.14
CA PRO A 124 -12.74 -53.86 -10.04
C PRO A 124 -13.38 -55.19 -9.71
N ALA A 125 -12.61 -56.14 -9.17
CA ALA A 125 -13.17 -57.45 -8.87
C ALA A 125 -14.22 -57.37 -7.76
N SER A 126 -13.99 -56.50 -6.79
CA SER A 126 -14.91 -56.34 -5.66
C SER A 126 -15.56 -54.96 -5.70
N SER A 127 -16.76 -54.88 -5.11
CA SER A 127 -17.50 -53.63 -5.02
C SER A 127 -17.19 -52.95 -3.70
N THR A 128 -17.24 -53.71 -2.59
CA THR A 128 -17.21 -53.14 -1.25
C THR A 128 -15.82 -53.08 -0.63
N SER A 129 -14.77 -53.38 -1.40
CA SER A 129 -13.41 -53.42 -0.87
C SER A 129 -12.47 -52.71 -1.82
N CYS A 130 -11.39 -52.17 -1.25
CA CYS A 130 -10.31 -51.59 -2.02
C CYS A 130 -9.22 -52.64 -2.22
N TYR A 131 -8.20 -52.28 -3.01
CA TYR A 131 -7.11 -53.21 -3.28
C TYR A 131 -6.48 -53.69 -1.98
N LEU A 132 -6.11 -52.74 -1.10
CA LEU A 132 -5.42 -53.08 0.13
C LEU A 132 -6.26 -54.02 0.99
N GLU A 133 -7.52 -53.67 1.20
CA GLU A 133 -8.39 -54.49 2.05
C GLU A 133 -8.51 -55.91 1.51
N GLU A 134 -8.54 -56.07 0.19
CA GLU A 134 -8.67 -57.40 -0.40
C GLU A 134 -7.41 -58.22 -0.18
N HIS A 135 -6.23 -57.63 -0.38
CA HIS A 135 -4.98 -58.35 -0.23
C HIS A 135 -4.75 -58.81 1.20
N VAL A 136 -4.90 -57.88 2.16
CA VAL A 136 -4.63 -58.22 3.56
C VAL A 136 -5.57 -59.33 4.04
N SER A 137 -6.84 -59.28 3.65
CA SER A 137 -7.78 -60.31 4.06
C SER A 137 -7.33 -61.68 3.56
N LYS A 138 -6.87 -61.77 2.32
CA LYS A 138 -6.39 -63.04 1.79
C LYS A 138 -5.17 -63.53 2.58
N GLU A 139 -4.17 -62.67 2.74
CA GLU A 139 -2.94 -63.07 3.41
C GLU A 139 -3.17 -63.32 4.90
N ALA A 140 -4.05 -62.53 5.52
CA ALA A 140 -4.39 -62.77 6.91
C ALA A 140 -4.95 -64.16 7.10
N GLU A 141 -5.82 -64.59 6.17
CA GLU A 141 -6.38 -65.93 6.25
C GLU A 141 -5.30 -66.99 6.03
N VAL A 142 -4.46 -66.79 5.01
CA VAL A 142 -3.38 -67.74 4.76
C VAL A 142 -2.44 -67.80 5.96
N LEU A 143 -2.26 -66.67 6.65
CA LEU A 143 -1.36 -66.66 7.81
C LEU A 143 -1.90 -67.54 8.92
N ILE A 144 -3.21 -67.45 9.19
CA ILE A 144 -3.81 -68.28 10.23
C ILE A 144 -3.68 -69.75 9.90
N SER A 145 -3.97 -70.11 8.64
CA SER A 145 -3.84 -71.50 8.22
C SER A 145 -2.41 -72.00 8.37
N THR A 146 -1.44 -71.18 7.95
CA THR A 146 -0.04 -71.60 8.02
C THR A 146 0.40 -71.80 9.47
N LEU A 147 -0.20 -71.06 10.40
CA LEU A 147 0.15 -71.21 11.82
C LEU A 147 -0.54 -72.42 12.44
N GLN A 148 -1.76 -72.74 11.98
CA GLN A 148 -2.41 -73.96 12.45
C GLN A 148 -1.58 -75.18 12.12
N GLU A 149 -0.92 -75.18 10.96
CA GLU A 149 -0.04 -76.28 10.59
C GLU A 149 1.07 -76.43 11.63
N LEU A 150 1.67 -75.32 12.05
CA LEU A 150 2.81 -75.37 12.96
C LEU A 150 2.39 -75.73 14.38
N MET A 151 1.18 -75.34 14.80
CA MET A 151 0.72 -75.75 16.12
C MET A 151 0.41 -77.23 16.16
N ALA A 152 0.04 -77.82 15.02
CA ALA A 152 -0.23 -79.26 14.98
C ALA A 152 1.05 -80.06 15.12
N GLY A 153 2.16 -79.56 14.59
CA GLY A 153 3.43 -80.27 14.65
C GLY A 153 4.31 -79.78 15.78
N PRO A 154 5.23 -78.86 15.49
CA PRO A 154 6.16 -78.41 16.54
C PRO A 154 5.46 -77.87 17.79
N GLY A 155 4.31 -77.24 17.66
CA GLY A 155 3.63 -76.64 18.79
C GLY A 155 4.12 -75.27 19.19
N HIS A 156 5.14 -74.74 18.51
CA HIS A 156 5.66 -73.41 18.77
C HIS A 156 6.25 -72.87 17.47
N PHE A 157 6.45 -71.56 17.42
CA PHE A 157 6.92 -70.96 16.18
C PHE A 157 7.50 -69.59 16.47
N ASN A 158 8.30 -69.10 15.51
CA ASN A 158 8.78 -67.73 15.51
C ASN A 158 7.87 -66.93 14.60
N PRO A 159 7.09 -65.98 15.11
CA PRO A 159 6.09 -65.33 14.24
C PRO A 159 6.70 -64.53 13.11
N TYR A 160 7.88 -63.93 13.31
CA TYR A 160 8.45 -63.07 12.29
C TYR A 160 8.67 -63.82 10.98
N ARG A 161 9.07 -65.08 11.06
CA ARG A 161 9.39 -65.83 9.84
C ARG A 161 8.20 -65.92 8.91
N TYR A 162 6.99 -65.92 9.47
CA TYR A 162 5.77 -66.11 8.69
C TYR A 162 4.98 -64.83 8.51
N VAL A 163 5.11 -63.86 9.42
CA VAL A 163 4.47 -62.57 9.23
C VAL A 163 5.18 -61.79 8.13
N VAL A 164 6.50 -61.97 7.99
CA VAL A 164 7.24 -61.24 6.96
C VAL A 164 6.78 -61.67 5.57
N VAL A 165 6.39 -62.94 5.43
CA VAL A 165 5.91 -63.41 4.13
C VAL A 165 4.54 -62.84 3.82
N SER A 166 3.62 -62.91 4.79
CA SER A 166 2.29 -62.37 4.59
C SER A 166 2.35 -60.88 4.25
N VAL A 167 3.18 -60.12 4.97
CA VAL A 167 3.28 -58.69 4.73
C VAL A 167 3.91 -58.41 3.37
N THR A 168 4.84 -59.26 2.94
CA THR A 168 5.49 -59.03 1.65
C THR A 168 4.52 -59.26 0.50
N ASN A 169 3.68 -60.30 0.59
CA ASN A 169 2.75 -60.59 -0.49
C ASN A 169 1.79 -59.43 -0.72
N VAL A 170 1.47 -58.67 0.31
CA VAL A 170 0.57 -57.53 0.14
C VAL A 170 1.25 -56.44 -0.68
N ILE A 171 2.42 -55.98 -0.23
CA ILE A 171 3.14 -54.95 -0.96
C ILE A 171 3.68 -55.49 -2.27
N CYS A 172 3.96 -56.80 -2.35
CA CYS A 172 4.43 -57.40 -3.59
C CYS A 172 3.34 -57.40 -4.65
N ALA A 173 2.09 -57.66 -4.23
CA ALA A 173 0.98 -57.59 -5.17
C ALA A 173 0.74 -56.16 -5.63
N ILE A 174 0.91 -55.20 -4.73
CA ILE A 174 0.71 -53.80 -5.09
C ILE A 174 1.76 -53.33 -6.08
N CYS A 175 2.99 -53.85 -5.97
CA CYS A 175 4.11 -53.40 -6.79
C CYS A 175 4.34 -54.25 -8.04
N PHE A 176 4.20 -55.57 -7.93
CA PHE A 176 4.58 -56.48 -9.00
C PHE A 176 3.45 -57.38 -9.48
N GLY A 177 2.35 -57.49 -8.75
CA GLY A 177 1.23 -58.29 -9.22
C GLY A 177 1.40 -59.77 -8.99
N ARG A 178 2.13 -60.16 -7.94
CA ARG A 178 2.35 -61.56 -7.66
C ARG A 178 2.44 -61.75 -6.15
N ARG A 179 2.09 -62.96 -5.71
CA ARG A 179 2.33 -63.39 -4.34
C ARG A 179 3.16 -64.66 -4.39
N TYR A 180 3.80 -64.98 -3.28
CA TYR A 180 4.68 -66.14 -3.19
C TYR A 180 4.24 -67.06 -2.05
N ASP A 181 4.37 -68.36 -2.29
CA ASP A 181 4.16 -69.35 -1.26
C ASP A 181 5.13 -69.10 -0.10
N HIS A 182 4.74 -69.59 1.08
CA HIS A 182 5.56 -69.40 2.27
C HIS A 182 6.95 -70.03 2.15
N ASN A 183 7.20 -70.83 1.11
CA ASN A 183 8.46 -71.54 0.96
C ASN A 183 9.04 -71.34 -0.45
N HIS A 184 8.97 -70.12 -0.96
CA HIS A 184 9.66 -69.74 -2.20
C HIS A 184 10.97 -69.08 -1.79
N GLN A 185 12.10 -69.74 -2.12
CA GLN A 185 13.40 -69.27 -1.67
C GLN A 185 13.64 -67.82 -2.07
N GLU A 186 13.26 -67.45 -3.29
CA GLU A 186 13.46 -66.08 -3.76
C GLU A 186 12.96 -65.07 -2.74
N LEU A 187 11.72 -65.24 -2.30
CA LEU A 187 11.14 -64.36 -1.28
C LEU A 187 12.03 -64.30 -0.05
N LEU A 188 12.11 -65.40 0.70
CA LEU A 188 12.87 -65.41 1.95
C LEU A 188 14.33 -65.00 1.70
N SER A 189 14.84 -65.25 0.49
CA SER A 189 16.22 -64.91 0.19
C SER A 189 16.48 -63.41 0.28
N LEU A 190 15.45 -62.58 0.11
CA LEU A 190 15.60 -61.13 0.09
C LEU A 190 15.07 -60.45 1.36
N VAL A 191 14.09 -61.03 2.03
CA VAL A 191 13.39 -60.38 3.12
C VAL A 191 13.91 -60.84 4.48
N ASN A 192 14.05 -62.16 4.68
CA ASN A 192 14.42 -62.69 5.98
C ASN A 192 15.80 -63.35 5.98
N LEU A 193 16.43 -63.51 4.82
CA LEU A 193 17.74 -64.17 4.74
C LEU A 193 18.81 -63.15 5.12
N ASN A 194 18.98 -62.96 6.42
CA ASN A 194 20.08 -62.17 6.97
C ASN A 194 20.19 -60.83 6.22
N ASN A 195 19.09 -60.08 6.23
CA ASN A 195 19.04 -58.80 5.55
C ASN A 195 19.44 -57.72 6.56
N ASN A 196 20.57 -57.04 6.30
CA ASN A 196 21.12 -56.08 7.24
C ASN A 196 20.94 -54.64 6.76
N PHE A 197 19.97 -54.40 5.88
CA PHE A 197 19.73 -53.05 5.39
C PHE A 197 19.56 -52.06 6.53
N GLY A 198 18.67 -52.37 7.47
CA GLY A 198 18.43 -51.45 8.57
C GLY A 198 19.63 -51.42 9.49
N GLU A 199 20.44 -52.47 9.45
CA GLU A 199 21.63 -52.51 10.30
C GLU A 199 22.68 -51.52 9.83
N VAL A 200 22.77 -51.29 8.52
CA VAL A 200 23.82 -50.48 7.94
C VAL A 200 23.35 -49.06 7.63
N VAL A 201 22.06 -48.91 7.34
CA VAL A 201 21.53 -47.60 6.95
C VAL A 201 21.21 -46.72 8.16
N GLY A 202 21.02 -47.32 9.34
CA GLY A 202 20.74 -46.53 10.54
C GLY A 202 21.67 -45.34 10.76
N SER A 203 21.10 -44.22 11.17
CA SER A 203 21.87 -42.99 11.38
C SER A 203 23.05 -43.24 12.31
N GLY A 204 24.21 -42.75 11.91
CA GLY A 204 25.43 -42.88 12.69
C GLY A 204 26.37 -43.98 12.27
N ASN A 205 26.10 -44.67 11.16
CA ASN A 205 26.99 -45.72 10.71
C ASN A 205 28.40 -45.14 10.55
N PRO A 206 29.38 -45.61 11.33
CA PRO A 206 30.73 -45.04 11.21
C PRO A 206 31.28 -45.10 9.80
N ALA A 207 30.94 -46.12 9.02
CA ALA A 207 31.49 -46.25 7.67
C ALA A 207 31.21 -45.02 6.83
N ASP A 208 30.10 -44.33 7.10
CA ASP A 208 29.77 -43.12 6.36
C ASP A 208 30.61 -41.93 6.77
N PHE A 209 31.21 -41.96 7.95
CA PHE A 209 31.97 -40.84 8.48
C PHE A 209 33.44 -41.16 8.76
N ILE A 210 33.84 -42.43 8.70
CA ILE A 210 35.23 -42.83 8.82
C ILE A 210 35.64 -43.47 7.50
N PRO A 211 36.28 -42.73 6.61
CA PRO A 211 36.52 -43.25 5.25
C PRO A 211 37.28 -44.56 5.19
N ILE A 212 38.05 -44.90 6.23
CA ILE A 212 38.91 -46.09 6.13
C ILE A 212 38.11 -47.37 6.40
N LEU A 213 37.06 -47.29 7.21
CA LEU A 213 36.27 -48.49 7.50
C LEU A 213 35.60 -49.06 6.26
N ARG A 214 35.55 -48.30 5.17
CA ARG A 214 34.97 -48.80 3.93
C ARG A 214 35.87 -49.80 3.23
N TYR A 215 37.19 -49.73 3.48
CA TYR A 215 38.17 -50.56 2.78
C TYR A 215 38.73 -51.68 3.65
N LEU A 216 38.52 -51.63 4.96
CA LEU A 216 38.99 -52.70 5.83
C LEU A 216 38.05 -53.90 5.73
N PRO A 217 38.50 -55.08 6.18
CA PRO A 217 37.60 -56.24 6.22
C PRO A 217 36.31 -55.92 6.95
N ASN A 218 35.22 -55.81 6.19
CA ASN A 218 33.92 -55.43 6.74
C ASN A 218 32.88 -56.41 6.23
N PRO A 219 32.66 -57.52 6.94
CA PRO A 219 31.66 -58.49 6.45
C PRO A 219 30.27 -57.89 6.38
N SER A 220 29.93 -57.01 7.32
CA SER A 220 28.62 -56.36 7.31
C SER A 220 28.43 -55.54 6.04
N LEU A 221 29.46 -54.77 5.66
CA LEU A 221 29.33 -53.90 4.50
C LEU A 221 29.31 -54.70 3.20
N ASN A 222 30.10 -55.77 3.13
CA ASN A 222 30.14 -56.58 1.92
C ASN A 222 28.81 -57.26 1.67
N ALA A 223 28.19 -57.80 2.73
CA ALA A 223 26.86 -58.37 2.61
C ALA A 223 25.85 -57.31 2.17
N PHE A 224 26.06 -56.06 2.57
CA PHE A 224 25.17 -54.99 2.16
C PHE A 224 25.27 -54.73 0.65
N LYS A 225 26.50 -54.71 0.11
CA LYS A 225 26.66 -54.51 -1.33
C LYS A 225 26.11 -55.70 -2.11
N ASP A 226 26.35 -56.91 -1.60
CA ASP A 226 25.96 -58.11 -2.33
C ASP A 226 24.46 -58.18 -2.53
N LEU A 227 23.70 -58.03 -1.44
CA LEU A 227 22.26 -58.25 -1.48
C LEU A 227 21.55 -57.08 -2.18
N ASN A 228 22.06 -55.86 -2.06
CA ASN A 228 21.51 -54.73 -2.82
C ASN A 228 21.63 -54.94 -4.32
N GLU A 229 22.68 -55.61 -4.79
CA GLU A 229 22.80 -55.88 -6.22
C GLU A 229 21.81 -56.94 -6.65
N LYS A 230 21.52 -57.91 -5.78
CA LYS A 230 20.47 -58.89 -6.07
C LYS A 230 19.12 -58.19 -6.24
N PHE A 231 18.77 -57.29 -5.31
CA PHE A 231 17.52 -56.55 -5.44
C PHE A 231 17.42 -55.89 -6.80
N TYR A 232 18.48 -55.20 -7.21
CA TYR A 232 18.45 -54.47 -8.48
C TYR A 232 18.38 -55.42 -9.66
N SER A 233 18.90 -56.64 -9.51
CA SER A 233 18.76 -57.64 -10.57
C SER A 233 17.38 -58.28 -10.52
N PHE A 234 16.84 -58.49 -9.32
CA PHE A 234 15.46 -58.94 -9.20
C PHE A 234 14.52 -57.96 -9.89
N MET A 235 14.77 -56.66 -9.74
CA MET A 235 13.95 -55.66 -10.41
C MET A 235 13.99 -55.84 -11.92
N GLN A 236 15.20 -55.93 -12.50
CA GLN A 236 15.33 -56.07 -13.94
C GLN A 236 14.52 -57.28 -14.41
N LYS A 237 14.64 -58.41 -13.72
CA LYS A 237 13.82 -59.57 -14.05
C LYS A 237 12.35 -59.18 -14.06
N MET A 238 11.89 -58.46 -13.03
CA MET A 238 10.49 -58.11 -12.93
C MET A 238 10.07 -57.10 -13.98
N VAL A 239 10.90 -56.05 -14.18
CA VAL A 239 10.56 -55.02 -15.16
C VAL A 239 10.55 -55.61 -16.56
N LYS A 240 11.44 -56.57 -16.83
CA LYS A 240 11.45 -57.22 -18.14
C LYS A 240 10.21 -58.08 -18.33
N GLU A 241 9.88 -58.90 -17.32
CA GLU A 241 8.67 -59.70 -17.38
C GLU A 241 7.43 -58.83 -17.58
N HIS A 242 7.47 -57.59 -17.09
CA HIS A 242 6.30 -56.72 -17.23
C HIS A 242 6.25 -56.08 -18.61
N TYR A 243 7.40 -55.61 -19.11
CA TYR A 243 7.42 -55.00 -20.44
C TYR A 243 6.96 -56.01 -21.49
N LYS A 244 7.30 -57.29 -21.32
CA LYS A 244 6.91 -58.29 -22.29
C LYS A 244 5.39 -58.48 -22.32
N THR A 245 4.77 -58.52 -21.14
CA THR A 245 3.35 -58.79 -21.02
C THR A 245 2.53 -57.53 -20.80
N PHE A 246 3.09 -56.36 -21.11
CA PHE A 246 2.42 -55.11 -20.81
C PHE A 246 1.22 -54.93 -21.73
N GLU A 247 0.06 -54.71 -21.14
CA GLU A 247 -1.17 -54.43 -21.88
C GLU A 247 -1.44 -52.93 -21.75
N LYS A 248 -1.54 -52.26 -22.89
CA LYS A 248 -1.48 -50.79 -22.92
C LYS A 248 -2.65 -50.15 -22.17
N GLY A 249 -3.81 -50.78 -22.18
CA GLY A 249 -4.99 -50.24 -21.54
C GLY A 249 -5.33 -50.88 -20.21
N HIS A 250 -4.60 -51.91 -19.81
CA HIS A 250 -4.85 -52.64 -18.58
C HIS A 250 -3.61 -52.51 -17.69
N ILE A 251 -3.60 -51.48 -16.84
CA ILE A 251 -2.50 -51.27 -15.91
C ILE A 251 -2.72 -52.18 -14.70
N ARG A 252 -1.76 -53.06 -14.44
CA ARG A 252 -1.93 -54.11 -13.44
C ARG A 252 -1.42 -53.73 -12.06
N ASP A 253 -0.36 -52.94 -11.97
CA ASP A 253 0.28 -52.64 -10.69
C ASP A 253 1.10 -51.36 -10.84
N ILE A 254 1.89 -51.06 -9.81
CA ILE A 254 2.70 -49.84 -9.83
C ILE A 254 3.82 -49.95 -10.85
N THR A 255 4.35 -51.15 -11.09
CA THR A 255 5.38 -51.29 -12.12
C THR A 255 4.84 -50.90 -13.49
N ASP A 256 3.60 -51.27 -13.80
CA ASP A 256 3.02 -50.90 -15.08
C ASP A 256 2.78 -49.40 -15.18
N SER A 257 2.25 -48.80 -14.11
CA SER A 257 2.00 -47.36 -14.13
C SER A 257 3.29 -46.56 -14.31
N LEU A 258 4.44 -47.13 -13.95
CA LEU A 258 5.71 -46.45 -14.19
C LEU A 258 6.21 -46.72 -15.61
N ILE A 259 6.01 -47.94 -16.10
CA ILE A 259 6.27 -48.21 -17.52
C ILE A 259 5.35 -47.36 -18.39
N GLU A 260 4.09 -47.23 -17.99
CA GLU A 260 3.16 -46.38 -18.73
C GLU A 260 3.69 -44.96 -18.85
N HIS A 261 4.37 -44.47 -17.82
CA HIS A 261 4.89 -43.11 -17.85
C HIS A 261 6.16 -43.00 -18.68
N CYS A 262 6.91 -44.09 -18.84
CA CYS A 262 8.08 -44.08 -19.71
C CYS A 262 7.69 -44.02 -21.18
N GLN A 263 6.52 -44.57 -21.53
CA GLN A 263 6.07 -44.52 -22.91
C GLN A 263 5.61 -43.12 -23.29
N GLU A 264 4.76 -42.51 -22.46
CA GLU A 264 4.33 -41.14 -22.73
C GLU A 264 5.48 -40.15 -22.71
N LYS A 265 6.65 -40.55 -22.17
CA LYS A 265 7.79 -39.65 -22.09
C LYS A 265 8.55 -39.57 -23.40
N GLN A 266 8.74 -40.70 -24.09
CA GLN A 266 9.40 -40.69 -25.38
C GLN A 266 8.57 -40.03 -26.47
N LEU A 267 7.36 -39.59 -26.16
CA LEU A 267 6.47 -38.94 -27.11
C LEU A 267 6.46 -37.42 -26.97
N ASP A 268 7.33 -36.87 -26.11
CA ASP A 268 7.40 -35.43 -25.93
C ASP A 268 8.46 -34.84 -26.83
N GLU A 269 8.17 -33.64 -27.36
CA GLU A 269 9.09 -33.00 -28.30
C GLU A 269 10.47 -32.81 -27.67
N ASN A 270 10.52 -32.27 -26.45
CA ASN A 270 11.78 -32.07 -25.72
C ASN A 270 11.55 -32.56 -24.29
N ALA A 271 11.65 -33.88 -24.11
CA ALA A 271 11.55 -34.46 -22.79
C ALA A 271 12.82 -34.21 -21.99
N ASN A 272 12.70 -34.32 -20.67
CA ASN A 272 13.83 -34.07 -19.79
C ASN A 272 14.67 -35.33 -19.64
N VAL A 273 15.98 -35.13 -19.56
CA VAL A 273 16.95 -36.23 -19.56
C VAL A 273 17.32 -36.62 -18.14
N GLN A 274 17.21 -35.67 -17.21
CA GLN A 274 17.64 -35.92 -15.83
C GLN A 274 16.69 -36.88 -15.12
N LEU A 275 15.41 -36.87 -15.49
CA LEU A 275 14.45 -37.85 -14.98
C LEU A 275 14.45 -39.07 -15.91
N SER A 276 15.54 -39.82 -15.81
CA SER A 276 15.76 -40.95 -16.70
C SER A 276 14.71 -42.04 -16.49
N ASP A 277 14.68 -42.99 -17.43
CA ASP A 277 13.77 -44.12 -17.28
C ASP A 277 14.16 -44.97 -16.08
N GLU A 278 15.46 -45.13 -15.83
CA GLU A 278 15.91 -45.90 -14.69
C GLU A 278 15.41 -45.29 -13.39
N LYS A 279 15.53 -43.96 -13.25
CA LYS A 279 15.09 -43.29 -12.04
C LYS A 279 13.56 -43.30 -11.91
N ILE A 280 12.85 -43.56 -13.00
CA ILE A 280 11.40 -43.69 -12.92
C ILE A 280 10.99 -45.10 -12.56
N ILE A 281 11.73 -46.11 -13.01
CA ILE A 281 11.35 -47.50 -12.77
C ILE A 281 11.80 -47.97 -11.39
N ASN A 282 13.00 -47.57 -10.94
CA ASN A 282 13.49 -48.08 -9.67
C ASN A 282 12.73 -47.52 -8.47
N ILE A 283 11.68 -46.74 -8.70
CA ILE A 283 10.88 -46.24 -7.58
C ILE A 283 10.21 -47.39 -6.87
N VAL A 284 9.76 -48.41 -7.62
CA VAL A 284 9.13 -49.57 -6.99
C VAL A 284 10.05 -50.23 -5.99
N LEU A 285 11.37 -50.06 -6.15
CA LEU A 285 12.30 -50.70 -5.23
C LEU A 285 12.24 -50.06 -3.86
N ASP A 286 12.12 -48.73 -3.79
CA ASP A 286 11.99 -48.07 -2.49
C ASP A 286 10.64 -48.41 -1.85
N LEU A 287 9.58 -48.42 -2.66
CA LEU A 287 8.25 -48.75 -2.14
C LEU A 287 8.22 -50.18 -1.59
N PHE A 288 8.77 -51.13 -2.35
CA PHE A 288 8.79 -52.51 -1.89
C PHE A 288 9.69 -52.66 -0.67
N GLY A 289 10.85 -52.01 -0.68
CA GLY A 289 11.77 -52.14 0.44
C GLY A 289 11.22 -51.58 1.72
N ALA A 290 10.64 -50.37 1.64
CA ALA A 290 10.01 -49.79 2.83
C ALA A 290 8.76 -50.55 3.23
N GLY A 291 8.07 -51.14 2.25
CA GLY A 291 6.80 -51.79 2.49
C GLY A 291 6.88 -53.03 3.37
N PHE A 292 7.70 -54.00 2.96
CA PHE A 292 7.75 -55.25 3.70
C PHE A 292 8.54 -55.13 4.99
N ASP A 293 9.45 -54.16 5.09
CA ASP A 293 10.30 -54.05 6.26
C ASP A 293 9.58 -53.37 7.43
N THR A 294 9.00 -52.20 7.19
CA THR A 294 8.44 -51.40 8.29
C THR A 294 7.19 -52.03 8.87
N VAL A 295 6.27 -52.47 8.02
CA VAL A 295 5.01 -53.04 8.50
C VAL A 295 5.26 -54.36 9.23
N THR A 296 6.18 -55.19 8.72
CA THR A 296 6.50 -56.43 9.39
C THR A 296 7.02 -56.18 10.79
N THR A 297 7.91 -55.20 10.94
CA THR A 297 8.43 -54.86 12.26
C THR A 297 7.31 -54.34 13.17
N ALA A 298 6.40 -53.54 12.62
CA ALA A 298 5.29 -53.04 13.42
C ALA A 298 4.45 -54.18 13.96
N ILE A 299 4.07 -55.12 13.10
CA ILE A 299 3.25 -56.25 13.55
C ILE A 299 4.03 -57.12 14.52
N SER A 300 5.31 -57.37 14.24
CA SER A 300 6.12 -58.18 15.14
C SER A 300 6.15 -57.61 16.55
N TRP A 301 6.38 -56.30 16.67
CA TRP A 301 6.37 -55.67 17.98
C TRP A 301 5.01 -55.77 18.64
N SER A 302 3.94 -55.59 17.85
CA SER A 302 2.59 -55.70 18.40
C SER A 302 2.37 -57.08 19.03
N LEU A 303 2.74 -58.15 18.31
CA LEU A 303 2.59 -59.49 18.86
C LEU A 303 3.40 -59.64 20.14
N MET A 304 4.62 -59.08 20.17
CA MET A 304 5.43 -59.15 21.38
C MET A 304 4.75 -58.43 22.53
N TYR A 305 4.15 -57.26 22.27
CA TYR A 305 3.49 -56.53 23.34
C TYR A 305 2.23 -57.24 23.79
N LEU A 306 1.51 -57.86 22.86
CA LEU A 306 0.31 -58.62 23.23
C LEU A 306 0.67 -59.81 24.10
N VAL A 307 1.76 -60.49 23.77
CA VAL A 307 2.14 -61.69 24.52
C VAL A 307 2.65 -61.31 25.90
N MET A 308 3.37 -60.20 25.99
CA MET A 308 3.89 -59.71 27.26
C MET A 308 2.85 -58.94 28.07
N ASN A 309 1.71 -58.60 27.47
CA ASN A 309 0.61 -57.91 28.16
C ASN A 309 -0.70 -58.59 27.81
N PRO A 310 -0.96 -59.77 28.37
CA PRO A 310 -2.23 -60.46 28.07
C PRO A 310 -3.46 -59.66 28.49
N ARG A 311 -3.32 -58.72 29.43
CA ARG A 311 -4.45 -57.88 29.81
C ARG A 311 -4.97 -57.09 28.62
N VAL A 312 -4.07 -56.42 27.89
CA VAL A 312 -4.50 -55.58 26.78
C VAL A 312 -4.97 -56.43 25.61
N GLN A 313 -4.46 -57.66 25.49
CA GLN A 313 -4.91 -58.53 24.42
C GLN A 313 -6.40 -58.82 24.54
N ARG A 314 -6.87 -59.14 25.75
CA ARG A 314 -8.28 -59.42 25.93
C ARG A 314 -9.12 -58.18 25.66
N LYS A 315 -8.73 -57.03 26.24
CA LYS A 315 -9.48 -55.80 26.04
C LYS A 315 -9.65 -55.47 24.56
N ILE A 316 -8.66 -55.79 23.73
CA ILE A 316 -8.85 -55.68 22.28
C ILE A 316 -9.91 -56.67 21.84
N GLN A 317 -9.72 -57.95 22.18
CA GLN A 317 -10.69 -58.98 21.83
C GLN A 317 -12.07 -58.66 22.41
N GLU A 318 -12.12 -58.06 23.60
CA GLU A 318 -13.39 -57.65 24.18
C GLU A 318 -14.08 -56.61 23.31
N GLU A 319 -13.33 -55.61 22.85
CA GLU A 319 -13.90 -54.58 22.00
C GLU A 319 -14.34 -55.14 20.66
N LEU A 320 -13.64 -56.15 20.15
CA LEU A 320 -14.03 -56.74 18.87
C LEU A 320 -15.35 -57.47 18.99
N ASP A 321 -15.50 -58.31 20.02
CA ASP A 321 -16.75 -59.02 20.24
C ASP A 321 -17.90 -58.04 20.43
N THR A 322 -17.64 -56.92 21.11
CA THR A 322 -18.69 -55.94 21.35
C THR A 322 -19.05 -55.18 20.08
N VAL A 323 -18.04 -54.68 19.36
CA VAL A 323 -18.30 -53.80 18.22
C VAL A 323 -18.65 -54.59 16.97
N ILE A 324 -18.16 -55.82 16.82
CA ILE A 324 -18.36 -56.57 15.59
C ILE A 324 -18.91 -57.96 15.88
N GLY A 325 -18.27 -58.70 16.77
CA GLY A 325 -18.66 -60.05 17.08
C GLY A 325 -17.83 -61.00 16.25
N ARG A 326 -18.33 -62.24 16.12
CA ARG A 326 -17.69 -63.28 15.34
C ARG A 326 -18.51 -63.75 14.15
N SER A 327 -19.48 -62.94 13.72
CA SER A 327 -20.33 -63.31 12.58
C SER A 327 -19.69 -62.88 11.26
N ARG A 328 -18.65 -62.05 11.31
CA ARG A 328 -18.01 -61.56 10.09
C ARG A 328 -16.60 -61.09 10.42
N ARG A 329 -15.76 -60.98 9.39
CA ARG A 329 -14.42 -60.49 9.60
C ARG A 329 -14.44 -58.96 9.75
N PRO A 330 -13.48 -58.39 10.46
CA PRO A 330 -13.39 -56.92 10.53
C PRO A 330 -13.07 -56.31 9.19
N ARG A 331 -13.36 -55.02 9.07
CA ARG A 331 -13.17 -54.28 7.83
C ARG A 331 -12.66 -52.87 8.15
N LEU A 332 -12.15 -52.20 7.13
CA LEU A 332 -11.61 -50.86 7.33
C LEU A 332 -12.67 -49.90 7.86
N SER A 333 -13.92 -50.02 7.38
CA SER A 333 -14.98 -49.14 7.85
C SER A 333 -15.16 -49.21 9.36
N ASP A 334 -14.77 -50.32 9.99
CA ASP A 334 -14.91 -50.47 11.43
C ASP A 334 -13.76 -49.84 12.22
N ARG A 335 -12.65 -49.50 11.57
CA ARG A 335 -11.50 -48.96 12.28
C ARG A 335 -11.89 -47.75 13.11
N SER A 336 -12.82 -46.93 12.61
CA SER A 336 -13.24 -45.73 13.31
C SER A 336 -14.04 -46.02 14.58
N HIS A 337 -14.51 -47.25 14.77
CA HIS A 337 -15.34 -47.61 15.91
C HIS A 337 -14.63 -48.54 16.89
N LEU A 338 -13.32 -48.70 16.76
CA LEU A 338 -12.52 -49.56 17.63
C LEU A 338 -11.44 -48.71 18.30
N PRO A 339 -11.83 -47.86 19.26
CA PRO A 339 -10.83 -46.95 19.86
C PRO A 339 -9.70 -47.66 20.59
N TYR A 340 -9.96 -48.79 21.25
CA TYR A 340 -8.88 -49.45 21.98
C TYR A 340 -7.85 -50.05 21.03
N MET A 341 -8.30 -50.57 19.88
CA MET A 341 -7.36 -51.04 18.87
C MET A 341 -6.43 -49.92 18.44
N GLU A 342 -6.98 -48.74 18.14
CA GLU A 342 -6.15 -47.62 17.71
C GLU A 342 -5.22 -47.17 18.81
N ALA A 343 -5.70 -47.13 20.06
CA ALA A 343 -4.83 -46.75 21.17
C ALA A 343 -3.70 -47.75 21.34
N PHE A 344 -3.98 -49.03 21.08
CA PHE A 344 -2.92 -50.04 21.18
C PHE A 344 -1.88 -49.87 20.09
N ILE A 345 -2.33 -49.59 18.86
CA ILE A 345 -1.39 -49.37 17.77
C ILE A 345 -0.56 -48.12 18.02
N LEU A 346 -1.20 -47.06 18.51
CA LEU A 346 -0.46 -45.84 18.83
C LEU A 346 0.58 -46.11 19.92
N GLU A 347 0.20 -46.88 20.94
CA GLU A 347 1.15 -47.18 22.01
C GLU A 347 2.25 -48.12 21.55
N THR A 348 2.00 -48.95 20.53
CA THR A 348 3.07 -49.73 19.93
C THR A 348 4.05 -48.82 19.18
N PHE A 349 3.53 -47.95 18.32
CA PHE A 349 4.41 -47.00 17.64
C PHE A 349 5.19 -46.17 18.64
N ARG A 350 4.51 -45.68 19.68
CA ARG A 350 5.16 -44.77 20.62
C ARG A 350 6.18 -45.49 21.49
N HIS A 351 5.77 -46.58 22.13
CA HIS A 351 6.66 -47.25 23.08
C HIS A 351 7.88 -47.82 22.37
N SER A 352 7.66 -48.57 21.29
CA SER A 352 8.79 -49.16 20.56
C SER A 352 9.58 -48.10 19.82
N SER A 353 8.88 -47.18 19.14
CA SER A 353 9.52 -46.20 18.27
C SER A 353 10.55 -46.87 17.37
N PHE A 354 10.13 -47.97 16.74
CA PHE A 354 11.06 -48.81 15.99
C PHE A 354 11.68 -48.08 14.81
N VAL A 355 11.24 -46.85 14.52
CA VAL A 355 11.98 -45.98 13.61
C VAL A 355 12.46 -44.80 14.45
N PRO A 356 13.51 -44.99 15.27
CA PRO A 356 13.89 -43.92 16.22
C PRO A 356 14.35 -42.65 15.54
N PHE A 357 15.09 -42.77 14.44
CA PHE A 357 15.53 -41.65 13.64
C PHE A 357 14.86 -41.70 12.27
N THR A 358 14.54 -40.53 11.72
CA THR A 358 14.19 -40.48 10.31
C THR A 358 15.43 -40.74 9.46
N ILE A 359 15.22 -40.94 8.17
CA ILE A 359 16.39 -40.95 7.29
C ILE A 359 17.11 -39.62 7.44
N PRO A 360 18.43 -39.57 7.53
CA PRO A 360 19.10 -38.28 7.78
C PRO A 360 18.72 -37.25 6.73
N HIS A 361 18.57 -36.01 7.17
CA HIS A 361 18.29 -34.89 6.28
C HIS A 361 19.53 -34.04 6.13
N SER A 362 19.45 -33.09 5.18
CA SER A 362 20.53 -32.17 4.92
C SER A 362 19.93 -30.83 4.53
N THR A 363 20.58 -29.74 4.92
CA THR A 363 20.09 -28.41 4.61
C THR A 363 20.34 -28.07 3.15
N THR A 364 19.32 -27.56 2.47
CA THR A 364 19.44 -27.17 1.06
C THR A 364 19.93 -25.74 0.88
N ARG A 365 20.11 -25.01 1.97
CA ARG A 365 20.47 -23.60 1.87
C ARG A 365 20.85 -23.10 3.25
N ASP A 366 21.68 -22.06 3.29
CA ASP A 366 21.91 -21.36 4.54
C ASP A 366 20.58 -20.97 5.16
N THR A 367 20.37 -21.38 6.39
CA THR A 367 19.09 -21.17 7.08
C THR A 367 19.36 -20.92 8.55
N SER A 368 18.29 -20.75 9.31
CA SER A 368 18.36 -20.55 10.74
C SER A 368 17.21 -21.31 11.39
N LEU A 369 17.38 -21.64 12.67
CA LEU A 369 16.40 -22.43 13.38
C LEU A 369 16.55 -22.21 14.87
N LYS A 370 15.47 -21.77 15.51
CA LYS A 370 15.46 -21.55 16.95
C LYS A 370 16.58 -20.62 17.37
N GLY A 371 16.94 -19.68 16.50
CA GLY A 371 17.96 -18.69 16.79
C GLY A 371 19.37 -19.14 16.48
N PHE A 372 19.56 -20.27 15.82
CA PHE A 372 20.87 -20.82 15.53
C PHE A 372 21.09 -20.85 14.02
N TYR A 373 22.36 -20.69 13.64
CA TYR A 373 22.73 -20.68 12.24
C TYR A 373 23.16 -22.08 11.80
N ILE A 374 22.61 -22.52 10.67
CA ILE A 374 22.92 -23.83 10.10
C ILE A 374 23.32 -23.63 8.66
N PRO A 375 24.57 -23.89 8.28
CA PRO A 375 24.99 -23.64 6.89
C PRO A 375 24.38 -24.65 5.93
N LYS A 376 24.54 -24.36 4.65
CA LYS A 376 24.06 -25.26 3.61
C LYS A 376 24.90 -26.53 3.60
N GLY A 377 24.25 -27.67 3.36
CA GLY A 377 24.92 -28.94 3.30
C GLY A 377 25.14 -29.63 4.62
N ARG A 378 24.74 -29.01 5.73
CA ARG A 378 24.94 -29.63 7.04
C ARG A 378 24.05 -30.85 7.18
N CYS A 379 24.63 -31.95 7.64
CA CYS A 379 23.88 -33.18 7.88
C CYS A 379 23.02 -33.02 9.12
N VAL A 380 21.78 -33.51 9.05
CA VAL A 380 20.79 -33.32 10.11
C VAL A 380 20.16 -34.65 10.48
N PHE A 381 20.13 -34.96 11.78
CA PHE A 381 19.41 -36.11 12.31
C PHE A 381 18.14 -35.65 13.02
N VAL A 382 17.08 -36.46 12.91
CA VAL A 382 15.79 -36.15 13.52
C VAL A 382 15.44 -37.30 14.46
N ASN A 383 15.41 -37.00 15.77
CA ASN A 383 15.25 -38.02 16.80
C ASN A 383 13.77 -38.14 17.18
N GLN A 384 13.05 -39.02 16.46
CA GLN A 384 11.65 -39.29 16.79
C GLN A 384 11.53 -40.00 18.14
N TRP A 385 12.46 -40.90 18.44
CA TRP A 385 12.42 -41.61 19.71
C TRP A 385 12.36 -40.63 20.88
N GLN A 386 13.07 -39.51 20.77
CA GLN A 386 13.07 -38.52 21.84
C GLN A 386 11.67 -38.01 22.11
N ILE A 387 10.91 -37.71 21.05
CA ILE A 387 9.55 -37.22 21.20
C ILE A 387 8.69 -38.27 21.91
N ASN A 388 8.69 -39.48 21.38
CA ASN A 388 7.81 -40.55 21.87
C ASN A 388 8.15 -41.00 23.28
N HIS A 389 9.29 -40.61 23.83
CA HIS A 389 9.65 -40.97 25.20
C HIS A 389 9.98 -39.75 26.04
N ASP A 390 9.51 -38.58 25.64
CA ASP A 390 9.80 -37.33 26.33
C ASP A 390 8.96 -37.21 27.59
N GLN A 391 9.62 -37.04 28.73
CA GLN A 391 8.91 -36.88 29.99
C GLN A 391 7.96 -35.69 29.96
N LYS A 392 8.25 -34.69 29.13
CA LYS A 392 7.39 -33.51 29.08
C LYS A 392 6.05 -33.81 28.43
N LEU A 393 6.03 -34.71 27.44
CA LEU A 393 4.80 -35.00 26.71
C LEU A 393 4.03 -36.19 27.25
N TRP A 394 4.69 -37.10 27.96
CA TRP A 394 4.05 -38.35 28.38
C TRP A 394 4.24 -38.56 29.87
N VAL A 395 3.35 -39.37 30.44
CA VAL A 395 3.40 -39.79 31.83
C VAL A 395 3.92 -41.22 31.86
N ASN A 396 5.06 -41.43 32.50
CA ASN A 396 5.70 -42.74 32.52
C ASN A 396 5.90 -43.24 31.11
N PRO A 397 6.79 -42.59 30.34
CA PRO A 397 6.97 -43.01 28.94
C PRO A 397 7.54 -44.41 28.81
N SER A 398 8.15 -44.95 29.85
CA SER A 398 8.74 -46.28 29.77
C SER A 398 7.72 -47.39 29.93
N GLU A 399 6.47 -47.06 30.24
CA GLU A 399 5.44 -48.08 30.45
C GLU A 399 4.58 -48.21 29.21
N PHE A 400 4.16 -49.43 28.93
CA PHE A 400 3.26 -49.72 27.80
C PHE A 400 1.84 -49.60 28.31
N LEU A 401 1.21 -48.47 28.03
CA LEU A 401 -0.11 -48.12 28.57
C LEU A 401 -0.99 -47.59 27.45
N PRO A 402 -1.64 -48.48 26.69
CA PRO A 402 -2.51 -48.00 25.61
C PRO A 402 -3.61 -47.06 26.09
N GLU A 403 -4.01 -47.16 27.36
CA GLU A 403 -5.08 -46.34 27.90
C GLU A 403 -4.75 -44.85 27.95
N ARG A 404 -3.48 -44.49 27.73
CA ARG A 404 -3.10 -43.08 27.80
C ARG A 404 -3.72 -42.26 26.67
N PHE A 405 -4.09 -42.89 25.56
CA PHE A 405 -4.73 -42.19 24.45
C PHE A 405 -6.25 -42.18 24.54
N LEU A 406 -6.81 -42.71 25.62
CA LEU A 406 -8.25 -42.84 25.79
C LEU A 406 -8.75 -41.84 26.83
N THR A 407 -9.88 -41.22 26.54
CA THR A 407 -10.54 -40.32 27.47
C THR A 407 -11.32 -41.12 28.49
N PRO A 408 -11.79 -40.48 29.56
CA PRO A 408 -12.59 -41.22 30.56
C PRO A 408 -13.82 -41.92 29.99
N ASP A 409 -14.34 -41.45 28.85
CA ASP A 409 -15.49 -42.08 28.22
C ASP A 409 -15.10 -43.18 27.23
N GLY A 410 -13.81 -43.41 27.01
CA GLY A 410 -13.36 -44.49 26.16
C GLY A 410 -13.14 -44.14 24.71
N ALA A 411 -12.87 -42.87 24.40
CA ALA A 411 -12.64 -42.44 23.03
C ALA A 411 -11.20 -41.98 22.87
N ILE A 412 -10.75 -41.91 21.62
CA ILE A 412 -9.37 -41.54 21.34
C ILE A 412 -9.18 -40.06 21.65
N ASP A 413 -8.11 -39.75 22.39
CA ASP A 413 -7.72 -38.36 22.63
C ASP A 413 -6.94 -37.89 21.41
N LYS A 414 -7.63 -37.22 20.48
CA LYS A 414 -7.02 -36.89 19.19
C LYS A 414 -5.82 -35.97 19.36
N VAL A 415 -5.78 -35.18 20.42
CA VAL A 415 -4.65 -34.29 20.65
C VAL A 415 -3.40 -35.08 21.03
N LEU A 416 -3.55 -36.06 21.91
CA LEU A 416 -2.40 -36.82 22.37
C LEU A 416 -1.91 -37.80 21.31
N SER A 417 -2.83 -38.36 20.51
CA SER A 417 -2.42 -39.28 19.46
C SER A 417 -1.59 -38.59 18.38
N GLU A 418 -1.80 -37.30 18.16
CA GLU A 418 -1.04 -36.57 17.15
C GLU A 418 0.37 -36.22 17.60
N LYS A 419 0.73 -36.50 18.85
CA LYS A 419 2.08 -36.31 19.35
C LYS A 419 2.94 -37.55 19.19
N VAL A 420 2.39 -38.64 18.67
CA VAL A 420 3.17 -39.84 18.38
C VAL A 420 3.79 -39.65 16.99
N ILE A 421 5.09 -39.40 16.95
CA ILE A 421 5.80 -39.12 15.72
C ILE A 421 6.61 -40.35 15.35
N ILE A 422 6.28 -40.94 14.20
CA ILE A 422 7.02 -42.12 13.74
C ILE A 422 7.10 -42.16 12.21
N PHE A 423 6.27 -41.37 11.53
CA PHE A 423 6.23 -41.32 10.07
C PHE A 423 6.95 -40.10 9.51
N GLY A 424 7.49 -39.23 10.35
CA GLY A 424 8.15 -38.04 9.87
C GLY A 424 7.21 -36.86 9.73
N MET A 425 7.71 -35.82 9.06
CA MET A 425 6.95 -34.60 8.85
C MET A 425 7.42 -33.93 7.58
N GLY A 426 6.65 -32.93 7.14
CA GLY A 426 7.12 -32.04 6.09
C GLY A 426 7.20 -32.69 4.72
N LYS A 427 8.14 -32.19 3.92
CA LYS A 427 8.27 -32.56 2.51
C LYS A 427 8.79 -33.98 2.32
N ARG A 428 9.32 -34.60 3.38
CA ARG A 428 9.91 -35.94 3.27
C ARG A 428 9.14 -36.99 4.06
N LYS A 429 7.97 -36.67 4.58
CA LYS A 429 7.25 -37.63 5.41
C LYS A 429 6.93 -38.90 4.61
N CYS A 430 6.65 -39.96 5.34
CA CYS A 430 6.30 -41.23 4.72
C CYS A 430 5.13 -41.05 3.78
N ILE A 431 5.25 -41.64 2.58
CA ILE A 431 4.17 -41.60 1.60
C ILE A 431 3.31 -42.85 1.63
N GLY A 432 3.69 -43.85 2.43
CA GLY A 432 2.85 -45.02 2.62
C GLY A 432 2.23 -45.07 4.01
N GLU A 433 2.05 -43.91 4.63
CA GLU A 433 1.54 -43.86 6.00
C GLU A 433 0.16 -44.49 6.09
N THR A 434 -0.75 -44.10 5.21
CA THR A 434 -2.10 -44.63 5.24
C THR A 434 -2.11 -46.14 5.02
N ILE A 435 -1.33 -46.62 4.05
CA ILE A 435 -1.28 -48.06 3.81
C ILE A 435 -0.81 -48.78 5.07
N ALA A 436 0.19 -48.22 5.75
CA ALA A 436 0.72 -48.86 6.95
C ALA A 436 -0.32 -48.87 8.07
N ARG A 437 -0.97 -47.74 8.30
CA ARG A 437 -1.94 -47.68 9.39
C ARG A 437 -3.11 -48.62 9.14
N TRP A 438 -3.53 -48.76 7.88
CA TRP A 438 -4.64 -49.66 7.57
C TRP A 438 -4.18 -51.11 7.56
N GLU A 439 -3.01 -51.39 6.97
CA GLU A 439 -2.52 -52.76 6.90
C GLU A 439 -2.28 -53.33 8.29
N VAL A 440 -1.70 -52.54 9.19
CA VAL A 440 -1.45 -53.01 10.56
C VAL A 440 -2.78 -53.27 11.25
N PHE A 441 -3.75 -52.39 11.08
CA PHE A 441 -5.05 -52.56 11.73
C PHE A 441 -5.71 -53.87 11.30
N LEU A 442 -5.78 -54.13 9.99
CA LEU A 442 -6.49 -55.30 9.50
C LEU A 442 -5.83 -56.59 9.99
N PHE A 443 -4.52 -56.73 9.81
CA PHE A 443 -3.85 -57.94 10.27
C PHE A 443 -4.18 -58.25 11.72
N LEU A 444 -4.11 -57.23 12.58
CA LEU A 444 -4.39 -57.46 14.00
C LEU A 444 -5.86 -57.76 14.22
N ALA A 445 -6.74 -57.03 13.54
CA ALA A 445 -8.17 -57.23 13.74
C ALA A 445 -8.59 -58.63 13.29
N ILE A 446 -8.21 -59.02 12.07
CA ILE A 446 -8.61 -60.33 11.56
C ILE A 446 -8.05 -61.43 12.45
N LEU A 447 -6.83 -61.26 12.96
CA LEU A 447 -6.19 -62.30 13.76
C LEU A 447 -6.78 -62.36 15.16
N LEU A 448 -6.72 -61.26 15.91
CA LEU A 448 -7.14 -61.29 17.31
C LEU A 448 -8.61 -61.64 17.46
N GLN A 449 -9.43 -61.45 16.43
CA GLN A 449 -10.82 -61.90 16.48
C GLN A 449 -10.92 -63.41 16.50
N ARG A 450 -9.95 -64.09 15.90
CA ARG A 450 -10.02 -65.52 15.63
C ARG A 450 -9.05 -66.36 16.46
N VAL A 451 -7.91 -65.79 16.85
CA VAL A 451 -6.87 -66.54 17.53
C VAL A 451 -6.40 -65.76 18.76
N GLU A 452 -5.69 -66.46 19.63
CA GLU A 452 -5.13 -65.89 20.85
C GLU A 452 -3.67 -66.30 20.95
N PHE A 453 -2.79 -65.32 21.09
CA PHE A 453 -1.35 -65.58 21.17
C PHE A 453 -0.89 -65.60 22.63
N SER A 454 0.15 -66.38 22.89
CA SER A 454 0.69 -66.51 24.24
C SER A 454 2.13 -67.01 24.15
N VAL A 455 2.82 -66.91 25.27
CA VAL A 455 4.17 -67.46 25.40
C VAL A 455 4.30 -68.06 26.81
N PRO A 456 4.84 -69.27 26.95
CA PRO A 456 4.87 -69.90 28.27
C PRO A 456 5.83 -69.21 29.23
N LEU A 457 5.59 -69.43 30.52
CA LEU A 457 6.48 -68.95 31.56
C LEU A 457 7.82 -69.66 31.51
N GLY A 458 8.86 -68.96 31.96
CA GLY A 458 10.17 -69.56 32.13
C GLY A 458 11.03 -69.59 30.89
N VAL A 459 10.66 -68.86 29.85
CA VAL A 459 11.44 -68.77 28.61
C VAL A 459 11.85 -67.33 28.42
N LYS A 460 13.09 -67.11 27.99
CA LYS A 460 13.57 -65.76 27.75
C LYS A 460 12.86 -65.18 26.54
N VAL A 461 12.39 -63.94 26.69
CA VAL A 461 11.79 -63.19 25.58
C VAL A 461 12.39 -61.80 25.66
N ASP A 462 13.51 -61.60 24.97
CA ASP A 462 14.23 -60.34 25.01
C ASP A 462 13.44 -59.27 24.28
N MET A 463 12.84 -58.35 25.04
CA MET A 463 12.14 -57.21 24.48
C MET A 463 13.06 -56.02 24.20
N THR A 464 14.36 -56.19 24.37
CA THR A 464 15.31 -55.10 24.12
C THR A 464 15.38 -54.81 22.63
N PRO A 465 15.13 -53.58 22.19
CA PRO A 465 15.26 -53.27 20.75
C PRO A 465 16.70 -53.36 20.28
N ILE A 466 16.85 -53.73 19.02
CA ILE A 466 18.15 -53.78 18.35
C ILE A 466 18.23 -52.59 17.40
N TYR A 467 19.23 -51.73 17.62
CA TYR A 467 19.27 -50.46 16.89
C TYR A 467 19.42 -50.71 15.39
N GLY A 468 18.88 -49.77 14.62
CA GLY A 468 18.89 -49.84 13.18
C GLY A 468 17.84 -48.89 12.63
N LEU A 469 17.80 -48.80 11.30
CA LEU A 469 16.80 -47.96 10.65
C LEU A 469 15.41 -48.32 11.16
N THR A 470 15.08 -49.60 11.15
CA THR A 470 13.87 -50.14 11.77
C THR A 470 14.32 -51.10 12.85
N MET A 471 14.19 -50.68 14.11
CA MET A 471 14.67 -51.50 15.21
C MET A 471 13.90 -52.81 15.29
N LYS A 472 14.65 -53.90 15.31
CA LYS A 472 14.12 -55.25 15.46
C LYS A 472 14.25 -55.69 16.92
N HIS A 473 13.86 -56.93 17.18
CA HIS A 473 14.04 -57.57 18.48
C HIS A 473 14.65 -58.94 18.26
N ALA A 474 15.17 -59.52 19.34
CA ALA A 474 15.76 -60.85 19.25
C ALA A 474 14.69 -61.85 18.83
N CYS A 475 15.01 -62.68 17.85
CA CYS A 475 14.05 -63.67 17.38
C CYS A 475 13.59 -64.54 18.54
N CYS A 476 12.29 -64.81 18.59
CA CYS A 476 11.68 -65.57 19.66
C CYS A 476 10.99 -66.79 19.06
N GLU A 477 11.43 -67.98 19.45
CA GLU A 477 10.95 -69.22 18.87
C GLU A 477 9.88 -69.89 19.72
N HIS A 478 9.28 -69.16 20.66
CA HIS A 478 8.40 -69.76 21.66
C HIS A 478 6.95 -69.26 21.55
N PHE A 479 6.57 -68.62 20.45
CA PHE A 479 5.20 -68.14 20.32
C PHE A 479 4.23 -69.30 20.11
N GLN A 480 3.05 -69.17 20.69
CA GLN A 480 2.00 -70.17 20.59
C GLN A 480 0.68 -69.50 20.21
N MET A 481 -0.17 -70.24 19.50
CA MET A 481 -1.46 -69.75 19.03
C MET A 481 -2.54 -70.76 19.37
N GLN A 482 -3.73 -70.24 19.67
CA GLN A 482 -4.89 -71.06 19.97
C GLN A 482 -6.14 -70.39 19.44
N LEU A 483 -7.05 -71.18 18.89
CA LEU A 483 -8.34 -70.66 18.46
C LEU A 483 -9.12 -70.21 19.70
N ARG A 484 -10.23 -69.51 19.49
CA ARG A 484 -11.03 -69.04 20.60
C ARG A 484 -12.38 -69.74 20.63
N SER A 485 -13.04 -69.64 21.78
CA SER A 485 -14.33 -70.29 22.00
C SER A 485 -15.30 -70.04 20.86
N GLY B 9 6.35 -36.23 -16.18
CA GLY B 9 6.71 -35.72 -14.87
C GLY B 9 7.51 -34.44 -14.97
N LEU B 10 8.59 -34.47 -15.76
CA LEU B 10 9.40 -33.29 -16.02
C LEU B 10 9.66 -33.16 -17.51
N LYS B 11 9.33 -32.00 -18.07
CA LYS B 11 9.68 -31.65 -19.43
C LYS B 11 10.56 -30.41 -19.41
N ASN B 12 11.17 -30.12 -20.56
CA ASN B 12 11.92 -28.89 -20.72
C ASN B 12 11.01 -27.79 -21.26
N PRO B 13 11.25 -26.53 -20.93
CA PRO B 13 10.36 -25.46 -21.41
C PRO B 13 10.37 -25.40 -22.93
N PRO B 14 9.23 -25.13 -23.56
CA PRO B 14 9.17 -25.04 -25.02
C PRO B 14 9.71 -23.70 -25.48
N GLY B 15 9.78 -23.55 -26.80
CA GLY B 15 10.27 -22.32 -27.39
C GLY B 15 10.50 -22.47 -28.88
N PRO B 16 10.56 -21.35 -29.59
CA PRO B 16 10.75 -21.39 -31.04
C PRO B 16 12.20 -21.66 -31.39
N TRP B 17 12.41 -21.98 -32.67
CA TRP B 17 13.75 -22.18 -33.20
C TRP B 17 14.51 -20.86 -33.27
N GLY B 18 15.82 -20.92 -33.01
CA GLY B 18 16.65 -19.74 -33.09
C GLY B 18 17.98 -20.05 -33.75
N TRP B 19 18.57 -19.01 -34.33
CA TRP B 19 19.88 -19.15 -34.96
C TRP B 19 20.91 -19.67 -33.96
N PRO B 20 21.85 -20.51 -34.39
CA PRO B 20 22.78 -21.10 -33.41
C PRO B 20 23.73 -20.09 -32.79
N LEU B 21 24.16 -19.08 -33.52
CA LEU B 21 25.14 -18.13 -32.99
C LEU B 21 24.48 -16.97 -32.23
N ILE B 22 23.37 -16.44 -32.76
CA ILE B 22 22.72 -15.28 -32.16
C ILE B 22 21.40 -15.64 -31.49
N GLY B 23 20.85 -16.81 -31.73
CA GLY B 23 19.60 -17.18 -31.07
C GLY B 23 18.44 -16.36 -31.58
N HIS B 24 17.60 -15.90 -30.66
CA HIS B 24 16.39 -15.15 -30.99
C HIS B 24 16.60 -13.64 -30.85
N MET B 25 17.84 -13.16 -31.00
CA MET B 25 18.11 -11.73 -30.88
C MET B 25 17.23 -10.92 -31.81
N LEU B 26 17.08 -11.36 -33.06
CA LEU B 26 16.31 -10.59 -34.04
C LEU B 26 14.82 -10.66 -33.77
N THR B 27 14.34 -11.75 -33.18
CA THR B 27 12.90 -11.88 -32.91
C THR B 27 12.44 -10.85 -31.87
N LEU B 28 13.28 -10.54 -30.89
CA LEU B 28 12.90 -9.54 -29.88
C LEU B 28 12.73 -8.17 -30.52
N GLY B 29 13.73 -7.72 -31.28
CA GLY B 29 13.59 -6.47 -31.98
C GLY B 29 13.64 -5.26 -31.07
N LYS B 30 12.86 -4.23 -31.46
CA LYS B 30 12.84 -2.96 -30.73
C LYS B 30 11.90 -2.97 -29.54
N ASN B 31 10.90 -3.87 -29.52
CA ASN B 31 9.90 -3.94 -28.45
C ASN B 31 9.83 -5.38 -27.95
N PRO B 32 10.79 -5.80 -27.13
CA PRO B 32 10.79 -7.20 -26.68
C PRO B 32 9.51 -7.60 -25.97
N HIS B 33 8.92 -6.68 -25.20
CA HIS B 33 7.71 -7.01 -24.46
C HIS B 33 6.57 -7.40 -25.40
N LEU B 34 6.51 -6.77 -26.57
CA LEU B 34 5.47 -7.12 -27.54
C LEU B 34 5.79 -8.44 -28.23
N ALA B 35 7.06 -8.64 -28.62
CA ALA B 35 7.45 -9.86 -29.30
C ALA B 35 7.29 -11.08 -28.41
N LEU B 36 7.60 -10.94 -27.11
CA LEU B 36 7.47 -12.05 -26.18
C LEU B 36 6.03 -12.26 -25.71
N SER B 37 5.15 -11.27 -25.90
CA SER B 37 3.73 -11.49 -25.61
C SER B 37 3.09 -12.33 -26.70
N ARG B 38 3.39 -12.03 -27.97
CA ARG B 38 2.93 -12.89 -29.04
C ARG B 38 3.47 -14.29 -28.89
N MET B 39 4.74 -14.41 -28.50
CA MET B 39 5.36 -15.72 -28.38
C MET B 39 4.67 -16.56 -27.33
N SER B 40 4.30 -15.94 -26.20
CA SER B 40 3.63 -16.67 -25.13
C SER B 40 2.27 -17.20 -25.57
N GLN B 41 1.60 -16.50 -26.48
CA GLN B 41 0.31 -16.97 -26.98
C GLN B 41 0.45 -18.30 -27.69
N GLN B 42 1.63 -18.63 -28.19
CA GLN B 42 1.88 -19.89 -28.88
C GLN B 42 2.55 -20.94 -28.00
N TYR B 43 3.42 -20.53 -27.07
CA TYR B 43 4.19 -21.48 -26.27
C TYR B 43 3.82 -21.49 -24.79
N GLY B 44 3.04 -20.52 -24.32
CA GLY B 44 2.51 -20.56 -22.96
C GLY B 44 3.27 -19.68 -22.00
N ASP B 45 2.91 -19.84 -20.72
CA ASP B 45 3.44 -18.99 -19.66
C ASP B 45 4.92 -19.25 -19.38
N VAL B 46 5.40 -20.46 -19.63
CA VAL B 46 6.81 -20.78 -19.45
C VAL B 46 7.37 -21.20 -20.80
N LEU B 47 8.32 -20.41 -21.31
CA LEU B 47 8.95 -20.68 -22.59
C LEU B 47 10.43 -20.30 -22.53
N GLN B 48 11.19 -20.76 -23.52
CA GLN B 48 12.63 -20.64 -23.51
C GLN B 48 13.14 -20.01 -24.80
N ILE B 49 14.15 -19.15 -24.68
CA ILE B 49 14.77 -18.56 -25.86
C ILE B 49 16.27 -18.53 -25.66
N ARG B 50 16.98 -17.88 -26.58
CA ARG B 50 18.40 -17.64 -26.46
C ARG B 50 18.71 -16.26 -27.00
N ILE B 51 19.50 -15.49 -26.26
CA ILE B 51 20.07 -14.24 -26.75
C ILE B 51 21.56 -14.48 -26.90
N GLY B 52 22.02 -14.60 -28.14
CA GLY B 52 23.37 -15.06 -28.40
C GLY B 52 23.50 -16.51 -28.02
N SER B 53 24.38 -16.81 -27.06
CA SER B 53 24.52 -18.15 -26.54
C SER B 53 23.78 -18.34 -25.22
N THR B 54 23.32 -17.25 -24.60
CA THR B 54 22.75 -17.33 -23.28
C THR B 54 21.28 -17.76 -23.35
N PRO B 55 20.88 -18.84 -22.68
CA PRO B 55 19.46 -19.17 -22.62
C PRO B 55 18.72 -18.23 -21.69
N VAL B 56 17.44 -18.02 -21.99
CA VAL B 56 16.59 -17.16 -21.18
C VAL B 56 15.20 -17.78 -21.11
N VAL B 57 14.61 -17.78 -19.92
CA VAL B 57 13.27 -18.27 -19.69
C VAL B 57 12.35 -17.07 -19.49
N VAL B 58 11.25 -17.02 -20.23
CA VAL B 58 10.31 -15.91 -20.17
C VAL B 58 9.04 -16.38 -19.48
N LEU B 59 8.64 -15.66 -18.42
CA LEU B 59 7.46 -16.00 -17.64
C LEU B 59 6.30 -15.07 -17.99
N SER B 60 5.14 -15.65 -18.23
CA SER B 60 3.94 -14.91 -18.57
C SER B 60 2.78 -15.44 -17.72
N GLY B 61 1.60 -14.86 -17.90
CA GLY B 61 0.44 -15.29 -17.17
C GLY B 61 0.49 -14.87 -15.71
N LEU B 62 -0.67 -14.50 -15.16
CA LEU B 62 -0.71 -13.97 -13.81
C LEU B 62 -0.46 -15.05 -12.76
N ASP B 63 -1.20 -16.15 -12.83
CA ASP B 63 -1.03 -17.20 -11.83
C ASP B 63 0.36 -17.82 -11.92
N THR B 64 0.85 -18.03 -13.14
CA THR B 64 2.15 -18.66 -13.31
C THR B 64 3.26 -17.80 -12.74
N ILE B 65 3.19 -16.49 -12.91
CA ILE B 65 4.22 -15.62 -12.35
C ILE B 65 4.09 -15.56 -10.84
N ARG B 66 2.86 -15.43 -10.33
CA ARG B 66 2.63 -15.48 -8.89
C ARG B 66 3.10 -16.80 -8.30
N GLN B 67 2.96 -17.89 -9.04
CA GLN B 67 3.47 -19.18 -8.59
C GLN B 67 4.97 -19.13 -8.39
N ALA B 68 5.70 -18.53 -9.34
CA ALA B 68 7.15 -18.58 -9.32
C ALA B 68 7.74 -17.57 -8.35
N LEU B 69 7.22 -16.33 -8.35
CA LEU B 69 7.82 -15.27 -7.55
C LEU B 69 7.37 -15.31 -6.10
N VAL B 70 6.13 -15.76 -5.84
CA VAL B 70 5.61 -15.77 -4.48
C VAL B 70 5.79 -17.16 -3.89
N ARG B 71 5.03 -18.13 -4.40
CA ARG B 71 5.04 -19.47 -3.80
C ARG B 71 6.40 -20.15 -3.93
N GLN B 72 7.15 -19.88 -5.00
CA GLN B 72 8.51 -20.39 -5.13
C GLN B 72 9.52 -19.24 -5.17
N GLY B 73 9.22 -18.16 -4.43
CA GLY B 73 10.01 -16.94 -4.54
C GLY B 73 11.49 -17.14 -4.29
N ASP B 74 11.84 -18.02 -3.34
CA ASP B 74 13.25 -18.19 -3.03
C ASP B 74 14.02 -18.87 -4.16
N ASP B 75 13.33 -19.55 -5.06
CA ASP B 75 14.00 -20.15 -6.21
C ASP B 75 14.21 -19.17 -7.35
N PHE B 76 13.56 -18.00 -7.29
CA PHE B 76 13.62 -17.02 -8.37
C PHE B 76 14.02 -15.64 -7.85
N LYS B 77 14.74 -15.58 -6.74
CA LYS B 77 15.09 -14.31 -6.11
C LYS B 77 16.46 -13.82 -6.53
N GLY B 78 17.11 -14.47 -7.50
CA GLY B 78 18.44 -14.08 -7.90
C GLY B 78 18.45 -13.04 -9.00
N ARG B 79 19.64 -12.51 -9.27
CA ARG B 79 19.87 -11.59 -10.36
C ARG B 79 20.90 -12.18 -11.30
N PRO B 80 20.65 -12.21 -12.61
CA PRO B 80 21.67 -12.75 -13.53
C PRO B 80 22.92 -11.89 -13.51
N ASP B 81 24.04 -12.52 -13.86
CA ASP B 81 25.33 -11.84 -13.92
C ASP B 81 25.47 -11.18 -15.30
N LEU B 82 24.89 -9.99 -15.43
CA LEU B 82 24.91 -9.23 -16.66
C LEU B 82 25.95 -8.13 -16.59
N TYR B 83 26.56 -7.84 -17.76
CA TYR B 83 27.64 -6.86 -17.82
C TYR B 83 27.15 -5.46 -17.47
N THR B 84 26.01 -5.04 -18.06
CA THR B 84 25.49 -3.71 -17.78
C THR B 84 25.29 -3.48 -16.28
N PHE B 85 24.93 -4.53 -15.54
CA PHE B 85 24.71 -4.37 -14.10
C PHE B 85 26.00 -4.13 -13.35
N THR B 86 27.12 -4.64 -13.86
CA THR B 86 28.40 -4.40 -13.21
C THR B 86 28.80 -2.93 -13.26
N LEU B 87 28.20 -2.15 -14.15
CA LEU B 87 28.52 -0.74 -14.30
C LEU B 87 27.68 0.15 -13.40
N ILE B 88 26.80 -0.42 -12.58
CA ILE B 88 25.89 0.35 -11.74
C ILE B 88 26.40 0.30 -10.30
N SER B 89 26.62 1.47 -9.72
CA SER B 89 27.07 1.57 -8.33
C SER B 89 28.35 0.77 -8.09
N ASN B 90 29.34 1.00 -8.96
CA ASN B 90 30.66 0.37 -8.83
C ASN B 90 30.54 -1.16 -8.76
N GLY B 91 29.53 -1.72 -9.43
CA GLY B 91 29.34 -3.16 -9.41
C GLY B 91 28.90 -3.72 -8.07
N GLN B 92 28.38 -2.88 -7.19
CA GLN B 92 27.94 -3.30 -5.86
C GLN B 92 26.54 -2.79 -5.59
N SER B 93 25.67 -2.91 -6.59
CA SER B 93 24.30 -2.41 -6.47
C SER B 93 23.43 -3.44 -5.77
N MET B 94 22.71 -2.99 -4.73
CA MET B 94 21.78 -3.88 -4.05
C MET B 94 20.76 -4.44 -5.02
N SER B 95 20.26 -3.61 -5.94
CA SER B 95 19.17 -4.03 -6.79
C SER B 95 19.64 -4.86 -7.98
N PHE B 96 20.88 -4.65 -8.45
CA PHE B 96 21.34 -5.24 -9.70
C PHE B 96 22.48 -6.24 -9.55
N SER B 97 23.27 -6.18 -8.47
CA SER B 97 24.37 -7.10 -8.33
C SER B 97 23.84 -8.53 -8.24
N PRO B 98 24.68 -9.54 -8.52
CA PRO B 98 24.23 -10.93 -8.39
C PRO B 98 24.00 -11.35 -6.94
N ASP B 99 24.44 -10.55 -5.97
CA ASP B 99 24.22 -10.87 -4.57
C ASP B 99 22.73 -11.00 -4.29
N SER B 100 22.32 -12.19 -3.87
CA SER B 100 20.93 -12.46 -3.49
C SER B 100 20.83 -13.22 -2.18
N GLY B 101 21.92 -13.27 -1.41
CA GLY B 101 21.92 -14.03 -0.18
C GLY B 101 21.60 -13.17 1.02
N PRO B 102 22.18 -13.51 2.19
CA PRO B 102 21.82 -12.75 3.40
C PRO B 102 22.27 -11.31 3.35
N VAL B 103 23.36 -11.00 2.66
CA VAL B 103 23.84 -9.62 2.58
C VAL B 103 22.79 -8.75 1.90
N TRP B 104 22.18 -9.25 0.82
CA TRP B 104 21.15 -8.49 0.13
C TRP B 104 19.95 -8.25 1.05
N ALA B 105 19.43 -9.31 1.66
CA ALA B 105 18.27 -9.18 2.53
C ALA B 105 18.51 -8.16 3.63
N ALA B 106 19.74 -8.13 4.16
CA ALA B 106 20.08 -7.15 5.19
C ALA B 106 20.00 -5.73 4.64
N ARG B 107 20.61 -5.50 3.47
CA ARG B 107 20.56 -4.18 2.86
C ARG B 107 19.12 -3.78 2.53
N ARG B 108 18.32 -4.73 2.04
CA ARG B 108 16.94 -4.42 1.68
C ARG B 108 16.18 -3.87 2.89
N ARG B 109 16.34 -4.51 4.05
CA ARG B 109 15.65 -4.05 5.25
C ARG B 109 16.09 -2.63 5.62
N LEU B 110 17.38 -2.33 5.46
CA LEU B 110 17.84 -0.97 5.69
C LEU B 110 17.12 0.02 4.80
N ALA B 111 16.92 -0.33 3.52
CA ALA B 111 16.18 0.54 2.62
C ALA B 111 14.72 0.66 3.06
N GLN B 112 14.09 -0.47 3.37
CA GLN B 112 12.70 -0.44 3.83
C GLN B 112 12.56 0.46 5.05
N ASN B 113 13.40 0.24 6.06
CA ASN B 113 13.32 1.05 7.27
C ASN B 113 13.68 2.50 7.00
N GLY B 114 14.73 2.74 6.21
CA GLY B 114 15.10 4.11 5.88
C GLY B 114 13.97 4.85 5.18
N LEU B 115 13.31 4.20 4.23
CA LEU B 115 12.17 4.83 3.56
C LEU B 115 11.05 5.08 4.53
N LYS B 116 10.61 4.03 5.24
CA LYS B 116 9.51 4.16 6.19
C LYS B 116 9.78 5.27 7.20
N SER B 117 11.02 5.36 7.71
CA SER B 117 11.35 6.31 8.75
C SER B 117 11.29 7.76 8.28
N PHE B 118 11.48 7.99 6.98
CA PHE B 118 11.62 9.36 6.47
C PHE B 118 10.68 9.63 5.31
N SER B 119 9.57 8.89 5.25
CA SER B 119 8.57 9.12 4.21
C SER B 119 7.17 9.01 4.81
N ILE B 120 6.89 7.91 5.50
CA ILE B 120 5.57 7.69 6.09
C ILE B 120 5.49 8.23 7.51
N ALA B 121 6.59 8.24 8.25
CA ALA B 121 6.58 8.66 9.64
C ALA B 121 6.18 10.13 9.76
N SER B 122 5.69 10.49 10.94
CA SER B 122 5.24 11.86 11.18
C SER B 122 6.42 12.82 11.24
N ASP B 123 6.27 13.95 10.57
CA ASP B 123 7.31 14.98 10.55
C ASP B 123 7.31 15.73 11.88
N PRO B 124 8.45 15.83 12.58
CA PRO B 124 8.46 16.58 13.84
C PRO B 124 7.97 18.01 13.72
N ALA B 125 8.17 18.66 12.56
CA ALA B 125 7.79 20.05 12.43
C ALA B 125 6.28 20.23 12.56
N SER B 126 5.49 19.37 11.91
CA SER B 126 4.04 19.46 11.97
C SER B 126 3.47 18.24 12.67
N SER B 127 2.29 18.43 13.29
CA SER B 127 1.58 17.33 13.92
C SER B 127 0.62 16.63 12.97
N THR B 128 0.28 17.28 11.85
CA THR B 128 -0.81 16.85 10.99
C THR B 128 -0.39 16.01 9.80
N SER B 129 0.87 16.09 9.37
CA SER B 129 1.32 15.43 8.16
C SER B 129 2.62 14.68 8.39
N CYS B 130 2.84 13.68 7.55
CA CYS B 130 4.10 12.94 7.54
C CYS B 130 5.07 13.59 6.56
N TYR B 131 6.30 13.08 6.54
CA TYR B 131 7.32 13.67 5.68
C TYR B 131 6.85 13.72 4.22
N LEU B 132 6.41 12.58 3.69
CA LEU B 132 6.05 12.51 2.28
C LEU B 132 4.96 13.54 1.94
N GLU B 133 3.89 13.56 2.74
CA GLU B 133 2.80 14.49 2.46
C GLU B 133 3.29 15.94 2.50
N GLU B 134 4.20 16.25 3.42
CA GLU B 134 4.71 17.62 3.54
C GLU B 134 5.56 17.99 2.33
N HIS B 135 6.44 17.07 1.92
CA HIS B 135 7.32 17.35 0.79
C HIS B 135 6.53 17.53 -0.50
N VAL B 136 5.65 16.58 -0.81
CA VAL B 136 4.90 16.64 -2.06
C VAL B 136 4.05 17.89 -2.11
N SER B 137 3.47 18.28 -0.97
CA SER B 137 2.66 19.49 -0.92
C SER B 137 3.49 20.71 -1.29
N LYS B 138 4.72 20.78 -0.79
CA LYS B 138 5.60 21.90 -1.11
C LYS B 138 5.89 21.95 -2.60
N GLU B 139 6.35 20.83 -3.16
CA GLU B 139 6.73 20.80 -4.57
C GLU B 139 5.53 20.98 -5.49
N ALA B 140 4.36 20.47 -5.09
CA ALA B 140 3.17 20.68 -5.90
C ALA B 140 2.91 22.16 -6.10
N GLU B 141 3.10 22.96 -5.06
CA GLU B 141 2.91 24.41 -5.18
C GLU B 141 3.95 25.00 -6.12
N VAL B 142 5.22 24.64 -5.95
CA VAL B 142 6.28 25.15 -6.82
C VAL B 142 6.01 24.74 -8.27
N LEU B 143 5.48 23.54 -8.47
CA LEU B 143 5.17 23.09 -9.83
C LEU B 143 4.06 23.93 -10.43
N ILE B 144 3.01 24.22 -9.64
CA ILE B 144 1.91 25.05 -10.14
C ILE B 144 2.42 26.43 -10.52
N SER B 145 3.25 27.03 -9.64
CA SER B 145 3.79 28.35 -9.95
C SER B 145 4.65 28.30 -11.21
N THR B 146 5.50 27.27 -11.33
CA THR B 146 6.39 27.18 -12.47
C THR B 146 5.62 27.01 -13.78
N LEU B 147 4.44 26.39 -13.74
CA LEU B 147 3.65 26.21 -14.95
C LEU B 147 2.87 27.46 -15.30
N GLN B 148 2.43 28.23 -14.30
CA GLN B 148 1.75 29.49 -14.58
C GLN B 148 2.68 30.46 -15.31
N GLU B 149 3.96 30.46 -14.95
CA GLU B 149 4.92 31.31 -15.65
C GLU B 149 5.01 30.95 -17.12
N LEU B 150 4.98 29.66 -17.44
CA LEU B 150 5.16 29.23 -18.83
C LEU B 150 3.93 29.58 -19.67
N MET B 151 2.75 29.60 -19.06
CA MET B 151 1.55 30.01 -19.79
C MET B 151 1.55 31.51 -20.03
N ALA B 152 2.21 32.28 -19.16
CA ALA B 152 2.28 33.73 -19.33
C ALA B 152 3.14 34.09 -20.53
N GLY B 153 4.21 33.34 -20.77
CA GLY B 153 5.10 33.63 -21.87
C GLY B 153 4.80 32.79 -23.10
N PRO B 154 5.51 31.67 -23.26
CA PRO B 154 5.30 30.85 -24.47
C PRO B 154 3.87 30.41 -24.67
N GLY B 155 3.11 30.17 -23.60
CA GLY B 155 1.77 29.66 -23.72
C GLY B 155 1.68 28.15 -23.88
N HIS B 156 2.81 27.46 -23.93
CA HIS B 156 2.84 26.01 -24.03
C HIS B 156 4.13 25.52 -23.37
N PHE B 157 4.17 24.23 -23.06
CA PHE B 157 5.29 23.68 -22.32
C PHE B 157 5.34 22.18 -22.49
N ASN B 158 6.51 21.62 -22.18
CA ASN B 158 6.68 20.17 -22.10
C ASN B 158 6.60 19.78 -20.63
N PRO B 159 5.59 19.02 -20.21
CA PRO B 159 5.44 18.77 -18.77
C PRO B 159 6.61 17.99 -18.17
N TYR B 160 7.21 17.08 -18.93
CA TYR B 160 8.28 16.26 -18.37
C TYR B 160 9.44 17.12 -17.89
N ARG B 161 9.69 18.24 -18.57
CA ARG B 161 10.83 19.09 -18.23
C ARG B 161 10.73 19.60 -16.79
N TYR B 162 9.52 19.81 -16.30
CA TYR B 162 9.29 20.39 -14.97
C TYR B 162 8.80 19.39 -13.94
N VAL B 163 8.12 18.32 -14.36
CA VAL B 163 7.68 17.30 -13.41
C VAL B 163 8.89 16.54 -12.88
N VAL B 164 9.92 16.34 -13.71
CA VAL B 164 11.10 15.61 -13.27
C VAL B 164 11.80 16.34 -12.13
N VAL B 165 11.74 17.67 -12.13
CA VAL B 165 12.37 18.43 -11.06
C VAL B 165 11.57 18.32 -9.77
N SER B 166 10.25 18.53 -9.87
CA SER B 166 9.40 18.43 -8.69
C SER B 166 9.49 17.05 -8.06
N VAL B 167 9.43 16.00 -8.89
CA VAL B 167 9.51 14.63 -8.38
C VAL B 167 10.88 14.36 -7.79
N THR B 168 11.93 14.96 -8.36
CA THR B 168 13.28 14.73 -7.85
C THR B 168 13.48 15.40 -6.49
N ASN B 169 12.95 16.62 -6.33
CA ASN B 169 13.12 17.32 -5.06
C ASN B 169 12.50 16.55 -3.90
N VAL B 170 11.44 15.78 -4.16
CA VAL B 170 10.80 15.00 -3.11
C VAL B 170 11.71 13.86 -2.67
N ILE B 171 12.15 13.02 -3.62
CA ILE B 171 13.01 11.90 -3.28
C ILE B 171 14.39 12.38 -2.84
N CYS B 172 14.81 13.56 -3.30
CA CYS B 172 16.10 14.09 -2.89
C CYS B 172 16.09 14.52 -1.44
N ALA B 173 14.98 15.14 -0.99
CA ALA B 173 14.88 15.52 0.42
C ALA B 173 14.80 14.30 1.32
N ILE B 174 14.15 13.24 0.87
CA ILE B 174 14.07 12.03 1.67
C ILE B 174 15.45 11.39 1.82
N CYS B 175 16.29 11.51 0.79
CA CYS B 175 17.60 10.88 0.78
C CYS B 175 18.73 11.81 1.23
N PHE B 176 18.70 13.08 0.83
CA PHE B 176 19.80 13.99 1.06
C PHE B 176 19.43 15.24 1.84
N GLY B 177 18.13 15.54 2.00
CA GLY B 177 17.71 16.65 2.82
C GLY B 177 17.80 18.02 2.19
N ARG B 178 17.66 18.10 0.87
CA ARG B 178 17.70 19.39 0.19
C ARG B 178 16.85 19.34 -1.07
N ARG B 179 16.38 20.52 -1.49
CA ARG B 179 15.74 20.71 -2.78
C ARG B 179 16.50 21.77 -3.56
N TYR B 180 16.30 21.79 -4.88
CA TYR B 180 17.00 22.70 -5.77
C TYR B 180 16.02 23.50 -6.62
N ASP B 181 16.58 24.48 -7.33
CA ASP B 181 15.83 25.29 -8.28
C ASP B 181 15.45 24.45 -9.50
N HIS B 182 14.41 24.91 -10.20
CA HIS B 182 13.91 24.16 -11.35
C HIS B 182 14.92 24.15 -12.50
N ASN B 183 15.52 25.29 -12.80
CA ASN B 183 16.51 25.38 -13.87
C ASN B 183 17.93 25.11 -13.37
N HIS B 184 18.07 24.67 -12.11
CA HIS B 184 19.36 24.24 -11.57
C HIS B 184 19.98 23.19 -12.47
N GLN B 185 21.09 23.53 -13.13
CA GLN B 185 21.64 22.68 -14.18
C GLN B 185 22.32 21.43 -13.62
N GLU B 186 22.85 21.49 -12.40
CA GLU B 186 23.56 20.35 -11.83
C GLU B 186 22.72 19.08 -11.91
N LEU B 187 21.42 19.19 -11.66
CA LEU B 187 20.56 18.00 -11.66
C LEU B 187 19.95 17.72 -13.02
N LEU B 188 19.55 18.75 -13.78
CA LEU B 188 19.27 18.52 -15.19
C LEU B 188 20.41 17.74 -15.83
N SER B 189 21.65 18.16 -15.55
CA SER B 189 22.82 17.40 -15.97
C SER B 189 22.79 15.98 -15.40
N LEU B 190 22.16 15.80 -14.24
CA LEU B 190 22.19 14.55 -13.51
C LEU B 190 20.98 13.66 -13.75
N VAL B 191 19.82 14.23 -14.11
CA VAL B 191 18.58 13.47 -14.18
C VAL B 191 18.01 13.46 -15.59
N ASN B 192 17.92 14.62 -16.25
CA ASN B 192 17.25 14.73 -17.52
C ASN B 192 18.16 15.05 -18.69
N LEU B 193 19.44 15.35 -18.44
CA LEU B 193 20.37 15.70 -19.52
C LEU B 193 20.88 14.41 -20.14
N ASN B 194 20.12 13.89 -21.11
CA ASN B 194 20.54 12.73 -21.88
C ASN B 194 20.92 11.56 -20.99
N ASN B 195 19.98 11.17 -20.12
CA ASN B 195 20.16 10.00 -19.25
C ASN B 195 19.54 8.79 -19.93
N ASN B 196 20.37 7.80 -20.25
CA ASN B 196 19.94 6.61 -20.98
C ASN B 196 19.91 5.37 -20.10
N PHE B 197 19.78 5.54 -18.78
CA PHE B 197 19.78 4.39 -17.88
C PHE B 197 18.77 3.35 -18.34
N GLY B 198 17.53 3.77 -18.60
CA GLY B 198 16.49 2.84 -18.99
C GLY B 198 16.72 2.19 -20.35
N GLU B 199 17.46 2.86 -21.23
CA GLU B 199 17.67 2.32 -22.57
C GLU B 199 18.57 1.09 -22.54
N VAL B 200 19.56 1.06 -21.66
CA VAL B 200 20.54 -0.02 -21.66
C VAL B 200 20.17 -1.11 -20.66
N VAL B 201 19.50 -0.73 -19.57
CA VAL B 201 19.19 -1.71 -18.53
C VAL B 201 17.96 -2.53 -18.87
N GLY B 202 17.10 -2.05 -19.77
CA GLY B 202 15.94 -2.81 -20.18
C GLY B 202 16.29 -4.23 -20.57
N SER B 203 15.49 -5.20 -20.12
CA SER B 203 15.77 -6.60 -20.39
C SER B 203 16.00 -6.84 -21.87
N GLY B 204 17.06 -7.57 -22.20
CA GLY B 204 17.38 -7.89 -23.57
C GLY B 204 18.46 -7.06 -24.21
N ASN B 205 19.13 -6.20 -23.45
CA ASN B 205 20.19 -5.37 -23.99
C ASN B 205 21.22 -6.27 -24.70
N PRO B 206 21.41 -6.12 -26.01
CA PRO B 206 22.38 -6.98 -26.70
C PRO B 206 23.76 -6.95 -26.09
N ALA B 207 24.20 -5.80 -25.55
CA ALA B 207 25.53 -5.72 -24.96
C ALA B 207 25.74 -6.74 -23.86
N ASP B 208 24.66 -7.12 -23.15
CA ASP B 208 24.77 -8.09 -22.08
C ASP B 208 24.95 -9.51 -22.60
N PHE B 209 24.57 -9.77 -23.85
CA PHE B 209 24.61 -11.13 -24.40
C PHE B 209 25.52 -11.26 -25.61
N ILE B 210 25.99 -10.17 -26.19
CA ILE B 210 26.97 -10.19 -27.27
C ILE B 210 28.24 -9.54 -26.76
N PRO B 211 29.21 -10.33 -26.31
CA PRO B 211 30.38 -9.73 -25.63
C PRO B 211 31.18 -8.75 -26.48
N ILE B 212 31.08 -8.81 -27.81
CA ILE B 212 31.94 -7.96 -28.62
C ILE B 212 31.41 -6.53 -28.71
N LEU B 213 30.10 -6.35 -28.61
CA LEU B 213 29.53 -5.00 -28.67
C LEU B 213 29.98 -4.14 -27.49
N ARG B 214 30.57 -4.75 -26.47
CA ARG B 214 31.01 -4.00 -25.30
C ARG B 214 32.25 -3.18 -25.61
N TYR B 215 33.05 -3.62 -26.58
CA TYR B 215 34.34 -3.02 -26.88
C TYR B 215 34.35 -2.21 -28.18
N LEU B 216 33.37 -2.39 -29.04
CA LEU B 216 33.31 -1.60 -30.26
C LEU B 216 32.80 -0.20 -29.94
N PRO B 217 33.00 0.76 -30.85
CA PRO B 217 32.45 2.10 -30.63
C PRO B 217 30.97 2.05 -30.29
N ASN B 218 30.66 2.35 -29.03
CA ASN B 218 29.29 2.29 -28.51
C ASN B 218 29.01 3.59 -27.77
N PRO B 219 28.48 4.61 -28.47
CA PRO B 219 28.21 5.87 -27.77
C PRO B 219 27.18 5.73 -26.65
N SER B 220 26.16 4.89 -26.86
CA SER B 220 25.16 4.69 -25.82
C SER B 220 25.79 4.09 -24.58
N LEU B 221 26.66 3.09 -24.74
CA LEU B 221 27.25 2.43 -23.58
C LEU B 221 28.28 3.33 -22.91
N ASN B 222 29.04 4.10 -23.69
CA ASN B 222 30.03 5.00 -23.09
C ASN B 222 29.36 6.09 -22.27
N ALA B 223 28.28 6.68 -22.81
CA ALA B 223 27.51 7.64 -22.04
C ALA B 223 26.97 7.02 -20.76
N PHE B 224 26.68 5.72 -20.79
CA PHE B 224 26.19 5.03 -19.60
C PHE B 224 27.25 4.98 -18.50
N LYS B 225 28.49 4.64 -18.86
CA LYS B 225 29.56 4.61 -17.87
C LYS B 225 29.85 6.00 -17.34
N ASP B 226 29.78 7.01 -18.20
CA ASP B 226 30.15 8.36 -17.81
C ASP B 226 29.28 8.87 -16.67
N LEU B 227 27.94 8.79 -16.82
CA LEU B 227 27.05 9.33 -15.81
C LEU B 227 27.04 8.48 -14.54
N ASN B 228 27.17 7.16 -14.68
CA ASN B 228 27.29 6.33 -13.47
C ASN B 228 28.47 6.75 -12.62
N GLU B 229 29.55 7.24 -13.26
CA GLU B 229 30.69 7.75 -12.51
C GLU B 229 30.38 9.11 -11.88
N LYS B 230 29.56 9.93 -12.53
CA LYS B 230 29.13 11.19 -11.93
C LYS B 230 28.35 10.91 -10.64
N PHE B 231 27.36 10.02 -10.73
CA PHE B 231 26.56 9.65 -9.57
C PHE B 231 27.42 9.19 -8.40
N TYR B 232 28.36 8.28 -8.64
CA TYR B 232 29.14 7.73 -7.54
C TYR B 232 30.06 8.79 -6.93
N SER B 233 30.47 9.80 -7.71
CA SER B 233 31.23 10.90 -7.14
C SER B 233 30.31 11.91 -6.45
N PHE B 234 29.15 12.18 -7.04
CA PHE B 234 28.15 13.01 -6.38
C PHE B 234 27.78 12.45 -5.02
N MET B 235 27.72 11.12 -4.90
CA MET B 235 27.40 10.51 -3.61
C MET B 235 28.40 10.93 -2.53
N GLN B 236 29.69 10.77 -2.80
CA GLN B 236 30.70 11.15 -1.79
C GLN B 236 30.56 12.60 -1.37
N LYS B 237 30.32 13.50 -2.33
CA LYS B 237 30.09 14.90 -1.97
C LYS B 237 28.99 15.00 -0.92
N MET B 238 27.89 14.27 -1.12
CA MET B 238 26.78 14.33 -0.18
C MET B 238 27.11 13.64 1.14
N VAL B 239 27.68 12.43 1.07
CA VAL B 239 27.96 11.69 2.29
C VAL B 239 28.99 12.43 3.12
N LYS B 240 29.97 13.07 2.47
CA LYS B 240 30.96 13.85 3.21
C LYS B 240 30.35 15.11 3.80
N GLU B 241 29.61 15.87 2.99
CA GLU B 241 28.92 17.05 3.52
C GLU B 241 27.99 16.69 4.67
N HIS B 242 27.46 15.47 4.67
CA HIS B 242 26.59 15.02 5.76
C HIS B 242 27.40 14.52 6.95
N TYR B 243 28.45 13.73 6.70
CA TYR B 243 29.28 13.24 7.78
C TYR B 243 29.92 14.41 8.53
N LYS B 244 30.17 15.52 7.82
CA LYS B 244 30.72 16.71 8.44
C LYS B 244 29.75 17.32 9.43
N THR B 245 28.47 17.39 9.07
CA THR B 245 27.43 17.98 9.92
C THR B 245 26.59 16.92 10.62
N PHE B 246 27.07 15.69 10.71
CA PHE B 246 26.26 14.59 11.25
C PHE B 246 26.10 14.72 12.76
N GLU B 247 24.86 14.75 13.22
CA GLU B 247 24.52 14.71 14.64
C GLU B 247 23.99 13.31 14.96
N LYS B 248 24.64 12.64 15.91
CA LYS B 248 24.38 11.21 16.10
C LYS B 248 22.95 10.94 16.57
N GLY B 249 22.35 11.86 17.31
CA GLY B 249 21.04 11.62 17.86
C GLY B 249 19.92 12.30 17.11
N HIS B 250 20.26 13.13 16.13
CA HIS B 250 19.26 13.86 15.34
C HIS B 250 19.46 13.42 13.89
N ILE B 251 18.76 12.36 13.50
CA ILE B 251 18.84 11.81 12.15
C ILE B 251 17.96 12.63 11.22
N ARG B 252 18.55 13.18 10.16
CA ARG B 252 17.86 14.11 9.28
C ARG B 252 17.23 13.45 8.07
N ASP B 253 17.84 12.40 7.53
CA ASP B 253 17.37 11.80 6.29
C ASP B 253 17.89 10.36 6.21
N ILE B 254 17.66 9.72 5.07
CA ILE B 254 18.08 8.34 4.88
C ILE B 254 19.60 8.24 4.84
N THR B 255 20.27 9.27 4.32
CA THR B 255 21.72 9.26 4.30
C THR B 255 22.29 9.16 5.71
N ASP B 256 21.69 9.88 6.67
CA ASP B 256 22.14 9.80 8.05
C ASP B 256 21.87 8.42 8.64
N SER B 257 20.68 7.87 8.38
CA SER B 257 20.33 6.55 8.91
C SER B 257 21.28 5.47 8.42
N LEU B 258 21.94 5.66 7.29
CA LEU B 258 22.94 4.70 6.82
C LEU B 258 24.31 4.97 7.45
N ILE B 259 24.66 6.24 7.63
CA ILE B 259 25.88 6.58 8.36
C ILE B 259 25.80 6.05 9.79
N GLU B 260 24.64 6.23 10.43
CA GLU B 260 24.45 5.72 11.79
C GLU B 260 24.64 4.22 11.85
N HIS B 261 24.24 3.50 10.81
CA HIS B 261 24.34 2.05 10.83
C HIS B 261 25.76 1.55 10.55
N CYS B 262 26.60 2.39 9.92
CA CYS B 262 27.99 1.99 9.72
C CYS B 262 28.73 1.90 11.04
N GLN B 263 28.22 2.54 12.08
CA GLN B 263 28.83 2.53 13.40
C GLN B 263 28.18 1.48 14.30
N SER B 276 29.58 -4.65 4.44
CA SER B 276 30.66 -3.69 4.27
C SER B 276 30.16 -2.26 4.38
N ASP B 277 31.09 -1.32 4.56
CA ASP B 277 30.71 0.09 4.65
C ASP B 277 30.25 0.64 3.29
N GLU B 278 30.94 0.26 2.21
CA GLU B 278 30.57 0.76 0.89
C GLU B 278 29.19 0.28 0.48
N LYS B 279 28.89 -1.01 0.72
CA LYS B 279 27.61 -1.58 0.32
C LYS B 279 26.45 -1.03 1.15
N ILE B 280 26.72 -0.43 2.29
CA ILE B 280 25.67 0.17 3.10
C ILE B 280 25.37 1.60 2.68
N ILE B 281 26.37 2.33 2.18
CA ILE B 281 26.16 3.75 1.88
C ILE B 281 25.49 3.93 0.53
N ASN B 282 25.86 3.12 -0.47
CA ASN B 282 25.34 3.31 -1.81
C ASN B 282 23.88 2.89 -1.95
N ILE B 283 23.19 2.50 -0.87
CA ILE B 283 21.78 2.14 -0.96
C ILE B 283 20.93 3.35 -1.33
N VAL B 284 21.29 4.54 -0.81
CA VAL B 284 20.56 5.75 -1.18
C VAL B 284 20.61 5.99 -2.68
N LEU B 285 21.61 5.43 -3.35
CA LEU B 285 21.74 5.64 -4.79
C LEU B 285 20.66 4.87 -5.54
N ASP B 286 20.37 3.63 -5.11
CA ASP B 286 19.29 2.86 -5.72
C ASP B 286 17.94 3.49 -5.42
N LEU B 287 17.74 3.95 -4.18
CA LEU B 287 16.49 4.60 -3.81
C LEU B 287 16.27 5.87 -4.63
N PHE B 288 17.31 6.70 -4.74
CA PHE B 288 17.19 7.93 -5.50
C PHE B 288 16.97 7.66 -6.98
N GLY B 289 17.68 6.68 -7.53
CA GLY B 289 17.56 6.40 -8.95
C GLY B 289 16.19 5.90 -9.34
N ALA B 290 15.66 4.93 -8.59
CA ALA B 290 14.33 4.42 -8.89
C ALA B 290 13.26 5.45 -8.59
N GLY B 291 13.50 6.31 -7.60
CA GLY B 291 12.51 7.26 -7.15
C GLY B 291 12.13 8.28 -8.20
N PHE B 292 13.10 9.03 -8.70
CA PHE B 292 12.77 10.12 -9.62
C PHE B 292 12.40 9.59 -11.00
N ASP B 293 12.89 8.40 -11.37
CA ASP B 293 12.64 7.90 -12.72
C ASP B 293 11.25 7.29 -12.83
N THR B 294 10.91 6.38 -11.93
CA THR B 294 9.65 5.64 -12.07
C THR B 294 8.45 6.53 -11.81
N VAL B 295 8.48 7.32 -10.73
CA VAL B 295 7.35 8.17 -10.40
C VAL B 295 7.17 9.26 -11.45
N THR B 296 8.27 9.83 -11.94
CA THR B 296 8.17 10.87 -12.96
C THR B 296 7.53 10.32 -14.24
N THR B 297 7.94 9.11 -14.64
CA THR B 297 7.32 8.49 -15.80
C THR B 297 5.84 8.25 -15.58
N ALA B 298 5.47 7.82 -14.36
CA ALA B 298 4.07 7.60 -14.05
C ALA B 298 3.27 8.89 -14.20
N ILE B 299 3.75 9.97 -13.60
CA ILE B 299 3.03 11.24 -13.68
C ILE B 299 2.99 11.74 -15.11
N SER B 300 4.10 11.59 -15.85
CA SER B 300 4.13 12.01 -17.24
C SER B 300 3.05 11.30 -18.04
N TRP B 301 2.95 9.97 -17.89
CA TRP B 301 1.92 9.23 -18.60
C TRP B 301 0.52 9.66 -18.20
N SER B 302 0.31 9.90 -16.90
CA SER B 302 -1.01 10.33 -16.43
C SER B 302 -1.45 11.60 -17.16
N LEU B 303 -0.56 12.59 -17.24
CA LEU B 303 -0.89 13.83 -17.94
C LEU B 303 -1.23 13.57 -19.40
N MET B 304 -0.50 12.65 -20.04
CA MET B 304 -0.77 12.32 -21.43
C MET B 304 -2.16 11.71 -21.60
N TYR B 305 -2.56 10.81 -20.69
CA TYR B 305 -3.88 10.21 -20.80
C TYR B 305 -4.98 11.21 -20.48
N LEU B 306 -4.74 12.12 -19.55
CA LEU B 306 -5.72 13.15 -19.21
C LEU B 306 -5.99 14.05 -20.41
N VAL B 307 -4.93 14.41 -21.13
CA VAL B 307 -5.06 15.33 -22.26
C VAL B 307 -5.72 14.65 -23.44
N MET B 308 -5.41 13.37 -23.66
CA MET B 308 -6.01 12.62 -24.76
C MET B 308 -7.39 12.07 -24.42
N ASN B 309 -7.80 12.14 -23.16
CA ASN B 309 -9.12 11.70 -22.73
C ASN B 309 -9.71 12.78 -21.83
N PRO B 310 -10.16 13.89 -22.41
CA PRO B 310 -10.75 14.96 -21.60
C PRO B 310 -11.94 14.51 -20.80
N ARG B 311 -12.66 13.47 -21.24
CA ARG B 311 -13.79 12.98 -20.47
C ARG B 311 -13.36 12.53 -19.08
N VAL B 312 -12.29 11.74 -18.99
CA VAL B 312 -11.89 11.20 -17.70
C VAL B 312 -11.33 12.31 -16.82
N GLN B 313 -10.77 13.35 -17.42
CA GLN B 313 -10.26 14.46 -16.62
C GLN B 313 -11.40 15.14 -15.87
N ARG B 314 -12.52 15.40 -16.55
CA ARG B 314 -13.67 16.03 -15.91
C ARG B 314 -14.26 15.13 -14.83
N LYS B 315 -14.48 13.85 -15.14
CA LYS B 315 -15.01 12.93 -14.13
C LYS B 315 -14.14 12.88 -12.89
N ILE B 316 -12.83 13.04 -13.04
CA ILE B 316 -11.96 13.20 -11.88
C ILE B 316 -12.29 14.50 -11.15
N GLN B 317 -12.27 15.61 -11.89
CA GLN B 317 -12.56 16.91 -11.29
C GLN B 317 -13.93 16.93 -10.61
N GLU B 318 -14.91 16.23 -11.17
CA GLU B 318 -16.23 16.17 -10.53
C GLU B 318 -16.13 15.51 -9.15
N GLU B 319 -15.41 14.40 -9.07
CA GLU B 319 -15.24 13.72 -7.79
C GLU B 319 -14.43 14.57 -6.83
N LEU B 320 -13.51 15.39 -7.35
CA LEU B 320 -12.72 16.25 -6.49
C LEU B 320 -13.58 17.32 -5.84
N ASP B 321 -14.39 18.02 -6.66
CA ASP B 321 -15.28 19.05 -6.13
C ASP B 321 -16.26 18.47 -5.11
N THR B 322 -16.73 17.25 -5.35
CA THR B 322 -17.69 16.64 -4.44
C THR B 322 -17.06 16.22 -3.12
N VAL B 323 -15.92 15.53 -3.17
CA VAL B 323 -15.36 14.95 -1.95
C VAL B 323 -14.58 15.97 -1.13
N ILE B 324 -13.95 16.95 -1.77
CA ILE B 324 -13.12 17.92 -1.06
C ILE B 324 -13.40 19.36 -1.47
N GLY B 325 -14.35 19.61 -2.37
CA GLY B 325 -14.58 20.95 -2.86
C GLY B 325 -13.28 21.68 -3.20
N ARG B 326 -13.31 23.01 -3.20
CA ARG B 326 -12.10 23.78 -3.50
C ARG B 326 -11.66 24.62 -2.30
N SER B 327 -12.11 24.26 -1.10
CA SER B 327 -11.81 25.03 0.10
C SER B 327 -10.53 24.59 0.80
N ARG B 328 -9.93 23.47 0.39
CA ARG B 328 -8.72 22.97 1.02
C ARG B 328 -7.99 22.06 0.04
N ARG B 329 -6.71 21.85 0.32
CA ARG B 329 -5.89 20.98 -0.50
C ARG B 329 -6.14 19.51 -0.14
N PRO B 330 -5.95 18.58 -1.07
CA PRO B 330 -6.09 17.16 -0.76
C PRO B 330 -5.05 16.67 0.24
N ARG B 331 -5.34 15.52 0.83
CA ARG B 331 -4.50 14.91 1.84
C ARG B 331 -4.49 13.40 1.65
N LEU B 332 -3.47 12.74 2.23
CA LEU B 332 -3.37 11.29 2.12
C LEU B 332 -4.59 10.61 2.74
N SER B 333 -5.10 11.15 3.85
CA SER B 333 -6.27 10.58 4.49
C SER B 333 -7.44 10.46 3.52
N ASP B 334 -7.45 11.30 2.49
CA ASP B 334 -8.53 11.28 1.50
C ASP B 334 -8.34 10.27 0.40
N ARG B 335 -7.13 9.69 0.26
CA ARG B 335 -6.88 8.75 -0.83
C ARG B 335 -7.91 7.63 -0.86
N SER B 336 -8.34 7.16 0.31
CA SER B 336 -9.27 6.05 0.38
C SER B 336 -10.67 6.41 -0.09
N HIS B 337 -10.97 7.69 -0.27
CA HIS B 337 -12.32 8.14 -0.60
C HIS B 337 -12.45 8.67 -2.03
N LEU B 338 -11.45 8.42 -2.88
CA LEU B 338 -11.47 8.85 -4.28
C LEU B 338 -11.37 7.62 -5.17
N PRO B 339 -12.44 6.83 -5.27
CA PRO B 339 -12.34 5.58 -6.06
C PRO B 339 -11.99 5.82 -7.51
N TYR B 340 -12.51 6.89 -8.12
CA TYR B 340 -12.22 7.12 -9.53
C TYR B 340 -10.78 7.55 -9.74
N MET B 341 -10.24 8.35 -8.82
CA MET B 341 -8.82 8.70 -8.89
C MET B 341 -7.98 7.44 -8.87
N GLU B 342 -8.28 6.50 -7.96
CA GLU B 342 -7.54 5.25 -7.91
C GLU B 342 -7.74 4.45 -9.19
N ALA B 343 -8.96 4.46 -9.72
CA ALA B 343 -9.22 3.74 -10.96
C ALA B 343 -8.45 4.33 -12.13
N PHE B 344 -8.27 5.66 -12.13
CA PHE B 344 -7.49 6.28 -13.20
C PHE B 344 -6.01 5.93 -13.08
N ILE B 345 -5.48 5.95 -11.85
CA ILE B 345 -4.08 5.59 -11.65
C ILE B 345 -3.84 4.12 -11.99
N LEU B 346 -4.77 3.23 -11.61
CA LEU B 346 -4.61 1.82 -11.95
C LEU B 346 -4.62 1.62 -13.45
N GLU B 347 -5.52 2.31 -14.16
CA GLU B 347 -5.57 2.15 -15.61
C GLU B 347 -4.35 2.78 -16.28
N THR B 348 -3.74 3.78 -15.67
CA THR B 348 -2.48 4.31 -16.19
C THR B 348 -1.38 3.26 -16.09
N PHE B 349 -1.19 2.68 -14.91
CA PHE B 349 -0.20 1.62 -14.76
C PHE B 349 -0.48 0.48 -15.73
N ARG B 350 -1.76 0.10 -15.87
CA ARG B 350 -2.09 -1.08 -16.66
C ARG B 350 -1.88 -0.83 -18.15
N HIS B 351 -2.48 0.25 -18.67
CA HIS B 351 -2.45 0.47 -20.12
C HIS B 351 -1.02 0.73 -20.60
N SER B 352 -0.31 1.63 -19.94
CA SER B 352 1.05 1.92 -20.34
C SER B 352 1.99 0.78 -19.97
N SER B 353 1.83 0.22 -18.77
CA SER B 353 2.76 -0.77 -18.24
C SER B 353 4.19 -0.29 -18.43
N PHE B 354 4.44 0.96 -18.06
CA PHE B 354 5.70 1.60 -18.36
C PHE B 354 6.90 0.90 -17.75
N VAL B 355 6.69 -0.13 -16.93
CA VAL B 355 7.75 -1.06 -16.55
C VAL B 355 7.37 -2.43 -17.11
N PRO B 356 7.54 -2.67 -18.42
CA PRO B 356 6.99 -3.89 -19.01
C PRO B 356 7.62 -5.16 -18.48
N PHE B 357 8.92 -5.14 -18.20
CA PHE B 357 9.60 -6.27 -17.59
C PHE B 357 10.06 -5.89 -16.19
N THR B 358 10.00 -6.85 -15.28
CA THR B 358 10.69 -6.66 -14.02
C THR B 358 12.19 -6.74 -14.27
N ILE B 359 12.97 -6.27 -13.31
CA ILE B 359 14.42 -6.47 -13.44
C ILE B 359 14.68 -7.96 -13.58
N PRO B 360 15.53 -8.39 -14.51
CA PRO B 360 15.68 -9.84 -14.75
C PRO B 360 16.03 -10.60 -13.48
N HIS B 361 15.46 -11.79 -13.35
CA HIS B 361 15.71 -12.68 -12.23
C HIS B 361 16.61 -13.83 -12.66
N SER B 362 17.07 -14.60 -11.67
CA SER B 362 17.89 -15.77 -11.92
C SER B 362 17.55 -16.83 -10.89
N THR B 363 17.57 -18.09 -11.31
CA THR B 363 17.24 -19.18 -10.42
C THR B 363 18.42 -19.47 -9.50
N THR B 364 18.13 -19.61 -8.21
CA THR B 364 19.16 -19.88 -7.20
C THR B 364 19.46 -21.36 -7.04
N ARG B 365 18.71 -22.23 -7.71
CA ARG B 365 18.87 -23.67 -7.59
C ARG B 365 17.99 -24.34 -8.63
N ASP B 366 18.34 -25.56 -9.00
CA ASP B 366 17.47 -26.36 -9.86
C ASP B 366 16.06 -26.35 -9.32
N THR B 367 15.12 -25.94 -10.17
CA THR B 367 13.72 -25.81 -9.76
C THR B 367 12.83 -26.23 -10.91
N SER B 368 11.52 -26.17 -10.66
CA SER B 368 10.52 -26.50 -11.66
C SER B 368 9.36 -25.52 -11.52
N LEU B 369 8.59 -25.41 -12.60
CA LEU B 369 7.49 -24.45 -12.66
C LEU B 369 6.51 -24.95 -13.70
N LYS B 370 5.27 -25.20 -13.28
CA LYS B 370 4.22 -25.70 -14.18
C LYS B 370 4.68 -26.96 -14.91
N GLY B 371 5.52 -27.76 -14.25
CA GLY B 371 5.98 -29.01 -14.80
C GLY B 371 7.20 -28.94 -15.67
N PHE B 372 7.90 -27.80 -15.71
CA PHE B 372 9.08 -27.62 -16.55
C PHE B 372 10.32 -27.46 -15.69
N TYR B 373 11.44 -27.94 -16.22
CA TYR B 373 12.71 -27.92 -15.50
C TYR B 373 13.49 -26.66 -15.87
N ILE B 374 13.97 -25.96 -14.85
CA ILE B 374 14.77 -24.76 -15.03
C ILE B 374 16.02 -24.94 -14.17
N PRO B 375 17.21 -25.10 -14.76
CA PRO B 375 18.40 -25.35 -13.96
C PRO B 375 18.82 -24.11 -13.20
N LYS B 376 19.78 -24.30 -12.30
CA LYS B 376 20.32 -23.21 -11.50
C LYS B 376 21.07 -22.22 -12.38
N GLY B 377 20.93 -20.94 -12.06
CA GLY B 377 21.61 -19.89 -12.79
C GLY B 377 20.92 -19.44 -14.05
N ARG B 378 19.81 -20.05 -14.43
CA ARG B 378 19.11 -19.69 -15.66
C ARG B 378 18.53 -18.29 -15.53
N CYS B 379 18.76 -17.45 -16.54
CA CYS B 379 18.20 -16.11 -16.57
C CYS B 379 16.70 -16.16 -16.86
N VAL B 380 15.92 -15.36 -16.14
CA VAL B 380 14.47 -15.41 -16.22
C VAL B 380 13.92 -13.99 -16.41
N PHE B 381 13.06 -13.83 -17.40
CA PHE B 381 12.35 -12.57 -17.65
C PHE B 381 10.91 -12.72 -17.19
N VAL B 382 10.35 -11.64 -16.64
CA VAL B 382 8.98 -11.61 -16.16
C VAL B 382 8.25 -10.53 -16.94
N ASN B 383 7.28 -10.94 -17.75
CA ASN B 383 6.62 -10.03 -18.68
C ASN B 383 5.38 -9.46 -18.01
N GLN B 384 5.55 -8.35 -17.28
CA GLN B 384 4.41 -7.71 -16.66
C GLN B 384 3.46 -7.16 -17.73
N TRP B 385 4.02 -6.63 -18.82
CA TRP B 385 3.19 -6.12 -19.90
C TRP B 385 2.20 -7.18 -20.37
N GLN B 386 2.64 -8.45 -20.43
CA GLN B 386 1.76 -9.52 -20.89
C GLN B 386 0.54 -9.64 -19.98
N ILE B 387 0.76 -9.62 -18.67
CA ILE B 387 -0.35 -9.74 -17.72
C ILE B 387 -1.35 -8.60 -17.93
N ASN B 388 -0.86 -7.36 -17.89
CA ASN B 388 -1.75 -6.21 -17.95
C ASN B 388 -2.48 -6.10 -19.28
N HIS B 389 -2.10 -6.89 -20.29
CA HIS B 389 -2.76 -6.84 -21.59
C HIS B 389 -3.26 -8.21 -22.02
N ASP B 390 -3.50 -9.11 -21.07
CA ASP B 390 -3.93 -10.47 -21.39
C ASP B 390 -5.41 -10.43 -21.77
N GLN B 391 -5.70 -10.87 -23.00
CA GLN B 391 -7.09 -10.89 -23.48
C GLN B 391 -7.97 -11.74 -22.56
N LYS B 392 -7.36 -12.71 -21.88
CA LYS B 392 -8.11 -13.59 -20.99
C LYS B 392 -8.53 -12.87 -19.72
N LEU B 393 -7.71 -11.92 -19.24
CA LEU B 393 -7.97 -11.23 -17.98
C LEU B 393 -8.71 -9.91 -18.14
N TRP B 394 -8.66 -9.29 -19.31
CA TRP B 394 -9.22 -7.96 -19.51
C TRP B 394 -10.15 -7.96 -20.72
N VAL B 395 -11.07 -7.00 -20.72
CA VAL B 395 -11.98 -6.77 -21.84
C VAL B 395 -11.47 -5.55 -22.61
N ASN B 396 -11.11 -5.77 -23.87
CA ASN B 396 -10.55 -4.71 -24.68
C ASN B 396 -9.32 -4.12 -23.98
N PRO B 397 -8.23 -4.87 -23.87
CA PRO B 397 -7.04 -4.37 -23.15
C PRO B 397 -6.38 -3.19 -23.83
N SER B 398 -6.66 -2.95 -25.12
CA SER B 398 -6.05 -1.84 -25.84
C SER B 398 -6.68 -0.48 -25.57
N GLU B 399 -7.82 -0.44 -24.89
CA GLU B 399 -8.55 0.80 -24.61
C GLU B 399 -8.25 1.31 -23.21
N PHE B 400 -8.19 2.63 -23.07
CA PHE B 400 -8.05 3.26 -21.77
C PHE B 400 -9.42 3.50 -21.16
N LEU B 401 -9.81 2.65 -20.23
CA LEU B 401 -11.16 2.66 -19.65
C LEU B 401 -11.05 2.49 -18.15
N PRO B 402 -10.83 3.59 -17.41
CA PRO B 402 -10.70 3.47 -15.95
C PRO B 402 -11.91 2.85 -15.28
N GLU B 403 -13.09 2.93 -15.90
CA GLU B 403 -14.31 2.39 -15.31
C GLU B 403 -14.27 0.88 -15.14
N ARG B 404 -13.28 0.20 -15.73
CA ARG B 404 -13.19 -1.25 -15.60
C ARG B 404 -12.90 -1.70 -14.18
N PHE B 405 -12.32 -0.83 -13.36
CA PHE B 405 -12.03 -1.14 -11.97
C PHE B 405 -13.14 -0.71 -11.01
N LEU B 406 -14.28 -0.23 -11.52
CA LEU B 406 -15.36 0.27 -10.68
C LEU B 406 -16.54 -0.69 -10.68
N THR B 407 -17.09 -0.91 -9.49
CA THR B 407 -18.27 -1.74 -9.30
C THR B 407 -19.53 -0.95 -9.64
N PRO B 408 -20.68 -1.63 -9.72
CA PRO B 408 -21.93 -0.90 -10.00
C PRO B 408 -22.23 0.20 -8.99
N ASP B 409 -21.71 0.11 -7.77
CA ASP B 409 -21.91 1.13 -6.76
C ASP B 409 -20.85 2.21 -6.79
N GLY B 410 -19.84 2.10 -7.67
CA GLY B 410 -18.86 3.14 -7.84
C GLY B 410 -17.63 3.03 -6.97
N ALA B 411 -17.30 1.82 -6.51
CA ALA B 411 -16.14 1.59 -5.65
C ALA B 411 -15.12 0.71 -6.37
N ILE B 412 -13.91 0.69 -5.84
CA ILE B 412 -12.82 -0.05 -6.47
C ILE B 412 -13.06 -1.55 -6.30
N ASP B 413 -12.96 -2.29 -7.40
CA ASP B 413 -13.03 -3.74 -7.39
C ASP B 413 -11.66 -4.29 -6.99
N LYS B 414 -11.48 -4.58 -5.70
CA LYS B 414 -10.16 -4.95 -5.20
C LYS B 414 -9.63 -6.22 -5.85
N VAL B 415 -10.51 -7.12 -6.31
CA VAL B 415 -10.04 -8.34 -6.94
C VAL B 415 -9.38 -8.02 -8.28
N LEU B 416 -10.01 -7.15 -9.07
CA LEU B 416 -9.48 -6.81 -10.37
C LEU B 416 -8.29 -5.87 -10.27
N SER B 417 -8.28 -4.96 -9.28
CA SER B 417 -7.15 -4.05 -9.14
C SER B 417 -5.89 -4.80 -8.78
N GLU B 418 -6.00 -5.94 -8.10
CA GLU B 418 -4.85 -6.74 -7.74
C GLU B 418 -4.31 -7.56 -8.91
N LYS B 419 -4.96 -7.48 -10.07
CA LYS B 419 -4.46 -8.10 -11.28
C LYS B 419 -3.60 -7.16 -12.11
N VAL B 420 -3.45 -5.91 -11.68
CA VAL B 420 -2.57 -4.95 -12.33
C VAL B 420 -1.18 -5.12 -11.73
N ILE B 421 -0.26 -5.70 -12.49
CA ILE B 421 1.08 -6.02 -12.02
C ILE B 421 2.04 -5.01 -12.65
N ILE B 422 2.70 -4.21 -11.81
CA ILE B 422 3.71 -3.27 -12.29
C ILE B 422 4.81 -3.07 -11.25
N PHE B 423 4.55 -3.48 -10.01
CA PHE B 423 5.53 -3.35 -8.93
C PHE B 423 6.25 -4.65 -8.62
N GLY B 424 5.96 -5.73 -9.35
CA GLY B 424 6.60 -7.00 -9.10
C GLY B 424 5.85 -7.85 -8.10
N MET B 425 6.53 -8.91 -7.66
CA MET B 425 5.96 -9.84 -6.70
C MET B 425 7.07 -10.48 -5.89
N GLY B 426 6.68 -11.18 -4.83
CA GLY B 426 7.61 -12.03 -4.11
C GLY B 426 8.65 -11.22 -3.34
N LYS B 427 9.80 -11.84 -3.12
CA LYS B 427 10.82 -11.27 -2.28
C LYS B 427 11.59 -10.14 -2.96
N ARG B 428 11.36 -9.91 -4.26
CA ARG B 428 12.05 -8.87 -4.99
C ARG B 428 11.13 -7.72 -5.39
N LYS B 429 9.91 -7.69 -4.86
CA LYS B 429 8.96 -6.66 -5.24
C LYS B 429 9.51 -5.27 -4.92
N CYS B 430 8.90 -4.26 -5.53
CA CYS B 430 9.27 -2.89 -5.29
C CYS B 430 9.14 -2.55 -3.81
N ILE B 431 10.12 -1.84 -3.26
CA ILE B 431 10.07 -1.39 -1.88
C ILE B 431 9.56 0.04 -1.77
N GLY B 432 9.36 0.73 -2.89
CA GLY B 432 8.77 2.05 -2.86
C GLY B 432 7.38 2.07 -3.45
N GLU B 433 6.69 0.92 -3.37
CA GLU B 433 5.35 0.82 -3.93
C GLU B 433 4.39 1.78 -3.23
N THR B 434 4.35 1.73 -1.90
CA THR B 434 3.44 2.61 -1.16
C THR B 434 3.79 4.08 -1.37
N ILE B 435 5.08 4.41 -1.32
CA ILE B 435 5.50 5.79 -1.54
C ILE B 435 5.07 6.25 -2.92
N ALA B 436 5.24 5.39 -3.92
CA ALA B 436 4.89 5.76 -5.30
C ALA B 436 3.39 5.97 -5.41
N ARG B 437 2.59 5.06 -4.85
CA ARG B 437 1.15 5.17 -4.98
C ARG B 437 0.63 6.44 -4.31
N TRP B 438 1.22 6.82 -3.18
CA TRP B 438 0.78 8.04 -2.50
C TRP B 438 1.33 9.28 -3.20
N GLU B 439 2.61 9.24 -3.58
CA GLU B 439 3.22 10.40 -4.25
C GLU B 439 2.51 10.69 -5.57
N VAL B 440 2.21 9.65 -6.35
CA VAL B 440 1.51 9.86 -7.61
C VAL B 440 0.11 10.41 -7.34
N PHE B 441 -0.57 9.88 -6.32
CA PHE B 441 -1.91 10.36 -5.99
C PHE B 441 -1.90 11.84 -5.62
N LEU B 442 -1.01 12.25 -4.72
CA LEU B 442 -1.01 13.63 -4.25
C LEU B 442 -0.76 14.61 -5.39
N PHE B 443 0.31 14.40 -6.15
CA PHE B 443 0.63 15.30 -7.26
C PHE B 443 -0.59 15.50 -8.15
N LEU B 444 -1.26 14.40 -8.51
CA LEU B 444 -2.42 14.51 -9.39
C LEU B 444 -3.59 15.18 -8.69
N ALA B 445 -3.80 14.88 -7.41
CA ALA B 445 -4.91 15.46 -6.67
C ALA B 445 -4.74 16.97 -6.53
N ILE B 446 -3.58 17.41 -6.04
CA ILE B 446 -3.34 18.84 -5.81
C ILE B 446 -3.45 19.63 -7.10
N LEU B 447 -3.00 19.05 -8.21
CA LEU B 447 -2.99 19.78 -9.48
C LEU B 447 -4.39 19.89 -10.08
N LEU B 448 -5.04 18.75 -10.33
CA LEU B 448 -6.33 18.76 -11.01
C LEU B 448 -7.40 19.52 -10.24
N GLN B 449 -7.21 19.71 -8.93
CA GLN B 449 -8.15 20.53 -8.16
C GLN B 449 -8.12 21.98 -8.61
N ARG B 450 -6.96 22.45 -9.09
CA ARG B 450 -6.74 23.87 -9.38
C ARG B 450 -6.60 24.17 -10.86
N VAL B 451 -6.11 23.22 -11.65
CA VAL B 451 -5.77 23.46 -13.05
C VAL B 451 -6.40 22.40 -13.95
N GLU B 452 -6.46 22.72 -15.23
CA GLU B 452 -7.00 21.85 -16.26
C GLU B 452 -6.01 21.78 -17.40
N PHE B 453 -5.59 20.56 -17.73
CA PHE B 453 -4.61 20.35 -18.79
C PHE B 453 -5.32 20.07 -20.11
N SER B 454 -4.69 20.50 -21.20
CA SER B 454 -5.27 20.31 -22.52
C SER B 454 -4.16 20.41 -23.55
N VAL B 455 -4.47 19.98 -24.76
CA VAL B 455 -3.58 20.13 -25.90
C VAL B 455 -4.47 20.47 -27.09
N PRO B 456 -4.13 21.47 -27.90
CA PRO B 456 -5.03 21.86 -28.99
C PRO B 456 -5.12 20.78 -30.06
N LEU B 457 -6.21 20.86 -30.83
CA LEU B 457 -6.37 19.97 -31.97
C LEU B 457 -5.31 20.25 -33.02
N GLY B 458 -4.97 19.22 -33.79
CA GLY B 458 -4.06 19.38 -34.91
C GLY B 458 -2.59 19.31 -34.57
N VAL B 459 -2.23 18.79 -33.40
CA VAL B 459 -0.83 18.64 -33.01
C VAL B 459 -0.56 17.16 -32.78
N LYS B 460 0.60 16.70 -33.24
CA LYS B 460 0.99 15.31 -33.05
C LYS B 460 1.29 15.05 -31.58
N VAL B 461 0.76 13.96 -31.05
CA VAL B 461 1.06 13.51 -29.70
C VAL B 461 1.30 12.01 -29.73
N ASP B 462 2.56 11.62 -29.93
CA ASP B 462 2.92 10.20 -30.03
C ASP B 462 2.75 9.55 -28.67
N MET B 463 1.68 8.78 -28.50
CA MET B 463 1.43 8.02 -27.29
C MET B 463 2.12 6.66 -27.32
N THR B 464 2.88 6.36 -28.36
CA THR B 464 3.58 5.08 -28.46
C THR B 464 4.69 5.01 -27.44
N PRO B 465 4.73 3.97 -26.59
CA PRO B 465 5.84 3.85 -25.63
C PRO B 465 7.16 3.56 -26.33
N ILE B 466 8.24 4.03 -25.69
CA ILE B 466 9.61 3.78 -26.13
C ILE B 466 10.21 2.78 -25.17
N TYR B 467 10.62 1.62 -25.70
CA TYR B 467 11.01 0.52 -24.82
C TYR B 467 12.20 0.89 -23.95
N GLY B 468 12.27 0.26 -22.79
CA GLY B 468 13.30 0.52 -21.81
C GLY B 468 12.83 0.00 -20.47
N LEU B 469 13.73 0.09 -19.49
CA LEU B 469 13.37 -0.29 -18.13
C LEU B 469 12.09 0.39 -17.69
N THR B 470 12.04 1.72 -17.85
CA THR B 470 10.83 2.51 -17.63
C THR B 470 10.48 3.16 -18.96
N MET B 471 9.47 2.63 -19.65
CA MET B 471 9.14 3.13 -20.97
C MET B 471 8.70 4.59 -20.92
N LYS B 472 9.35 5.42 -21.72
CA LYS B 472 9.02 6.84 -21.82
C LYS B 472 8.16 7.07 -23.06
N HIS B 473 7.85 8.34 -23.33
CA HIS B 473 7.11 8.71 -24.53
C HIS B 473 7.83 9.86 -25.23
N ALA B 474 7.45 10.08 -26.49
CA ALA B 474 8.02 11.19 -27.24
C ALA B 474 7.67 12.50 -26.56
N CYS B 475 8.68 13.35 -26.38
CA CYS B 475 8.46 14.64 -25.74
C CYS B 475 7.40 15.43 -26.49
N CYS B 476 6.52 16.07 -25.73
CA CYS B 476 5.41 16.86 -26.28
C CYS B 476 5.53 18.28 -25.75
N GLU B 477 5.71 19.25 -26.66
CA GLU B 477 5.93 20.64 -26.30
C GLU B 477 4.66 21.48 -26.39
N HIS B 478 3.49 20.84 -26.48
CA HIS B 478 2.25 21.56 -26.77
C HIS B 478 1.27 21.50 -25.61
N PHE B 479 1.71 21.12 -24.42
CA PHE B 479 0.80 21.05 -23.28
C PHE B 479 0.41 22.45 -22.83
N GLN B 480 -0.85 22.60 -22.44
CA GLN B 480 -1.39 23.88 -21.97
C GLN B 480 -2.11 23.66 -20.66
N MET B 481 -2.09 24.70 -19.82
CA MET B 481 -2.70 24.66 -18.49
C MET B 481 -3.58 25.89 -18.30
N GLN B 482 -4.67 25.69 -17.58
CA GLN B 482 -5.60 26.77 -17.27
C GLN B 482 -6.18 26.57 -15.88
N LEU B 483 -6.33 27.65 -15.14
CA LEU B 483 -6.99 27.59 -13.84
C LEU B 483 -8.46 27.24 -14.04
N ARG B 484 -9.14 26.98 -12.91
CA ARG B 484 -10.53 26.56 -12.97
C ARG B 484 -11.41 27.66 -12.39
N SER B 485 -12.70 27.59 -12.71
CA SER B 485 -13.67 28.57 -12.27
C SER B 485 -13.59 28.82 -10.77
N LYS C 11 29.35 87.36 -8.82
CA LYS C 11 30.56 86.64 -8.45
C LYS C 11 30.31 85.12 -8.51
N ASN C 12 31.39 84.34 -8.31
CA ASN C 12 31.30 82.89 -8.31
C ASN C 12 30.93 82.38 -6.91
N PRO C 13 30.25 81.23 -6.84
CA PRO C 13 29.83 80.72 -5.53
C PRO C 13 31.02 80.44 -4.65
N PRO C 14 30.90 80.65 -3.34
CA PRO C 14 32.02 80.43 -2.42
C PRO C 14 32.25 78.95 -2.18
N GLY C 15 33.32 78.67 -1.44
CA GLY C 15 33.69 77.32 -1.11
C GLY C 15 35.06 77.25 -0.48
N PRO C 16 35.36 76.16 0.22
CA PRO C 16 36.65 76.04 0.89
C PRO C 16 37.78 75.71 -0.08
N TRP C 17 39.01 75.84 0.43
CA TRP C 17 40.18 75.51 -0.38
C TRP C 17 40.24 74.00 -0.61
N GLY C 18 40.69 73.63 -1.80
CA GLY C 18 40.83 72.23 -2.15
C GLY C 18 42.13 71.97 -2.88
N TRP C 19 42.58 70.72 -2.78
CA TRP C 19 43.81 70.32 -3.46
C TRP C 19 43.67 70.53 -4.96
N PRO C 20 44.74 70.94 -5.65
CA PRO C 20 44.60 71.29 -7.07
C PRO C 20 44.29 70.10 -7.96
N LEU C 21 44.78 68.91 -7.64
CA LEU C 21 44.62 67.76 -8.53
C LEU C 21 43.31 67.01 -8.29
N ILE C 22 42.94 66.79 -7.03
CA ILE C 22 41.76 66.01 -6.69
C ILE C 22 40.62 66.84 -6.14
N GLY C 23 40.88 68.09 -5.75
CA GLY C 23 39.81 68.91 -5.20
C GLY C 23 39.43 68.45 -3.80
N HIS C 24 38.14 68.42 -3.53
CA HIS C 24 37.60 68.08 -2.22
C HIS C 24 37.15 66.62 -2.12
N MET C 25 37.75 65.74 -2.92
CA MET C 25 37.33 64.34 -2.92
C MET C 25 37.40 63.72 -1.53
N LEU C 26 38.48 63.98 -0.79
CA LEU C 26 38.65 63.34 0.51
C LEU C 26 37.69 63.91 1.55
N THR C 27 37.27 65.16 1.39
CA THR C 27 36.35 65.75 2.35
C THR C 27 35.00 65.05 2.34
N LEU C 28 34.55 64.59 1.17
CA LEU C 28 33.28 63.88 1.08
C LEU C 28 33.35 62.56 1.84
N GLY C 29 34.35 61.74 1.54
CA GLY C 29 34.52 60.49 2.25
C GLY C 29 33.45 59.48 1.91
N LYS C 30 33.07 58.68 2.90
CA LYS C 30 32.07 57.64 2.71
C LYS C 30 30.65 58.17 2.81
N ASN C 31 30.46 59.34 3.42
CA ASN C 31 29.13 59.93 3.60
C ASN C 31 29.14 61.36 3.07
N PRO C 32 29.03 61.53 1.76
CA PRO C 32 29.03 62.90 1.20
C PRO C 32 27.90 63.77 1.74
N HIS C 33 26.71 63.19 1.93
CA HIS C 33 25.56 63.97 2.39
C HIS C 33 25.83 64.60 3.75
N LEU C 34 26.57 63.91 4.63
CA LEU C 34 26.88 64.49 5.93
C LEU C 34 27.93 65.58 5.82
N ALA C 35 28.96 65.36 5.00
CA ALA C 35 30.02 66.35 4.86
C ALA C 35 29.51 67.63 4.22
N LEU C 36 28.59 67.51 3.26
CA LEU C 36 28.05 68.68 2.58
C LEU C 36 26.98 69.40 3.40
N SER C 37 26.46 68.77 4.46
CA SER C 37 25.57 69.49 5.37
C SER C 37 26.37 70.38 6.31
N ARG C 38 27.46 69.86 6.88
CA ARG C 38 28.37 70.68 7.66
C ARG C 38 28.98 71.79 6.80
N MET C 39 29.34 71.46 5.57
CA MET C 39 29.95 72.45 4.69
C MET C 39 29.00 73.61 4.41
N SER C 40 27.71 73.32 4.21
CA SER C 40 26.74 74.37 3.94
C SER C 40 26.59 75.33 5.11
N GLN C 41 26.81 74.85 6.34
CA GLN C 41 26.70 75.71 7.51
C GLN C 41 27.67 76.87 7.46
N GLN C 42 28.78 76.73 6.73
CA GLN C 42 29.78 77.79 6.62
C GLN C 42 29.65 78.62 5.35
N TYR C 43 29.22 78.01 4.24
CA TYR C 43 29.21 78.69 2.95
C TYR C 43 27.80 78.95 2.42
N GLY C 44 26.77 78.36 3.01
CA GLY C 44 25.40 78.69 2.66
C GLY C 44 24.75 77.68 1.74
N ASP C 45 23.58 78.09 1.22
CA ASP C 45 22.78 77.20 0.40
C ASP C 45 23.42 76.94 -0.95
N VAL C 46 24.19 77.90 -1.47
CA VAL C 46 24.86 77.76 -2.76
C VAL C 46 26.37 77.83 -2.50
N LEU C 47 27.06 76.73 -2.81
CA LEU C 47 28.50 76.64 -2.64
C LEU C 47 29.08 75.81 -3.79
N GLN C 48 30.39 75.89 -3.95
CA GLN C 48 31.07 75.28 -5.08
C GLN C 48 32.21 74.42 -4.58
N ILE C 49 32.42 73.28 -5.23
CA ILE C 49 33.50 72.37 -4.88
C ILE C 49 34.16 71.83 -6.15
N ARG C 50 35.10 70.90 -5.99
CA ARG C 50 35.76 70.26 -7.12
C ARG C 50 35.97 68.79 -6.79
N ILE C 51 35.59 67.93 -7.73
CA ILE C 51 35.91 66.51 -7.68
C ILE C 51 36.88 66.24 -8.83
N GLY C 52 38.15 66.06 -8.50
CA GLY C 52 39.17 66.02 -9.52
C GLY C 52 39.35 67.40 -10.15
N SER C 53 39.10 67.50 -11.45
CA SER C 53 39.12 68.78 -12.14
C SER C 53 37.75 69.37 -12.37
N THR C 54 36.69 68.58 -12.19
CA THR C 54 35.35 69.03 -12.53
C THR C 54 34.75 69.83 -11.39
N PRO C 55 34.33 71.07 -11.60
CA PRO C 55 33.63 71.81 -10.55
C PRO C 55 32.20 71.28 -10.36
N VAL C 56 31.70 71.42 -9.13
CA VAL C 56 30.35 70.99 -8.79
C VAL C 56 29.76 71.99 -7.81
N VAL C 57 28.49 72.34 -8.02
CA VAL C 57 27.76 73.27 -7.17
C VAL C 57 26.75 72.48 -6.34
N VAL C 58 26.76 72.69 -5.03
CA VAL C 58 25.90 71.97 -4.09
C VAL C 58 24.81 72.93 -3.61
N LEU C 59 23.57 72.51 -3.76
CA LEU C 59 22.41 73.31 -3.38
C LEU C 59 21.82 72.78 -2.08
N SER C 60 21.55 73.69 -1.15
CA SER C 60 20.95 73.35 0.14
C SER C 60 19.81 74.32 0.42
N GLY C 61 19.17 74.15 1.58
CA GLY C 61 18.10 75.03 1.96
C GLY C 61 16.84 74.82 1.15
N LEU C 62 15.67 74.92 1.79
CA LEU C 62 14.41 74.65 1.12
C LEU C 62 14.05 75.76 0.14
N ASP C 63 14.07 77.02 0.61
CA ASP C 63 13.69 78.13 -0.24
C ASP C 63 14.64 78.27 -1.43
N THR C 64 15.94 78.08 -1.21
CA THR C 64 16.91 78.23 -2.29
C THR C 64 16.70 77.16 -3.37
N ILE C 65 16.38 75.93 -2.97
CA ILE C 65 16.18 74.86 -3.94
C ILE C 65 14.88 75.06 -4.71
N ARG C 66 13.82 75.48 -4.02
CA ARG C 66 12.56 75.74 -4.69
C ARG C 66 12.74 76.78 -5.80
N GLN C 67 13.64 77.74 -5.59
CA GLN C 67 13.94 78.73 -6.63
C GLN C 67 14.49 78.06 -7.88
N ALA C 68 15.42 77.14 -7.70
CA ALA C 68 16.17 76.59 -8.83
C ALA C 68 15.37 75.54 -9.60
N LEU C 69 14.71 74.63 -8.90
CA LEU C 69 14.05 73.51 -9.56
C LEU C 69 12.67 73.87 -10.08
N VAL C 70 11.95 74.75 -9.39
CA VAL C 70 10.57 75.06 -9.77
C VAL C 70 10.54 76.31 -10.64
N ARG C 71 10.81 77.47 -10.03
CA ARG C 71 10.66 78.73 -10.75
C ARG C 71 11.65 78.84 -11.90
N GLN C 72 12.83 78.25 -11.74
CA GLN C 72 13.85 78.21 -12.80
C GLN C 72 14.08 76.78 -13.28
N GLY C 73 13.02 75.97 -13.32
CA GLY C 73 13.17 74.57 -13.64
C GLY C 73 13.89 74.35 -14.95
N ASP C 74 13.62 75.19 -15.94
CA ASP C 74 14.26 75.04 -17.24
C ASP C 74 15.76 75.34 -17.18
N ASP C 75 16.22 76.05 -16.15
CA ASP C 75 17.63 76.34 -16.00
C ASP C 75 18.40 75.23 -15.30
N PHE C 76 17.70 74.31 -14.61
CA PHE C 76 18.36 73.26 -13.84
C PHE C 76 17.77 71.89 -14.13
N LYS C 77 17.20 71.70 -15.31
CA LYS C 77 16.54 70.44 -15.66
C LYS C 77 17.46 69.48 -16.41
N GLY C 78 18.75 69.79 -16.52
CA GLY C 78 19.65 68.96 -17.30
C GLY C 78 20.27 67.83 -16.48
N ARG C 79 20.91 66.92 -17.19
CA ARG C 79 21.65 65.82 -16.60
C ARG C 79 23.10 65.91 -17.05
N PRO C 80 24.07 65.82 -16.15
CA PRO C 80 25.47 65.90 -16.58
C PRO C 80 25.87 64.69 -17.42
N ASP C 81 26.92 64.89 -18.23
CA ASP C 81 27.45 63.83 -19.09
C ASP C 81 28.40 62.96 -18.26
N LEU C 82 27.81 62.04 -17.51
CA LEU C 82 28.56 61.13 -16.67
C LEU C 82 28.63 59.75 -17.31
N TYR C 83 29.77 59.08 -17.10
CA TYR C 83 30.00 57.77 -17.71
C TYR C 83 29.05 56.72 -17.13
N THR C 84 28.91 56.70 -15.80
CA THR C 84 28.06 55.70 -15.17
C THR C 84 26.67 55.71 -15.78
N PHE C 85 26.18 56.88 -16.19
CA PHE C 85 24.86 56.95 -16.79
C PHE C 85 24.85 56.32 -18.18
N THR C 86 25.98 56.32 -18.87
CA THR C 86 26.05 55.71 -20.19
C THR C 86 25.87 54.19 -20.15
N LEU C 87 26.07 53.58 -18.99
CA LEU C 87 25.91 52.14 -18.83
C LEU C 87 24.49 51.74 -18.46
N ILE C 88 23.57 52.69 -18.37
CA ILE C 88 22.21 52.44 -17.92
C ILE C 88 21.30 52.41 -19.14
N SER C 89 20.59 51.30 -19.32
CA SER C 89 19.64 51.15 -20.43
C SER C 89 20.33 51.40 -21.77
N ASN C 90 21.47 50.73 -21.98
CA ASN C 90 22.24 50.84 -23.22
C ASN C 90 22.60 52.30 -23.53
N GLY C 91 22.79 53.11 -22.49
CA GLY C 91 23.12 54.49 -22.68
C GLY C 91 22.01 55.35 -23.23
N GLN C 92 20.76 54.89 -23.14
CA GLN C 92 19.60 55.61 -23.65
C GLN C 92 18.50 55.66 -22.58
N SER C 93 18.89 55.99 -21.36
CA SER C 93 17.95 56.03 -20.24
C SER C 93 17.24 57.37 -20.19
N MET C 94 15.89 57.33 -20.12
CA MET C 94 15.11 58.55 -19.98
C MET C 94 15.53 59.35 -18.75
N SER C 95 15.78 58.67 -17.64
CA SER C 95 16.01 59.36 -16.37
C SER C 95 17.45 59.83 -16.22
N PHE C 96 18.40 59.17 -16.87
CA PHE C 96 19.81 59.43 -16.63
C PHE C 96 20.55 60.00 -17.83
N SER C 97 20.04 59.82 -19.05
CA SER C 97 20.72 60.35 -20.22
C SER C 97 20.78 61.88 -20.15
N PRO C 98 21.69 62.50 -20.91
CA PRO C 98 21.79 63.97 -20.89
C PRO C 98 20.60 64.67 -21.54
N ASP C 99 19.76 63.94 -22.27
CA ASP C 99 18.62 64.53 -22.95
C ASP C 99 17.69 65.21 -21.94
N SER C 100 17.54 66.54 -22.10
CA SER C 100 16.60 67.32 -21.30
C SER C 100 15.76 68.22 -22.18
N GLY C 101 15.75 67.99 -23.50
CA GLY C 101 15.05 68.82 -24.44
C GLY C 101 13.68 68.29 -24.78
N PRO C 102 13.23 68.51 -26.02
CA PRO C 102 11.86 68.12 -26.37
C PRO C 102 11.63 66.62 -26.39
N VAL C 103 12.65 65.82 -26.75
CA VAL C 103 12.47 64.38 -26.79
C VAL C 103 12.18 63.82 -25.40
N TRP C 104 12.88 64.32 -24.39
CA TRP C 104 12.69 63.83 -23.03
C TRP C 104 11.26 64.11 -22.54
N ALA C 105 10.80 65.36 -22.66
CA ALA C 105 9.49 65.71 -22.14
C ALA C 105 8.40 64.80 -22.68
N ALA C 106 8.52 64.38 -23.95
CA ALA C 106 7.54 63.46 -24.52
C ALA C 106 7.57 62.11 -23.80
N ARG C 107 8.78 61.58 -23.59
CA ARG C 107 8.90 60.29 -22.89
C ARG C 107 8.37 60.38 -21.46
N ARG C 108 8.63 61.50 -20.78
CA ARG C 108 8.16 61.65 -19.41
C ARG C 108 6.65 61.53 -19.34
N ARG C 109 5.94 62.22 -20.24
CA ARG C 109 4.48 62.13 -20.27
C ARG C 109 4.03 60.71 -20.59
N LEU C 110 4.76 60.01 -21.46
CA LEU C 110 4.44 58.61 -21.73
C LEU C 110 4.48 57.79 -20.45
N ALA C 111 5.48 58.02 -19.60
CA ALA C 111 5.55 57.31 -18.32
C ALA C 111 4.40 57.72 -17.40
N GLN C 112 4.16 59.03 -17.26
CA GLN C 112 3.07 59.51 -16.42
C GLN C 112 1.75 58.91 -16.87
N ASN C 113 1.44 59.01 -18.17
CA ASN C 113 0.18 58.48 -18.67
C ASN C 113 0.15 56.96 -18.55
N GLY C 114 1.25 56.29 -18.90
CA GLY C 114 1.30 54.84 -18.75
C GLY C 114 1.10 54.39 -17.31
N LEU C 115 1.74 55.08 -16.36
CA LEU C 115 1.60 54.73 -14.96
C LEU C 115 0.16 54.92 -14.48
N LYS C 116 -0.37 56.14 -14.63
CA LYS C 116 -1.73 56.41 -14.19
C LYS C 116 -2.72 55.43 -14.82
N SER C 117 -2.49 55.07 -16.09
CA SER C 117 -3.44 54.21 -16.79
C SER C 117 -3.54 52.83 -16.15
N PHE C 118 -2.51 52.40 -15.41
CA PHE C 118 -2.45 51.06 -14.84
C PHE C 118 -2.13 51.10 -13.35
N SER C 119 -2.46 52.21 -12.68
CA SER C 119 -2.25 52.31 -11.24
C SER C 119 -3.43 53.01 -10.57
N ILE C 120 -3.78 54.20 -11.06
CA ILE C 120 -4.89 54.96 -10.46
C ILE C 120 -6.23 54.60 -11.10
N ALA C 121 -6.23 54.20 -12.36
CA ALA C 121 -7.48 53.91 -13.06
C ALA C 121 -8.23 52.79 -12.39
N SER C 122 -9.54 52.74 -12.64
CA SER C 122 -10.40 51.73 -12.04
C SER C 122 -10.10 50.36 -12.62
N ASP C 123 -10.02 49.37 -11.74
CA ASP C 123 -9.76 48.00 -12.16
C ASP C 123 -11.02 47.39 -12.77
N PRO C 124 -10.97 46.88 -14.01
CA PRO C 124 -12.17 46.23 -14.57
C PRO C 124 -12.70 45.08 -13.73
N ALA C 125 -11.81 44.34 -13.05
CA ALA C 125 -12.22 43.19 -12.25
C ALA C 125 -13.11 43.61 -11.08
N SER C 126 -12.78 44.73 -10.44
CA SER C 126 -13.46 45.23 -9.26
C SER C 126 -14.24 46.49 -9.59
N SER C 127 -15.16 46.84 -8.71
CA SER C 127 -15.98 48.03 -8.91
C SER C 127 -15.22 49.28 -8.51
N THR C 128 -15.24 49.63 -7.22
CA THR C 128 -14.71 50.92 -6.76
C THR C 128 -13.28 50.81 -6.25
N SER C 129 -12.42 50.11 -6.99
CA SER C 129 -11.02 49.93 -6.61
C SER C 129 -10.15 50.19 -7.82
N CYS C 130 -8.93 50.65 -7.57
CA CYS C 130 -7.95 50.86 -8.62
C CYS C 130 -7.02 49.66 -8.76
N TYR C 131 -6.19 49.70 -9.81
CA TYR C 131 -5.24 48.62 -10.05
C TYR C 131 -4.30 48.43 -8.86
N LEU C 132 -3.67 49.52 -8.40
CA LEU C 132 -2.67 49.42 -7.35
C LEU C 132 -3.24 48.78 -6.09
N GLU C 133 -4.40 49.25 -5.64
CA GLU C 133 -4.98 48.73 -4.40
C GLU C 133 -5.21 47.22 -4.49
N GLU C 134 -5.61 46.74 -5.67
CA GLU C 134 -5.85 45.31 -5.84
C GLU C 134 -4.55 44.51 -5.78
N HIS C 135 -3.50 45.00 -6.47
CA HIS C 135 -2.22 44.29 -6.48
C HIS C 135 -1.60 44.25 -5.08
N VAL C 136 -1.51 45.40 -4.42
CA VAL C 136 -0.87 45.46 -3.11
C VAL C 136 -1.61 44.56 -2.13
N SER C 137 -2.95 44.57 -2.18
CA SER C 137 -3.72 43.73 -1.27
C SER C 137 -3.40 42.25 -1.46
N LYS C 138 -3.27 41.80 -2.72
CA LYS C 138 -2.92 40.41 -2.98
C LYS C 138 -1.53 40.08 -2.44
N GLU C 139 -0.53 40.90 -2.79
CA GLU C 139 0.84 40.61 -2.37
C GLU C 139 0.99 40.71 -0.86
N ALA C 140 0.28 41.64 -0.24
CA ALA C 140 0.32 41.76 1.22
C ALA C 140 -0.15 40.46 1.88
N GLU C 141 -1.21 39.86 1.34
CA GLU C 141 -1.70 38.60 1.90
C GLU C 141 -0.67 37.48 1.72
N VAL C 142 -0.10 37.37 0.52
CA VAL C 142 0.93 36.35 0.28
C VAL C 142 2.12 36.58 1.21
N LEU C 143 2.45 37.85 1.47
CA LEU C 143 3.58 38.16 2.34
C LEU C 143 3.32 37.71 3.77
N ILE C 144 2.11 37.93 4.28
CA ILE C 144 1.80 37.52 5.65
C ILE C 144 1.92 36.00 5.78
N SER C 145 1.36 35.27 4.82
CA SER C 145 1.48 33.81 4.84
C SER C 145 2.93 33.37 4.75
N THR C 146 3.72 34.01 3.88
CA THR C 146 5.11 33.63 3.70
C THR C 146 5.92 33.82 4.98
N LEU C 147 5.55 34.79 5.81
CA LEU C 147 6.28 35.01 7.05
C LEU C 147 5.85 34.04 8.16
N GLN C 148 4.58 33.64 8.17
CA GLN C 148 4.14 32.65 9.15
C GLN C 148 4.90 31.34 9.01
N GLU C 149 5.23 30.97 7.76
CA GLU C 149 6.04 29.77 7.54
C GLU C 149 7.39 29.88 8.24
N LEU C 150 8.03 31.05 8.16
CA LEU C 150 9.36 31.21 8.72
C LEU C 150 9.33 31.26 10.23
N MET C 151 8.25 31.79 10.82
CA MET C 151 8.14 31.77 12.27
C MET C 151 7.85 30.38 12.81
N ALA C 152 7.18 29.55 12.01
CA ALA C 152 6.90 28.17 12.44
C ALA C 152 8.17 27.34 12.45
N GLY C 153 9.09 27.59 11.52
CA GLY C 153 10.32 26.84 11.43
C GLY C 153 11.49 27.55 12.07
N PRO C 154 12.29 28.28 11.28
CA PRO C 154 13.48 28.93 11.84
C PRO C 154 13.20 29.83 13.02
N GLY C 155 12.05 30.48 13.07
CA GLY C 155 11.73 31.42 14.12
C GLY C 155 12.30 32.81 13.92
N HIS C 156 13.04 33.04 12.85
CA HIS C 156 13.57 34.36 12.55
C HIS C 156 13.75 34.47 11.04
N PHE C 157 13.89 35.70 10.56
CA PHE C 157 13.97 35.93 9.12
C PHE C 157 14.55 37.32 8.86
N ASN C 158 15.01 37.51 7.63
CA ASN C 158 15.43 38.81 7.15
C ASN C 158 14.30 39.41 6.34
N PRO C 159 13.67 40.49 6.78
CA PRO C 159 12.48 40.99 6.06
C PRO C 159 12.80 41.48 4.66
N TYR C 160 13.99 42.05 4.43
CA TYR C 160 14.28 42.63 3.12
C TYR C 160 14.17 41.61 2.01
N ARG C 161 14.61 40.37 2.26
CA ARG C 161 14.58 39.36 1.20
C ARG C 161 13.16 39.12 0.69
N TYR C 162 12.16 39.29 1.54
CA TYR C 162 10.79 38.97 1.17
C TYR C 162 9.97 40.21 0.82
N VAL C 163 10.34 41.37 1.37
CA VAL C 163 9.68 42.61 0.97
C VAL C 163 10.10 43.02 -0.43
N VAL C 164 11.35 42.73 -0.82
CA VAL C 164 11.81 43.11 -2.15
C VAL C 164 11.02 42.36 -3.22
N VAL C 165 10.60 41.13 -2.92
CA VAL C 165 9.80 40.37 -3.88
C VAL C 165 8.38 40.88 -3.93
N SER C 166 7.76 41.10 -2.76
CA SER C 166 6.39 41.60 -2.73
C SER C 166 6.29 42.94 -3.45
N VAL C 167 7.22 43.85 -3.19
CA VAL C 167 7.20 45.16 -3.85
C VAL C 167 7.47 45.03 -5.33
N THR C 168 8.30 44.06 -5.73
CA THR C 168 8.60 43.88 -7.14
C THR C 168 7.37 43.38 -7.90
N ASN C 169 6.62 42.46 -7.30
CA ASN C 169 5.44 41.91 -7.96
C ASN C 169 4.41 43.01 -8.26
N VAL C 170 4.37 44.06 -7.44
CA VAL C 170 3.43 45.15 -7.68
C VAL C 170 3.85 45.93 -8.92
N ILE C 171 5.08 46.45 -8.93
CA ILE C 171 5.55 47.21 -10.09
C ILE C 171 5.75 46.29 -11.29
N CYS C 172 6.07 45.01 -11.06
CA CYS C 172 6.24 44.08 -12.17
C CYS C 172 4.91 43.79 -12.85
N ALA C 173 3.83 43.67 -12.07
CA ALA C 173 2.51 43.49 -12.65
C ALA C 173 2.06 44.75 -13.36
N ILE C 174 2.39 45.92 -12.81
CA ILE C 174 2.04 47.18 -13.46
C ILE C 174 2.82 47.36 -14.75
N CYS C 175 4.05 46.83 -14.82
CA CYS C 175 4.90 47.03 -15.98
C CYS C 175 4.77 45.89 -16.99
N PHE C 176 4.69 44.65 -16.51
CA PHE C 176 4.73 43.48 -17.38
C PHE C 176 3.52 42.57 -17.25
N GLY C 177 2.71 42.72 -16.21
CA GLY C 177 1.50 41.94 -16.09
C GLY C 177 1.70 40.54 -15.56
N ARG C 178 2.73 40.32 -14.75
CA ARG C 178 2.98 39.01 -14.17
C ARG C 178 3.66 39.16 -12.82
N ARG C 179 3.53 38.13 -12.00
CA ARG C 179 4.19 38.03 -10.72
C ARG C 179 5.09 36.79 -10.69
N TYR C 180 6.02 36.78 -9.74
CA TYR C 180 6.98 35.71 -9.59
C TYR C 180 6.93 35.17 -8.17
N ASP C 181 7.45 33.96 -7.99
CA ASP C 181 7.46 33.28 -6.70
C ASP C 181 8.61 33.82 -5.83
N HIS C 182 8.46 33.61 -4.52
CA HIS C 182 9.45 34.11 -3.57
C HIS C 182 10.83 33.49 -3.80
N ASN C 183 10.87 32.20 -4.12
CA ASN C 183 12.13 31.51 -4.35
C ASN C 183 12.60 31.58 -5.79
N HIS C 184 11.94 32.38 -6.63
CA HIS C 184 12.36 32.52 -8.01
C HIS C 184 13.81 32.99 -8.06
N GLN C 185 14.65 32.23 -8.73
CA GLN C 185 16.09 32.50 -8.72
C GLN C 185 16.45 33.68 -9.62
N GLU C 186 15.80 33.81 -10.77
CA GLU C 186 16.16 34.86 -11.71
C GLU C 186 15.59 36.22 -11.34
N LEU C 187 14.70 36.29 -10.35
CA LEU C 187 14.25 37.58 -9.83
C LEU C 187 15.16 38.07 -8.70
N LEU C 188 15.39 37.20 -7.70
CA LEU C 188 16.35 37.54 -6.65
C LEU C 188 17.73 37.83 -7.23
N SER C 189 18.06 37.22 -8.37
CA SER C 189 19.30 37.54 -9.06
C SER C 189 19.31 38.97 -9.59
N LEU C 190 18.15 39.61 -9.72
CA LEU C 190 18.04 40.92 -10.31
C LEU C 190 17.90 42.04 -9.29
N VAL C 191 17.29 41.79 -8.13
CA VAL C 191 16.84 42.84 -7.23
C VAL C 191 17.71 42.96 -5.99
N ASN C 192 17.97 41.85 -5.29
CA ASN C 192 18.69 41.92 -4.03
C ASN C 192 20.04 41.21 -4.01
N LEU C 193 20.37 40.43 -5.04
CA LEU C 193 21.63 39.69 -5.05
C LEU C 193 22.75 40.61 -5.51
N ASN C 194 23.37 41.31 -4.56
CA ASN C 194 24.55 42.12 -4.83
C ASN C 194 24.29 43.13 -5.95
N ASN C 195 23.27 43.96 -5.73
CA ASN C 195 22.96 45.03 -6.66
C ASN C 195 23.68 46.29 -6.19
N ASN C 196 24.60 46.80 -7.02
CA ASN C 196 25.41 47.96 -6.66
C ASN C 196 24.99 49.21 -7.41
N PHE C 197 23.76 49.23 -7.94
CA PHE C 197 23.27 50.41 -8.65
C PHE C 197 23.40 51.66 -7.79
N GLY C 198 22.85 51.61 -6.57
CA GLY C 198 22.86 52.77 -5.71
C GLY C 198 24.25 53.15 -5.21
N GLU C 199 25.15 52.17 -5.10
CA GLU C 199 26.48 52.49 -4.59
C GLU C 199 27.32 53.24 -5.61
N VAL C 200 27.16 52.95 -6.90
CA VAL C 200 28.01 53.55 -7.93
C VAL C 200 27.32 54.78 -8.51
N VAL C 201 25.98 54.77 -8.55
CA VAL C 201 25.26 55.88 -9.16
C VAL C 201 25.08 57.04 -8.19
N GLY C 202 25.19 56.81 -6.89
CA GLY C 202 25.11 57.87 -5.91
C GLY C 202 25.98 59.06 -6.26
N SER C 203 25.44 60.27 -6.07
CA SER C 203 26.16 61.49 -6.43
C SER C 203 27.55 61.50 -5.80
N GLY C 204 28.55 61.86 -6.60
CA GLY C 204 29.91 61.95 -6.13
C GLY C 204 30.79 60.77 -6.46
N ASN C 205 30.31 59.83 -7.27
CA ASN C 205 31.11 58.67 -7.64
C ASN C 205 32.45 59.14 -8.23
N PRO C 206 33.58 58.84 -7.59
CA PRO C 206 34.86 59.30 -8.14
C PRO C 206 35.09 58.86 -9.58
N ALA C 207 34.60 57.68 -9.97
CA ALA C 207 34.83 57.19 -11.31
C ALA C 207 34.31 58.17 -12.36
N ASP C 208 33.27 58.94 -12.02
CA ASP C 208 32.69 59.88 -12.97
C ASP C 208 33.56 61.12 -13.17
N PHE C 209 34.48 61.43 -12.25
CA PHE C 209 35.28 62.63 -12.33
C PHE C 209 36.78 62.36 -12.42
N ILE C 210 37.23 61.13 -12.22
CA ILE C 210 38.63 60.77 -12.37
C ILE C 210 38.75 59.79 -13.53
N PRO C 211 39.20 60.26 -14.71
CA PRO C 211 39.17 59.38 -15.89
C PRO C 211 39.96 58.08 -15.74
N ILE C 212 40.88 58.00 -14.78
CA ILE C 212 41.75 56.84 -14.69
C ILE C 212 41.06 55.64 -14.06
N LEU C 213 40.13 55.88 -13.12
CA LEU C 213 39.45 54.78 -12.44
C LEU C 213 38.60 53.93 -13.37
N ARG C 214 38.34 54.38 -14.60
CA ARG C 214 37.52 53.62 -15.53
C ARG C 214 38.23 52.39 -16.06
N TYR C 215 39.56 52.40 -16.10
CA TYR C 215 40.33 51.35 -16.73
C TYR C 215 41.07 50.46 -15.74
N LEU C 216 41.16 50.84 -14.48
CA LEU C 216 41.82 50.02 -13.49
C LEU C 216 40.91 48.88 -13.04
N PRO C 217 41.48 47.84 -12.41
CA PRO C 217 40.65 46.76 -11.85
C PRO C 217 39.58 47.27 -10.91
N ASN C 218 38.32 47.21 -11.33
CA ASN C 218 37.19 47.73 -10.57
C ASN C 218 36.12 46.66 -10.50
N PRO C 219 36.16 45.79 -9.47
CA PRO C 219 35.13 44.75 -9.40
C PRO C 219 33.73 45.29 -9.25
N SER C 220 33.57 46.40 -8.51
CA SER C 220 32.25 47.00 -8.37
C SER C 220 31.72 47.49 -9.71
N LEU C 221 32.57 48.13 -10.51
CA LEU C 221 32.11 48.69 -11.78
C LEU C 221 31.80 47.59 -12.79
N ASN C 222 32.60 46.53 -12.81
CA ASN C 222 32.35 45.45 -13.76
C ASN C 222 31.02 44.76 -13.46
N ALA C 223 30.73 44.51 -12.18
CA ALA C 223 29.43 43.97 -11.81
C ALA C 223 28.30 44.90 -12.23
N PHE C 224 28.55 46.21 -12.23
CA PHE C 224 27.55 47.17 -12.68
C PHE C 224 27.29 47.00 -14.17
N LYS C 225 28.35 46.86 -14.98
CA LYS C 225 28.18 46.65 -16.41
C LYS C 225 27.48 45.32 -16.69
N ASP C 226 27.85 44.28 -15.94
CA ASP C 226 27.32 42.94 -16.21
C ASP C 226 25.82 42.87 -16.00
N LEU C 227 25.34 43.31 -14.83
CA LEU C 227 23.91 43.17 -14.54
C LEU C 227 23.07 44.12 -15.37
N ASN C 228 23.58 45.32 -15.68
CA ASN C 228 22.85 46.22 -16.54
C ASN C 228 22.57 45.56 -17.89
N GLU C 229 23.45 44.66 -18.33
CA GLU C 229 23.21 43.93 -19.57
C GLU C 229 22.12 42.88 -19.41
N LYS C 230 22.02 42.24 -18.24
CA LYS C 230 20.90 41.33 -18.01
C LYS C 230 19.57 42.08 -18.02
N PHE C 231 19.50 43.20 -17.29
CA PHE C 231 18.28 43.99 -17.27
C PHE C 231 17.81 44.28 -18.70
N TYR C 232 18.73 44.70 -19.56
CA TYR C 232 18.36 44.99 -20.94
C TYR C 232 17.97 43.73 -21.70
N SER C 233 18.50 42.58 -21.29
CA SER C 233 18.09 41.31 -21.89
C SER C 233 16.78 40.81 -21.30
N PHE C 234 16.59 41.01 -19.99
CA PHE C 234 15.29 40.73 -19.37
C PHE C 234 14.19 41.53 -20.06
N MET C 235 14.47 42.78 -20.39
CA MET C 235 13.51 43.61 -21.12
C MET C 235 13.16 42.98 -22.47
N GLN C 236 14.18 42.66 -23.26
CA GLN C 236 13.95 42.11 -24.59
C GLN C 236 13.08 40.84 -24.53
N LYS C 237 13.41 39.94 -23.60
CA LYS C 237 12.58 38.75 -23.41
C LYS C 237 11.12 39.11 -23.21
N MET C 238 10.87 40.11 -22.37
CA MET C 238 9.49 40.50 -22.07
C MET C 238 8.83 41.17 -23.26
N VAL C 239 9.54 42.07 -23.92
CA VAL C 239 8.96 42.80 -25.06
C VAL C 239 8.59 41.83 -26.18
N LYS C 240 9.40 40.79 -26.39
CA LYS C 240 9.06 39.80 -27.41
C LYS C 240 7.84 38.99 -26.99
N GLU C 241 7.85 38.50 -25.75
CA GLU C 241 6.69 37.77 -25.24
C GLU C 241 5.41 38.60 -25.33
N HIS C 242 5.52 39.93 -25.24
CA HIS C 242 4.35 40.78 -25.30
C HIS C 242 3.92 41.08 -26.73
N TYR C 243 4.87 41.44 -27.60
CA TYR C 243 4.51 41.73 -28.99
C TYR C 243 3.93 40.51 -29.68
N LYS C 244 4.42 39.31 -29.35
CA LYS C 244 3.91 38.10 -29.98
C LYS C 244 2.46 37.85 -29.58
N THR C 245 2.12 38.10 -28.32
CA THR C 245 0.77 37.92 -27.81
C THR C 245 0.01 39.24 -27.73
N PHE C 246 0.48 40.26 -28.45
CA PHE C 246 -0.11 41.60 -28.37
C PHE C 246 -1.47 41.65 -29.05
N GLU C 247 -2.47 42.13 -28.32
CA GLU C 247 -3.80 42.38 -28.87
C GLU C 247 -3.99 43.88 -29.03
N LYS C 248 -4.32 44.30 -30.26
CA LYS C 248 -4.27 45.72 -30.60
C LYS C 248 -5.25 46.56 -29.80
N GLY C 249 -6.39 45.99 -29.42
CA GLY C 249 -7.42 46.74 -28.71
C GLY C 249 -7.49 46.49 -27.23
N HIS C 250 -6.69 45.56 -26.70
CA HIS C 250 -6.69 45.21 -25.28
C HIS C 250 -5.30 45.51 -24.72
N ILE C 251 -5.12 46.72 -24.20
CA ILE C 251 -3.84 47.10 -23.59
C ILE C 251 -3.80 46.52 -22.18
N ARG C 252 -2.82 45.67 -21.92
CA ARG C 252 -2.75 44.92 -20.67
C ARG C 252 -1.88 45.58 -19.61
N ASP C 253 -0.82 46.28 -20.00
CA ASP C 253 0.13 46.83 -19.06
C ASP C 253 0.89 47.97 -19.73
N ILE C 254 1.91 48.49 -19.04
CA ILE C 254 2.68 49.61 -19.58
C ILE C 254 3.49 49.19 -20.79
N THR C 255 3.95 47.94 -20.82
CA THR C 255 4.68 47.46 -21.99
C THR C 255 3.82 47.53 -23.25
N ASP C 256 2.53 47.20 -23.13
CA ASP C 256 1.64 47.27 -24.28
C ASP C 256 1.37 48.72 -24.67
N SER C 257 1.13 49.60 -23.71
CA SER C 257 0.86 51.00 -24.04
C SER C 257 2.03 51.65 -24.77
N LEU C 258 3.25 51.13 -24.56
CA LEU C 258 4.41 51.61 -25.29
C LEU C 258 4.57 50.93 -26.64
N ILE C 259 4.28 49.63 -26.70
CA ILE C 259 4.20 48.95 -28.00
C ILE C 259 3.10 49.58 -28.85
N GLU C 260 1.96 49.88 -28.23
CA GLU C 260 0.86 50.54 -28.93
C GLU C 260 1.30 51.86 -29.55
N HIS C 261 2.22 52.57 -28.88
CA HIS C 261 2.67 53.86 -29.37
C HIS C 261 3.67 53.73 -30.51
N CYS C 262 4.33 52.59 -30.63
CA CYS C 262 5.25 52.34 -31.73
C CYS C 262 4.49 52.19 -33.04
N SER C 276 12.40 57.09 -31.11
CA SER C 276 12.66 55.76 -31.66
C SER C 276 11.90 54.71 -30.86
N ASP C 277 11.81 53.49 -31.41
CA ASP C 277 11.15 52.41 -30.67
C ASP C 277 11.95 51.99 -29.45
N GLU C 278 13.28 51.92 -29.59
CA GLU C 278 14.11 51.52 -28.46
C GLU C 278 13.98 52.51 -27.31
N LYS C 279 14.01 53.80 -27.61
CA LYS C 279 13.90 54.83 -26.58
C LYS C 279 12.50 54.90 -25.98
N ILE C 280 11.50 54.33 -26.65
CA ILE C 280 10.15 54.28 -26.11
C ILE C 280 9.94 53.05 -25.23
N ILE C 281 10.63 51.95 -25.53
CA ILE C 281 10.41 50.70 -24.80
C ILE C 281 11.15 50.70 -23.47
N ASN C 282 12.37 51.25 -23.44
CA ASN C 282 13.18 51.19 -22.22
C ASN C 282 12.62 52.03 -21.08
N ILE C 283 11.46 52.66 -21.24
CA ILE C 283 10.87 53.41 -20.15
C ILE C 283 10.49 52.48 -19.01
N VAL C 284 9.98 51.29 -19.34
CA VAL C 284 9.63 50.31 -18.30
C VAL C 284 10.84 49.96 -17.46
N LEU C 285 12.04 50.08 -18.03
CA LEU C 285 13.25 49.75 -17.29
C LEU C 285 13.51 50.77 -16.19
N ASP C 286 13.30 52.05 -16.48
CA ASP C 286 13.45 53.08 -15.45
C ASP C 286 12.33 52.98 -14.42
N LEU C 287 11.10 52.73 -14.87
CA LEU C 287 9.98 52.58 -13.95
C LEU C 287 10.17 51.34 -13.08
N PHE C 288 10.56 50.21 -13.68
CA PHE C 288 10.77 49.00 -12.91
C PHE C 288 11.93 49.15 -11.94
N GLY C 289 13.02 49.79 -12.36
CA GLY C 289 14.16 49.95 -11.48
C GLY C 289 13.85 50.82 -10.28
N ALA C 290 13.22 51.97 -10.51
CA ALA C 290 12.84 52.84 -9.41
C ALA C 290 11.73 52.23 -8.57
N GLY C 291 10.88 51.40 -9.17
CA GLY C 291 9.75 50.84 -8.46
C GLY C 291 10.15 49.91 -7.33
N PHE C 292 10.89 48.84 -7.66
CA PHE C 292 11.20 47.84 -6.65
C PHE C 292 12.28 48.31 -5.70
N ASP C 293 13.14 49.23 -6.14
CA ASP C 293 14.28 49.64 -5.30
C ASP C 293 13.85 50.69 -4.27
N THR C 294 13.21 51.76 -4.73
CA THR C 294 12.91 52.89 -3.84
C THR C 294 11.84 52.52 -2.83
N VAL C 295 10.75 51.92 -3.29
CA VAL C 295 9.65 51.57 -2.39
C VAL C 295 10.10 50.50 -1.39
N THR C 296 10.87 49.52 -1.86
CA THR C 296 11.37 48.48 -0.96
C THR C 296 12.22 49.05 0.15
N THR C 297 13.11 49.99 -0.19
CA THR C 297 13.95 50.62 0.83
C THR C 297 13.09 51.39 1.84
N ALA C 298 12.05 52.09 1.35
CA ALA C 298 11.17 52.84 2.24
C ALA C 298 10.51 51.91 3.25
N ILE C 299 9.94 50.81 2.79
CA ILE C 299 9.28 49.86 3.68
C ILE C 299 10.28 49.24 4.64
N SER C 300 11.47 48.92 4.15
CA SER C 300 12.51 48.33 4.99
C SER C 300 12.83 49.23 6.17
N TRP C 301 13.05 50.52 5.92
CA TRP C 301 13.34 51.45 7.00
C TRP C 301 12.17 51.57 7.96
N SER C 302 10.93 51.56 7.44
CA SER C 302 9.77 51.64 8.32
C SER C 302 9.77 50.51 9.33
N LEU C 303 9.99 49.28 8.87
CA LEU C 303 10.03 48.14 9.77
C LEU C 303 11.13 48.30 10.82
N MET C 304 12.29 48.82 10.41
CA MET C 304 13.38 49.03 11.35
C MET C 304 12.97 50.01 12.44
N TYR C 305 12.28 51.09 12.06
CA TYR C 305 11.87 52.09 13.05
C TYR C 305 10.77 51.55 13.96
N LEU C 306 9.87 50.74 13.41
CA LEU C 306 8.82 50.14 14.23
C LEU C 306 9.39 49.22 15.29
N VAL C 307 10.41 48.43 14.91
CA VAL C 307 10.99 47.47 15.84
C VAL C 307 11.83 48.18 16.89
N MET C 308 12.55 49.23 16.51
CA MET C 308 13.35 49.99 17.46
C MET C 308 12.53 51.01 18.24
N ASN C 309 11.28 51.24 17.85
CA ASN C 309 10.37 52.13 18.57
C ASN C 309 9.03 51.41 18.75
N PRO C 310 8.97 50.43 19.65
CA PRO C 310 7.68 49.73 19.86
C PRO C 310 6.57 50.65 20.32
N ARG C 311 6.90 51.79 20.93
CA ARG C 311 5.88 52.75 21.34
C ARG C 311 5.09 53.23 20.13
N VAL C 312 5.79 53.65 19.07
CA VAL C 312 5.07 54.20 17.92
C VAL C 312 4.31 53.11 17.20
N GLN C 313 4.78 51.86 17.26
CA GLN C 313 4.03 50.76 16.64
C GLN C 313 2.69 50.58 17.33
N ARG C 314 2.67 50.59 18.67
CA ARG C 314 1.42 50.45 19.39
C ARG C 314 0.49 51.63 19.14
N LYS C 315 1.01 52.86 19.24
CA LYS C 315 0.18 54.02 18.95
C LYS C 315 -0.41 53.93 17.54
N ILE C 316 0.33 53.35 16.60
CA ILE C 316 -0.24 53.06 15.28
C ILE C 316 -1.35 52.03 15.39
N GLN C 317 -1.02 50.86 15.95
CA GLN C 317 -1.99 49.77 16.04
C GLN C 317 -3.27 50.20 16.76
N GLU C 318 -3.16 51.08 17.75
CA GLU C 318 -4.37 51.59 18.41
C GLU C 318 -5.23 52.35 17.42
N GLU C 319 -4.62 53.20 16.58
CA GLU C 319 -5.39 53.95 15.59
C GLU C 319 -6.07 53.08 14.55
N LEU C 320 -5.45 51.97 14.13
CA LEU C 320 -6.09 51.08 13.17
C LEU C 320 -7.31 50.39 13.78
N ASP C 321 -7.13 49.82 14.97
CA ASP C 321 -8.26 49.18 15.65
C ASP C 321 -9.38 50.18 15.86
N THR C 322 -9.03 51.43 16.18
CA THR C 322 -10.05 52.45 16.46
C THR C 322 -10.75 52.89 15.18
N VAL C 323 -9.99 53.22 14.14
CA VAL C 323 -10.58 53.85 12.96
C VAL C 323 -11.27 52.83 12.04
N ILE C 324 -10.82 51.57 12.04
CA ILE C 324 -11.38 50.59 11.12
C ILE C 324 -11.78 49.33 11.87
N GLY C 325 -10.91 48.88 12.77
CA GLY C 325 -11.18 47.66 13.52
C GLY C 325 -10.60 46.42 12.86
N ARG C 326 -11.21 45.29 13.22
CA ARG C 326 -10.82 43.98 12.70
C ARG C 326 -11.92 43.34 11.85
N SER C 327 -12.88 44.13 11.38
CA SER C 327 -13.99 43.61 10.58
C SER C 327 -13.74 43.69 9.08
N ARG C 328 -12.73 44.45 8.63
CA ARG C 328 -12.49 44.61 7.20
C ARG C 328 -11.04 45.05 6.99
N ARG C 329 -10.55 44.85 5.75
CA ARG C 329 -9.21 45.30 5.43
C ARG C 329 -9.20 46.81 5.13
N PRO C 330 -8.07 47.49 5.40
CA PRO C 330 -7.98 48.91 5.04
C PRO C 330 -7.99 49.12 3.54
N ARG C 331 -8.31 50.35 3.15
CA ARG C 331 -8.43 50.74 1.75
C ARG C 331 -7.88 52.15 1.59
N LEU C 332 -7.58 52.53 0.35
CA LEU C 332 -7.03 53.86 0.09
C LEU C 332 -7.96 54.96 0.60
N SER C 333 -9.27 54.76 0.46
CA SER C 333 -10.23 55.77 0.91
C SER C 333 -10.03 56.10 2.38
N ASP C 334 -9.46 55.18 3.16
CA ASP C 334 -9.24 55.42 4.58
C ASP C 334 -7.96 56.21 4.85
N ARG C 335 -7.07 56.34 3.86
CA ARG C 335 -5.79 57.00 4.07
C ARG C 335 -5.97 58.36 4.73
N SER C 336 -7.04 59.08 4.35
CA SER C 336 -7.28 60.41 4.90
C SER C 336 -7.68 60.37 6.37
N HIS C 337 -7.98 59.20 6.92
CA HIS C 337 -8.45 59.08 8.30
C HIS C 337 -7.42 58.45 9.23
N LEU C 338 -6.16 58.33 8.79
CA LEU C 338 -5.08 57.76 9.61
C LEU C 338 -3.99 58.81 9.76
N PRO C 339 -4.20 59.83 10.59
CA PRO C 339 -3.19 60.88 10.73
C PRO C 339 -1.86 60.37 11.28
N TYR C 340 -1.89 59.44 12.24
CA TYR C 340 -0.65 58.95 12.84
C TYR C 340 0.12 58.06 11.87
N MET C 341 -0.59 57.27 11.06
CA MET C 341 0.07 56.49 10.02
C MET C 341 0.88 57.40 9.10
N GLU C 342 0.28 58.50 8.65
CA GLU C 342 0.99 59.44 7.79
C GLU C 342 2.14 60.10 8.54
N ALA C 343 1.94 60.44 9.82
CA ALA C 343 3.01 61.05 10.59
C ALA C 343 4.19 60.10 10.74
N PHE C 344 3.92 58.80 10.85
CA PHE C 344 5.01 57.83 10.90
C PHE C 344 5.72 57.73 9.56
N ILE C 345 4.96 57.74 8.46
CA ILE C 345 5.56 57.67 7.14
C ILE C 345 6.40 58.90 6.85
N LEU C 346 5.90 60.08 7.24
CA LEU C 346 6.65 61.32 7.03
C LEU C 346 7.95 61.30 7.83
N GLU C 347 7.89 60.87 9.09
CA GLU C 347 9.09 60.84 9.91
C GLU C 347 10.05 59.77 9.42
N THR C 348 9.55 58.72 8.78
CA THR C 348 10.42 57.75 8.13
C THR C 348 11.18 58.40 6.97
N PHE C 349 10.46 59.08 6.09
CA PHE C 349 11.11 59.81 5.00
C PHE C 349 12.10 60.83 5.55
N ARG C 350 11.73 61.54 6.61
CA ARG C 350 12.58 62.63 7.08
C ARG C 350 13.84 62.13 7.75
N HIS C 351 13.69 61.27 8.78
CA HIS C 351 14.85 60.85 9.55
C HIS C 351 15.81 60.00 8.71
N SER C 352 15.29 59.02 7.97
CA SER C 352 16.16 58.19 7.16
C SER C 352 16.71 58.98 5.98
N SER C 353 15.84 59.73 5.29
CA SER C 353 16.20 60.45 4.08
C SER C 353 16.98 59.54 3.14
N PHE C 354 16.45 58.33 2.93
CA PHE C 354 17.19 57.29 2.23
C PHE C 354 17.50 57.67 0.78
N VAL C 355 16.98 58.80 0.31
CA VAL C 355 17.44 59.40 -0.93
C VAL C 355 18.08 60.74 -0.59
N PRO C 356 19.31 60.76 -0.07
CA PRO C 356 19.86 62.03 0.42
C PRO C 356 20.09 63.05 -0.69
N PHE C 357 20.55 62.59 -1.85
CA PHE C 357 20.74 63.47 -3.00
C PHE C 357 19.80 63.07 -4.12
N THR C 358 19.30 64.08 -4.83
CA THR C 358 18.61 63.82 -6.09
C THR C 358 19.61 63.36 -7.14
N ILE C 359 19.09 62.82 -8.23
CA ILE C 359 19.96 62.52 -9.37
C ILE C 359 20.65 63.80 -9.81
N PRO C 360 21.97 63.78 -10.07
CA PRO C 360 22.65 65.05 -10.36
C PRO C 360 21.98 65.82 -11.49
N HIS C 361 21.99 67.16 -11.34
CA HIS C 361 21.43 68.06 -12.34
C HIS C 361 22.54 68.79 -13.07
N SER C 362 22.14 69.47 -14.15
CA SER C 362 23.07 70.23 -14.97
C SER C 362 22.30 71.42 -15.53
N THR C 363 22.97 72.57 -15.57
CA THR C 363 22.35 73.81 -16.05
C THR C 363 22.28 73.79 -17.58
N THR C 364 21.12 74.19 -18.10
CA THR C 364 20.89 74.24 -19.54
C THR C 364 21.38 75.55 -20.17
N ARG C 365 21.87 76.49 -19.37
CA ARG C 365 22.28 77.79 -19.88
C ARG C 365 23.02 78.51 -18.76
N ASP C 366 23.87 79.46 -19.15
CA ASP C 366 24.43 80.39 -18.17
C ASP C 366 23.31 81.04 -17.39
N THR C 367 23.35 80.92 -16.06
CA THR C 367 22.28 81.45 -15.22
C THR C 367 22.88 81.98 -13.93
N SER C 368 22.01 82.51 -13.06
CA SER C 368 22.42 83.05 -11.78
C SER C 368 21.40 82.66 -10.72
N LEU C 369 21.85 82.66 -9.47
CA LEU C 369 21.00 82.23 -8.37
C LEU C 369 21.57 82.74 -7.06
N LYS C 370 20.78 83.50 -6.30
CA LYS C 370 21.20 84.03 -5.01
C LYS C 370 22.48 84.85 -5.11
N GLY C 371 22.67 85.53 -6.25
CA GLY C 371 23.80 86.40 -6.46
C GLY C 371 25.05 85.75 -7.00
N PHE C 372 24.97 84.49 -7.43
CA PHE C 372 26.14 83.77 -7.92
C PHE C 372 25.94 83.37 -9.38
N TYR C 373 27.06 83.30 -10.11
CA TYR C 373 27.04 82.97 -11.53
C TYR C 373 27.27 81.48 -11.74
N ILE C 374 26.46 80.86 -12.59
CA ILE C 374 26.57 79.44 -12.91
C ILE C 374 26.61 79.26 -14.42
N PRO C 375 27.73 78.84 -15.01
CA PRO C 375 27.78 78.68 -16.47
C PRO C 375 26.99 77.47 -16.94
N LYS C 376 26.83 77.38 -18.26
CA LYS C 376 26.13 76.25 -18.86
C LYS C 376 26.94 74.98 -18.69
N GLY C 377 26.24 73.87 -18.45
CA GLY C 377 26.88 72.57 -18.30
C GLY C 377 27.40 72.27 -16.92
N ARG C 378 27.28 73.19 -15.97
CA ARG C 378 27.78 72.95 -14.63
C ARG C 378 26.96 71.88 -13.94
N CYS C 379 27.65 70.91 -13.33
CA CYS C 379 26.99 69.85 -12.58
C CYS C 379 26.47 70.38 -11.24
N VAL C 380 25.27 69.95 -10.87
CA VAL C 380 24.58 70.47 -9.69
C VAL C 380 24.11 69.29 -8.83
N PHE C 381 24.43 69.36 -7.53
CA PHE C 381 23.94 68.41 -6.54
C PHE C 381 22.87 69.08 -5.67
N VAL C 382 21.87 68.29 -5.28
CA VAL C 382 20.77 68.78 -4.44
C VAL C 382 20.74 67.94 -3.18
N ASN C 383 21.02 68.57 -2.04
CA ASN C 383 21.16 67.86 -0.76
C ASN C 383 19.82 67.86 -0.03
N GLN C 384 18.99 66.86 -0.33
CA GLN C 384 17.72 66.71 0.38
C GLN C 384 17.96 66.38 1.85
N TRP C 385 18.98 65.57 2.14
CA TRP C 385 19.27 65.22 3.53
C TRP C 385 19.45 66.47 4.38
N GLN C 386 20.07 67.50 3.83
CA GLN C 386 20.29 68.73 4.58
C GLN C 386 18.96 69.34 5.02
N ILE C 387 17.99 69.40 4.09
CA ILE C 387 16.69 69.97 4.41
C ILE C 387 16.04 69.20 5.54
N ASN C 388 15.90 67.88 5.35
CA ASN C 388 15.17 67.05 6.30
C ASN C 388 15.86 66.94 7.66
N HIS C 389 17.12 67.38 7.77
CA HIS C 389 17.84 67.32 9.05
C HIS C 389 18.36 68.68 9.48
N ASP C 390 17.81 69.75 8.93
CA ASP C 390 18.30 71.09 9.25
C ASP C 390 17.76 71.54 10.60
N GLN C 391 18.68 71.88 11.51
CA GLN C 391 18.29 72.28 12.86
C GLN C 391 17.36 73.49 12.86
N LYS C 392 17.43 74.34 11.83
CA LYS C 392 16.57 75.52 11.82
C LYS C 392 15.11 75.17 11.58
N LEU C 393 14.84 74.13 10.81
CA LEU C 393 13.47 73.78 10.47
C LEU C 393 12.84 72.76 11.42
N TRP C 394 13.64 71.97 12.14
CA TRP C 394 13.12 70.90 12.96
C TRP C 394 13.64 71.01 14.38
N VAL C 395 12.91 70.40 15.31
CA VAL C 395 13.29 70.35 16.71
C VAL C 395 13.84 68.95 17.00
N ASN C 396 15.11 68.88 17.38
CA ASN C 396 15.80 67.61 17.61
C ASN C 396 15.69 66.75 16.36
N PRO C 397 16.36 67.14 15.26
CA PRO C 397 16.22 66.37 14.02
C PRO C 397 16.78 64.96 14.09
N SER C 398 17.67 64.67 15.05
CA SER C 398 18.29 63.37 15.15
C SER C 398 17.40 62.32 15.82
N GLU C 399 16.25 62.72 16.35
CA GLU C 399 15.36 61.81 17.05
C GLU C 399 14.21 61.40 16.12
N PHE C 400 13.76 60.16 16.26
CA PHE C 400 12.61 59.66 15.50
C PHE C 400 11.36 59.92 16.34
N LEU C 401 10.64 60.99 15.99
CA LEU C 401 9.48 61.43 16.77
C LEU C 401 8.35 61.78 15.81
N PRO C 402 7.56 60.78 15.40
CA PRO C 402 6.43 61.07 14.49
C PRO C 402 5.45 62.10 15.03
N GLU C 403 5.37 62.31 16.34
CA GLU C 403 4.43 63.27 16.89
C GLU C 403 4.72 64.70 16.46
N ARG C 404 5.88 64.96 15.84
CA ARG C 404 6.20 66.30 15.40
C ARG C 404 5.30 66.78 14.27
N PHE C 405 4.70 65.85 13.52
CA PHE C 405 3.79 66.20 12.44
C PHE C 405 2.34 66.25 12.90
N LEU C 406 2.09 66.10 14.19
CA LEU C 406 0.75 66.05 14.74
C LEU C 406 0.46 67.31 15.53
N THR C 407 -0.76 67.83 15.38
CA THR C 407 -1.22 68.95 16.16
C THR C 407 -1.64 68.44 17.54
N PRO C 408 -1.87 69.34 18.49
CA PRO C 408 -2.34 68.89 19.82
C PRO C 408 -3.62 68.07 19.76
N ASP C 409 -4.43 68.22 18.71
CA ASP C 409 -5.65 67.46 18.54
C ASP C 409 -5.43 66.16 17.78
N GLY C 410 -4.23 65.92 17.29
CA GLY C 410 -3.93 64.67 16.61
C GLY C 410 -4.11 64.70 15.11
N ALA C 411 -4.01 65.86 14.47
CA ALA C 411 -4.14 65.98 13.03
C ALA C 411 -2.82 66.43 12.42
N ILE C 412 -2.68 66.19 11.12
CA ILE C 412 -1.43 66.49 10.44
C ILE C 412 -1.30 68.01 10.27
N ASP C 413 -0.15 68.55 10.67
CA ASP C 413 0.18 69.95 10.42
C ASP C 413 0.68 70.00 8.98
N LYS C 414 -0.25 70.28 8.05
CA LYS C 414 0.07 70.18 6.63
C LYS C 414 1.17 71.15 6.23
N VAL C 415 1.36 72.23 6.98
CA VAL C 415 2.45 73.16 6.67
C VAL C 415 3.80 72.49 6.93
N LEU C 416 3.91 71.77 8.05
CA LEU C 416 5.16 71.11 8.41
C LEU C 416 5.41 69.87 7.56
N SER C 417 4.36 69.13 7.19
CA SER C 417 4.55 67.93 6.38
C SER C 417 5.10 68.27 4.99
N GLU C 418 4.79 69.45 4.47
CA GLU C 418 5.27 69.85 3.15
C GLU C 418 6.72 70.28 3.15
N LYS C 419 7.37 70.35 4.32
CA LYS C 419 8.79 70.67 4.41
C LYS C 419 9.68 69.43 4.35
N VAL C 420 9.10 68.24 4.29
CA VAL C 420 9.87 67.00 4.13
C VAL C 420 10.03 66.76 2.64
N ILE C 421 11.24 66.99 2.13
CA ILE C 421 11.54 66.88 0.70
C ILE C 421 12.34 65.61 0.48
N ILE C 422 11.79 64.70 -0.33
CA ILE C 422 12.48 63.46 -0.64
C ILE C 422 12.18 63.00 -2.06
N PHE C 423 11.16 63.60 -2.69
CA PHE C 423 10.76 63.25 -4.04
C PHE C 423 11.25 64.24 -5.09
N GLY C 424 11.96 65.29 -4.68
CA GLY C 424 12.45 66.28 -5.63
C GLY C 424 11.46 67.39 -5.89
N MET C 425 11.79 68.19 -6.92
CA MET C 425 10.97 69.32 -7.32
C MET C 425 11.17 69.59 -8.80
N GLY C 426 10.33 70.48 -9.33
CA GLY C 426 10.54 71.03 -10.66
C GLY C 426 10.25 70.03 -11.78
N LYS C 427 10.95 70.25 -12.91
CA LYS C 427 10.70 69.46 -14.11
C LYS C 427 11.21 68.04 -14.00
N ARG C 428 12.01 67.73 -12.99
CA ARG C 428 12.60 66.40 -12.83
C ARG C 428 12.06 65.68 -11.60
N LYS C 429 11.00 66.21 -10.98
CA LYS C 429 10.46 65.61 -9.77
C LYS C 429 10.03 64.17 -10.05
N CYS C 430 9.90 63.40 -8.97
CA CYS C 430 9.45 62.02 -9.09
C CYS C 430 8.10 61.96 -9.78
N ILE C 431 7.96 61.02 -10.73
CA ILE C 431 6.69 60.84 -11.42
C ILE C 431 5.85 59.72 -10.80
N GLY C 432 6.40 58.99 -9.83
CA GLY C 432 5.64 58.00 -9.09
C GLY C 432 5.40 58.41 -7.65
N GLU C 433 5.36 59.72 -7.39
CA GLU C 433 5.18 60.21 -6.03
C GLU C 433 3.88 59.70 -5.43
N THR C 434 2.77 59.85 -6.16
CA THR C 434 1.48 59.38 -5.65
C THR C 434 1.48 57.87 -5.47
N ILE C 435 2.01 57.14 -6.47
CA ILE C 435 2.06 55.68 -6.38
C ILE C 435 2.88 55.24 -5.18
N ALA C 436 4.01 55.89 -4.94
CA ALA C 436 4.87 55.51 -3.82
C ALA C 436 4.17 55.78 -2.49
N ARG C 437 3.57 56.96 -2.34
CA ARG C 437 2.93 57.31 -1.08
C ARG C 437 1.76 56.40 -0.74
N TRP C 438 1.02 55.94 -1.75
CA TRP C 438 -0.09 55.03 -1.50
C TRP C 438 0.40 53.60 -1.27
N GLU C 439 1.38 53.15 -2.05
CA GLU C 439 1.87 51.78 -1.91
C GLU C 439 2.47 51.55 -0.53
N VAL C 440 3.25 52.51 -0.02
CA VAL C 440 3.84 52.36 1.31
C VAL C 440 2.74 52.33 2.37
N PHE C 441 1.72 53.17 2.22
CA PHE C 441 0.62 53.20 3.19
C PHE C 441 -0.07 51.84 3.27
N LEU C 442 -0.45 51.27 2.12
CA LEU C 442 -1.22 50.04 2.11
C LEU C 442 -0.44 48.90 2.77
N PHE C 443 0.79 48.67 2.32
CA PHE C 443 1.60 47.59 2.89
C PHE C 443 1.68 47.70 4.41
N LEU C 444 1.95 48.89 4.92
CA LEU C 444 2.08 49.07 6.36
C LEU C 444 0.73 48.92 7.07
N ALA C 445 -0.34 49.45 6.46
CA ALA C 445 -1.65 49.40 7.10
C ALA C 445 -2.14 47.96 7.22
N ILE C 446 -2.11 47.21 6.12
CA ILE C 446 -2.62 45.84 6.12
C ILE C 446 -1.86 44.98 7.13
N LEU C 447 -0.55 45.20 7.24
CA LEU C 447 0.27 44.36 8.11
C LEU C 447 0.05 44.69 9.58
N LEU C 448 0.31 45.94 9.97
CA LEU C 448 0.25 46.30 11.39
C LEU C 448 -1.13 46.04 12.01
N GLN C 449 -2.18 45.96 11.19
CA GLN C 449 -3.49 45.58 11.69
C GLN C 449 -3.53 44.11 12.09
N ARG C 450 -2.71 43.27 11.44
CA ARG C 450 -2.79 41.82 11.56
C ARG C 450 -1.61 41.20 12.29
N VAL C 451 -0.43 41.82 12.22
CA VAL C 451 0.80 41.22 12.75
C VAL C 451 1.52 42.26 13.60
N GLU C 452 2.47 41.76 14.40
CA GLU C 452 3.27 42.59 15.29
C GLU C 452 4.73 42.20 15.10
N PHE C 453 5.56 43.18 14.75
CA PHE C 453 6.98 42.95 14.51
C PHE C 453 7.78 43.28 15.76
N SER C 454 8.88 42.55 15.95
CA SER C 454 9.73 42.74 17.12
C SER C 454 11.10 42.15 16.81
N VAL C 455 12.05 42.48 17.67
CA VAL C 455 13.39 41.90 17.61
C VAL C 455 13.82 41.65 19.05
N PRO C 456 14.33 40.46 19.38
CA PRO C 456 14.66 40.18 20.78
C PRO C 456 15.79 41.04 21.29
N LEU C 457 15.86 41.17 22.60
CA LEU C 457 16.96 41.87 23.23
C LEU C 457 18.27 41.13 22.99
N GLY C 458 19.36 41.89 22.94
CA GLY C 458 20.69 41.31 22.85
C GLY C 458 21.18 40.99 21.45
N VAL C 459 20.53 41.52 20.42
CA VAL C 459 20.97 41.32 19.04
C VAL C 459 21.31 42.66 18.42
N LYS C 460 22.41 42.70 17.66
CA LYS C 460 22.82 43.92 17.01
C LYS C 460 21.87 44.29 15.89
N VAL C 461 21.50 45.56 15.83
CA VAL C 461 20.66 46.08 14.75
C VAL C 461 21.26 47.40 14.28
N ASP C 462 22.14 47.33 13.29
CA ASP C 462 22.84 48.50 12.79
C ASP C 462 21.85 49.37 12.03
N MET C 463 21.43 50.48 12.65
CA MET C 463 20.56 51.45 12.02
C MET C 463 21.32 52.49 11.21
N THR C 464 22.64 52.38 11.11
CA THR C 464 23.42 53.36 10.36
C THR C 464 23.15 53.20 8.86
N PRO C 465 22.73 54.25 8.17
CA PRO C 465 22.52 54.12 6.72
C PRO C 465 23.82 53.92 5.98
N ILE C 466 23.73 53.22 4.84
CA ILE C 466 24.86 52.99 3.94
C ILE C 466 24.64 53.87 2.71
N TYR C 467 25.59 54.77 2.45
CA TYR C 467 25.39 55.78 1.42
C TYR C 467 25.17 55.16 0.05
N GLY C 468 24.40 55.85 -0.77
CA GLY C 468 24.05 55.42 -2.11
C GLY C 468 22.85 56.17 -2.60
N LEU C 469 22.50 55.92 -3.86
CA LEU C 469 21.31 56.55 -4.44
C LEU C 469 20.11 56.33 -3.54
N THR C 470 19.87 55.08 -3.16
CA THR C 470 18.86 54.72 -2.17
C THR C 470 19.59 54.09 -0.99
N MET C 471 19.77 54.85 0.09
CA MET C 471 20.54 54.37 1.22
C MET C 471 19.85 53.19 1.87
N LYS C 472 20.58 52.08 1.98
CA LYS C 472 20.09 50.87 2.63
C LYS C 472 20.70 50.77 4.03
N HIS C 473 20.40 49.66 4.70
CA HIS C 473 20.96 49.38 6.02
C HIS C 473 21.53 47.97 6.05
N ALA C 474 22.31 47.70 7.08
CA ALA C 474 22.88 46.37 7.25
C ALA C 474 21.77 45.34 7.41
N CYS C 475 21.87 44.26 6.65
CA CYS C 475 20.88 43.20 6.70
C CYS C 475 20.72 42.68 8.13
N CYS C 476 19.47 42.45 8.53
CA CYS C 476 19.13 41.99 9.87
C CYS C 476 18.35 40.69 9.79
N GLU C 477 18.90 39.62 10.39
CA GLU C 477 18.33 38.29 10.30
C GLU C 477 17.52 37.90 11.53
N HIS C 478 17.17 38.85 12.40
CA HIS C 478 16.59 38.54 13.71
C HIS C 478 15.16 39.03 13.86
N PHE C 479 14.49 39.38 12.76
CA PHE C 479 13.12 39.84 12.86
C PHE C 479 12.18 38.71 13.25
N GLN C 480 11.19 39.04 14.07
CA GLN C 480 10.18 38.08 14.52
C GLN C 480 8.79 38.67 14.34
N MET C 481 7.84 37.80 14.07
CA MET C 481 6.45 38.19 13.83
C MET C 481 5.52 37.32 14.67
N GLN C 482 4.43 37.92 15.12
CA GLN C 482 3.41 37.21 15.87
C GLN C 482 2.05 37.81 15.53
N LEU C 483 1.05 36.94 15.38
CA LEU C 483 -0.30 37.40 15.13
C LEU C 483 -0.83 38.17 16.33
N ARG C 484 -1.99 38.79 16.16
CA ARG C 484 -2.63 39.61 17.18
C ARG C 484 -3.91 38.96 17.68
N SER C 485 -4.37 39.44 18.84
CA SER C 485 -5.56 38.89 19.48
C SER C 485 -6.74 38.77 18.51
N LYS D 11 -12.08 -24.77 31.26
CA LYS D 11 -13.12 -24.51 32.25
C LYS D 11 -14.48 -24.41 31.57
N ASN D 12 -15.58 -24.39 32.39
CA ASN D 12 -16.91 -24.18 31.86
C ASN D 12 -17.27 -22.71 31.86
N PRO D 13 -18.08 -22.25 30.90
CA PRO D 13 -18.45 -20.83 30.85
C PRO D 13 -19.23 -20.44 32.09
N PRO D 14 -19.06 -19.22 32.60
CA PRO D 14 -19.78 -18.79 33.79
C PRO D 14 -21.24 -18.46 33.46
N GLY D 15 -21.99 -18.11 34.50
CA GLY D 15 -23.38 -17.75 34.35
C GLY D 15 -24.07 -17.65 35.68
N PRO D 16 -25.21 -16.97 35.72
CA PRO D 16 -25.92 -16.78 36.97
C PRO D 16 -26.68 -18.04 37.35
N TRP D 17 -27.14 -18.07 38.60
CA TRP D 17 -27.94 -19.19 39.07
C TRP D 17 -29.30 -19.17 38.38
N GLY D 18 -29.81 -20.36 38.08
CA GLY D 18 -31.10 -20.48 37.43
C GLY D 18 -31.91 -21.58 38.08
N TRP D 19 -33.22 -21.46 37.94
CA TRP D 19 -34.11 -22.45 38.52
C TRP D 19 -33.79 -23.81 37.92
N PRO D 20 -33.87 -24.89 38.71
CA PRO D 20 -33.45 -26.20 38.19
C PRO D 20 -34.32 -26.74 37.07
N LEU D 21 -35.61 -26.44 37.08
CA LEU D 21 -36.52 -27.02 36.11
C LEU D 21 -36.63 -26.19 34.83
N ILE D 22 -36.68 -24.86 34.95
CA ILE D 22 -36.83 -23.99 33.79
C ILE D 22 -35.58 -23.19 33.45
N GLY D 23 -34.60 -23.13 34.36
CA GLY D 23 -33.40 -22.37 34.08
C GLY D 23 -33.65 -20.88 34.13
N HIS D 24 -33.07 -20.17 33.16
CA HIS D 24 -33.15 -18.70 33.10
C HIS D 24 -34.24 -18.22 32.14
N MET D 25 -35.26 -19.03 31.89
CA MET D 25 -36.30 -18.65 30.95
C MET D 25 -36.95 -17.32 31.34
N LEU D 26 -37.23 -17.13 32.63
CA LEU D 26 -37.94 -15.92 33.05
C LEU D 26 -37.05 -14.69 32.97
N THR D 27 -35.73 -14.85 33.11
CA THR D 27 -34.83 -13.71 33.03
C THR D 27 -34.85 -13.09 31.64
N LEU D 28 -35.02 -13.91 30.60
CA LEU D 28 -35.06 -13.39 29.24
C LEU D 28 -36.28 -12.50 29.04
N GLY D 29 -37.47 -13.01 29.37
CA GLY D 29 -38.65 -12.19 29.30
C GLY D 29 -39.07 -11.88 27.87
N LYS D 30 -39.61 -10.67 27.70
CA LYS D 30 -40.13 -10.24 26.41
C LYS D 30 -39.04 -9.73 25.46
N ASN D 31 -37.89 -9.33 25.99
CA ASN D 31 -36.79 -8.79 25.21
C ASN D 31 -35.49 -9.51 25.56
N PRO D 32 -35.27 -10.71 25.03
CA PRO D 32 -34.04 -11.45 25.40
C PRO D 32 -32.77 -10.69 25.09
N HIS D 33 -32.72 -9.97 23.97
CA HIS D 33 -31.51 -9.27 23.59
C HIS D 33 -31.12 -8.23 24.64
N LEU D 34 -32.10 -7.58 25.28
CA LEU D 34 -31.79 -6.60 26.30
C LEU D 34 -31.34 -7.26 27.60
N ALA D 35 -32.02 -8.34 28.00
CA ALA D 35 -31.67 -9.01 29.25
C ALA D 35 -30.29 -9.65 29.15
N LEU D 36 -29.94 -10.18 27.98
CA LEU D 36 -28.64 -10.82 27.79
C LEU D 36 -27.51 -9.82 27.61
N SER D 37 -27.81 -8.55 27.34
CA SER D 37 -26.78 -7.53 27.32
C SER D 37 -26.37 -7.14 28.74
N ARG D 38 -27.33 -6.95 29.64
CA ARG D 38 -26.99 -6.74 31.04
C ARG D 38 -26.27 -7.95 31.61
N MET D 39 -26.73 -9.15 31.27
CA MET D 39 -26.11 -10.35 31.80
C MET D 39 -24.65 -10.47 31.34
N SER D 40 -24.38 -10.13 30.08
CA SER D 40 -23.01 -10.21 29.58
C SER D 40 -22.11 -9.20 30.29
N GLN D 41 -22.66 -8.04 30.69
CA GLN D 41 -21.88 -7.06 31.42
C GLN D 41 -21.36 -7.62 32.75
N GLN D 42 -22.01 -8.64 33.29
CA GLN D 42 -21.60 -9.26 34.54
C GLN D 42 -20.75 -10.51 34.35
N TYR D 43 -21.02 -11.31 33.31
CA TYR D 43 -20.34 -12.57 33.12
C TYR D 43 -19.42 -12.59 31.91
N GLY D 44 -19.48 -11.59 31.05
CA GLY D 44 -18.54 -11.45 29.96
C GLY D 44 -19.12 -11.87 28.62
N ASP D 45 -18.22 -11.94 27.63
CA ASP D 45 -18.64 -12.21 26.27
C ASP D 45 -19.10 -13.65 26.08
N VAL D 46 -18.59 -14.59 26.88
CA VAL D 46 -18.97 -15.98 26.82
C VAL D 46 -19.60 -16.35 28.15
N LEU D 47 -20.88 -16.73 28.11
CA LEU D 47 -21.61 -17.11 29.30
C LEU D 47 -22.55 -18.26 28.96
N GLN D 48 -23.06 -18.90 30.01
CA GLN D 48 -23.88 -20.10 29.87
C GLN D 48 -25.18 -19.91 30.64
N ILE D 49 -26.27 -20.40 30.06
CA ILE D 49 -27.59 -20.34 30.68
C ILE D 49 -28.28 -21.68 30.45
N ARG D 50 -29.56 -21.75 30.83
CA ARG D 50 -30.37 -22.93 30.61
C ARG D 50 -31.78 -22.50 30.24
N ILE D 51 -32.30 -23.12 29.18
CA ILE D 51 -33.72 -23.00 28.81
C ILE D 51 -34.34 -24.36 29.06
N GLY D 52 -35.12 -24.47 30.13
CA GLY D 52 -35.57 -25.77 30.58
C GLY D 52 -34.39 -26.56 31.10
N SER D 53 -34.12 -27.70 30.48
CA SER D 53 -32.95 -28.51 30.80
C SER D 53 -31.80 -28.30 29.82
N THR D 54 -32.05 -27.64 28.69
CA THR D 54 -31.05 -27.52 27.64
C THR D 54 -30.13 -26.34 27.94
N PRO D 55 -28.81 -26.54 28.03
CA PRO D 55 -27.91 -25.40 28.18
C PRO D 55 -27.74 -24.63 26.88
N VAL D 56 -27.46 -23.34 27.01
CA VAL D 56 -27.25 -22.45 25.88
C VAL D 56 -26.13 -21.48 26.21
N VAL D 57 -25.23 -21.27 25.25
CA VAL D 57 -24.09 -20.36 25.40
C VAL D 57 -24.38 -19.11 24.58
N VAL D 58 -24.24 -17.95 25.22
CA VAL D 58 -24.52 -16.66 24.59
C VAL D 58 -23.19 -15.97 24.34
N LEU D 59 -22.96 -15.58 23.09
CA LEU D 59 -21.72 -14.92 22.69
C LEU D 59 -21.97 -13.43 22.50
N SER D 60 -21.10 -12.61 23.07
CA SER D 60 -21.19 -11.16 22.98
C SER D 60 -19.80 -10.61 22.62
N GLY D 61 -19.71 -9.30 22.50
CA GLY D 61 -18.44 -8.67 22.19
C GLY D 61 -17.98 -8.88 20.76
N LEU D 62 -17.36 -7.85 20.18
CA LEU D 62 -16.98 -7.90 18.78
C LEU D 62 -15.77 -8.79 18.60
N ASP D 63 -14.73 -8.58 19.42
CA ASP D 63 -13.52 -9.39 19.30
C ASP D 63 -13.81 -10.86 19.61
N THR D 64 -14.63 -11.13 20.62
CA THR D 64 -14.95 -12.51 20.96
C THR D 64 -15.80 -13.21 19.91
N ILE D 65 -16.70 -12.47 19.28
CA ILE D 65 -17.54 -13.04 18.25
C ILE D 65 -16.74 -13.31 16.99
N ARG D 66 -15.86 -12.38 16.61
CA ARG D 66 -14.99 -12.60 15.45
C ARG D 66 -14.11 -13.83 15.64
N GLN D 67 -13.69 -14.10 16.87
CA GLN D 67 -12.90 -15.30 17.16
C GLN D 67 -13.69 -16.57 16.81
N ALA D 68 -14.96 -16.63 17.22
CA ALA D 68 -15.70 -17.87 17.12
C ALA D 68 -16.24 -18.12 15.71
N LEU D 69 -16.79 -17.08 15.07
CA LEU D 69 -17.43 -17.26 13.77
C LEU D 69 -16.46 -17.21 12.61
N VAL D 70 -15.37 -16.46 12.72
CA VAL D 70 -14.44 -16.27 11.61
C VAL D 70 -13.30 -17.27 11.70
N ARG D 71 -12.40 -17.07 12.66
CA ARG D 71 -11.20 -17.89 12.74
C ARG D 71 -11.53 -19.35 13.03
N GLN D 72 -12.61 -19.61 13.76
CA GLN D 72 -13.06 -20.97 14.03
C GLN D 72 -14.41 -21.24 13.36
N GLY D 73 -14.61 -20.67 12.17
CA GLY D 73 -15.92 -20.74 11.54
C GLY D 73 -16.45 -22.14 11.40
N ASP D 74 -15.56 -23.10 11.11
CA ASP D 74 -15.99 -24.49 10.98
C ASP D 74 -16.44 -25.08 12.31
N ASP D 75 -16.06 -24.48 13.44
CA ASP D 75 -16.48 -24.98 14.74
C ASP D 75 -17.85 -24.47 15.16
N PHE D 76 -18.37 -23.42 14.51
CA PHE D 76 -19.63 -22.80 14.89
C PHE D 76 -20.56 -22.64 13.69
N LYS D 77 -20.42 -23.50 12.68
CA LYS D 77 -21.20 -23.38 11.45
C LYS D 77 -22.45 -24.25 11.47
N GLY D 78 -22.77 -24.87 12.62
CA GLY D 78 -23.92 -25.75 12.69
C GLY D 78 -25.19 -25.03 13.11
N ARG D 79 -26.31 -25.74 12.97
CA ARG D 79 -27.62 -25.28 13.42
C ARG D 79 -28.16 -26.27 14.43
N PRO D 80 -28.65 -25.83 15.59
CA PRO D 80 -29.19 -26.79 16.57
C PRO D 80 -30.43 -27.48 16.04
N ASP D 81 -30.70 -28.65 16.61
CA ASP D 81 -31.88 -29.44 16.23
C ASP D 81 -33.07 -28.97 17.04
N LEU D 82 -33.69 -27.89 16.56
CA LEU D 82 -34.84 -27.28 17.21
C LEU D 82 -36.11 -27.66 16.46
N TYR D 83 -37.21 -27.80 17.22
CA TYR D 83 -38.46 -28.25 16.64
C TYR D 83 -39.01 -27.23 15.64
N THR D 84 -39.02 -25.95 16.02
CA THR D 84 -39.55 -24.93 15.12
C THR D 84 -38.90 -24.96 13.75
N PHE D 85 -37.61 -25.31 13.68
CA PHE D 85 -36.91 -25.34 12.40
C PHE D 85 -37.39 -26.49 11.53
N THR D 86 -37.84 -27.59 12.14
CA THR D 86 -38.33 -28.72 11.37
C THR D 86 -39.59 -28.39 10.58
N LEU D 87 -40.28 -27.32 10.94
CA LEU D 87 -41.50 -26.90 10.26
C LEU D 87 -41.22 -25.97 9.08
N ILE D 88 -39.96 -25.70 8.78
CA ILE D 88 -39.58 -24.75 7.73
C ILE D 88 -39.13 -25.52 6.50
N SER D 89 -39.76 -25.25 5.36
CA SER D 89 -39.39 -25.85 4.08
C SER D 89 -39.40 -27.38 4.17
N ASN D 90 -40.51 -27.92 4.68
CA ASN D 90 -40.68 -29.37 4.78
C ASN D 90 -39.51 -30.02 5.53
N GLY D 91 -38.94 -29.29 6.49
CA GLY D 91 -37.84 -29.81 7.28
C GLY D 91 -36.53 -29.98 6.53
N GLN D 92 -36.37 -29.36 5.37
CA GLN D 92 -35.14 -29.45 4.59
C GLN D 92 -34.68 -28.06 4.17
N SER D 93 -34.66 -27.13 5.12
CA SER D 93 -34.28 -25.76 4.84
C SER D 93 -32.76 -25.62 4.86
N MET D 94 -32.20 -25.05 3.79
CA MET D 94 -30.77 -24.81 3.74
C MET D 94 -30.30 -23.99 4.94
N SER D 95 -31.06 -22.95 5.30
CA SER D 95 -30.60 -22.02 6.32
C SER D 95 -30.88 -22.53 7.73
N PHE D 96 -31.92 -23.35 7.91
CA PHE D 96 -32.38 -23.71 9.25
C PHE D 96 -32.21 -25.18 9.60
N SER D 97 -32.10 -26.08 8.61
CA SER D 97 -31.93 -27.49 8.91
C SER D 97 -30.61 -27.70 9.63
N PRO D 98 -30.46 -28.82 10.35
CA PRO D 98 -29.19 -29.09 11.03
C PRO D 98 -28.04 -29.41 10.09
N ASP D 99 -28.31 -29.67 8.82
CA ASP D 99 -27.27 -29.97 7.86
C ASP D 99 -26.28 -28.82 7.77
N SER D 100 -25.02 -29.09 8.15
CA SER D 100 -23.95 -28.10 8.07
C SER D 100 -22.68 -28.68 7.45
N GLY D 101 -22.77 -29.83 6.78
CA GLY D 101 -21.61 -30.49 6.23
C GLY D 101 -21.39 -30.13 4.78
N PRO D 102 -20.85 -31.06 3.99
CA PRO D 102 -20.57 -30.73 2.58
C PRO D 102 -21.83 -30.49 1.77
N VAL D 103 -22.94 -31.14 2.11
CA VAL D 103 -24.19 -30.93 1.39
C VAL D 103 -24.64 -29.48 1.52
N TRP D 104 -24.53 -28.92 2.73
CA TRP D 104 -24.93 -27.54 2.94
C TRP D 104 -24.06 -26.57 2.15
N ALA D 105 -22.74 -26.70 2.29
CA ALA D 105 -21.82 -25.77 1.63
C ALA D 105 -22.08 -25.71 0.13
N ALA D 106 -22.44 -26.84 -0.47
CA ALA D 106 -22.77 -26.86 -1.89
C ALA D 106 -23.99 -26.00 -2.18
N ARG D 107 -25.05 -26.17 -1.39
CA ARG D 107 -26.27 -25.40 -1.58
C ARG D 107 -26.00 -23.91 -1.41
N ARG D 108 -25.13 -23.55 -0.47
CA ARG D 108 -24.84 -22.14 -0.21
C ARG D 108 -24.32 -21.45 -1.46
N ARG D 109 -23.33 -22.04 -2.14
CA ARG D 109 -22.79 -21.42 -3.35
C ARG D 109 -23.84 -21.30 -4.44
N LEU D 110 -24.74 -22.28 -4.56
CA LEU D 110 -25.81 -22.16 -5.54
C LEU D 110 -26.60 -20.87 -5.31
N ALA D 111 -26.87 -20.53 -4.05
CA ALA D 111 -27.54 -19.28 -3.75
C ALA D 111 -26.66 -18.09 -4.11
N GLN D 112 -25.39 -18.13 -3.68
CA GLN D 112 -24.47 -17.05 -4.01
C GLN D 112 -24.40 -16.83 -5.51
N ASN D 113 -24.17 -17.90 -6.27
CA ASN D 113 -24.09 -17.77 -7.72
C ASN D 113 -25.43 -17.37 -8.31
N GLY D 114 -26.52 -17.95 -7.81
CA GLY D 114 -27.83 -17.57 -8.30
C GLY D 114 -28.11 -16.09 -8.11
N LEU D 115 -27.74 -15.55 -6.95
CA LEU D 115 -27.91 -14.13 -6.69
C LEU D 115 -27.10 -13.29 -7.68
N LYS D 116 -25.80 -13.56 -7.77
CA LYS D 116 -24.95 -12.81 -8.67
C LYS D 116 -25.51 -12.79 -10.08
N SER D 117 -26.04 -13.93 -10.54
CA SER D 117 -26.48 -14.03 -11.93
C SER D 117 -27.68 -13.15 -12.24
N PHE D 118 -28.51 -12.84 -11.23
CA PHE D 118 -29.75 -12.12 -11.49
C PHE D 118 -29.96 -10.95 -10.55
N SER D 119 -28.88 -10.40 -9.98
CA SER D 119 -28.98 -9.22 -9.14
C SER D 119 -27.81 -8.28 -9.42
N ILE D 120 -26.59 -8.81 -9.33
CA ILE D 120 -25.40 -8.01 -9.55
C ILE D 120 -25.00 -7.99 -11.03
N ALA D 121 -25.31 -9.06 -11.77
CA ALA D 121 -24.91 -9.14 -13.16
C ALA D 121 -25.60 -8.07 -13.99
N SER D 122 -24.98 -7.72 -15.11
CA SER D 122 -25.51 -6.70 -16.00
C SER D 122 -26.74 -7.22 -16.73
N ASP D 123 -27.78 -6.38 -16.78
CA ASP D 123 -29.00 -6.74 -17.49
C ASP D 123 -28.78 -6.60 -18.99
N PRO D 124 -29.00 -7.65 -19.79
CA PRO D 124 -28.82 -7.48 -21.25
C PRO D 124 -29.67 -6.36 -21.84
N ALA D 125 -30.84 -6.10 -21.25
CA ALA D 125 -31.72 -5.06 -21.78
C ALA D 125 -31.09 -3.68 -21.69
N SER D 126 -30.40 -3.40 -20.59
CA SER D 126 -29.80 -2.09 -20.34
C SER D 126 -28.28 -2.17 -20.42
N SER D 127 -27.68 -1.04 -20.75
CA SER D 127 -26.23 -0.93 -20.83
C SER D 127 -25.61 -0.56 -19.48
N THR D 128 -26.17 0.44 -18.82
CA THR D 128 -25.54 1.06 -17.66
C THR D 128 -26.06 0.54 -16.32
N SER D 129 -26.91 -0.49 -16.30
CA SER D 129 -27.50 -0.95 -15.05
C SER D 129 -27.47 -2.46 -14.95
N CYS D 130 -27.45 -2.94 -13.71
CA CYS D 130 -27.57 -4.36 -13.40
C CYS D 130 -29.03 -4.68 -13.12
N TYR D 131 -29.32 -5.96 -12.88
CA TYR D 131 -30.70 -6.38 -12.62
C TYR D 131 -31.29 -5.60 -11.45
N LEU D 132 -30.57 -5.55 -10.32
CA LEU D 132 -31.12 -4.94 -9.12
C LEU D 132 -31.52 -3.49 -9.37
N GLU D 133 -30.62 -2.69 -9.94
CA GLU D 133 -30.93 -1.29 -10.18
C GLU D 133 -32.13 -1.14 -11.10
N GLU D 134 -32.26 -2.01 -12.10
CA GLU D 134 -33.36 -1.89 -13.04
C GLU D 134 -34.70 -2.21 -12.37
N HIS D 135 -34.73 -3.28 -11.56
CA HIS D 135 -35.96 -3.63 -10.86
C HIS D 135 -36.34 -2.56 -9.84
N VAL D 136 -35.39 -2.16 -8.99
CA VAL D 136 -35.68 -1.17 -7.97
C VAL D 136 -36.11 0.14 -8.62
N SER D 137 -35.47 0.52 -9.72
CA SER D 137 -35.86 1.75 -10.40
C SER D 137 -37.32 1.69 -10.84
N LYS D 138 -37.75 0.56 -11.39
CA LYS D 138 -39.14 0.40 -11.79
C LYS D 138 -40.07 0.50 -10.58
N GLU D 139 -39.77 -0.28 -9.53
CA GLU D 139 -40.64 -0.31 -8.35
C GLU D 139 -40.60 1.01 -7.59
N ALA D 140 -39.44 1.67 -7.54
CA ALA D 140 -39.35 2.95 -6.84
C ALA D 140 -40.30 3.99 -7.43
N GLU D 141 -40.42 4.04 -8.76
CA GLU D 141 -41.34 4.98 -9.39
C GLU D 141 -42.78 4.63 -9.08
N VAL D 142 -43.15 3.35 -9.18
CA VAL D 142 -44.51 2.93 -8.87
C VAL D 142 -44.85 3.26 -7.42
N LEU D 143 -43.87 3.15 -6.52
CA LEU D 143 -44.13 3.49 -5.13
C LEU D 143 -44.46 4.97 -4.97
N ILE D 144 -43.73 5.83 -5.68
CA ILE D 144 -44.01 7.27 -5.61
C ILE D 144 -45.41 7.56 -6.10
N SER D 145 -45.80 6.95 -7.22
CA SER D 145 -47.14 7.14 -7.75
C SER D 145 -48.20 6.64 -6.76
N THR D 146 -47.95 5.48 -6.14
CA THR D 146 -48.91 4.93 -5.20
C THR D 146 -49.11 5.83 -3.99
N LEU D 147 -48.08 6.57 -3.60
CA LEU D 147 -48.20 7.46 -2.44
C LEU D 147 -48.87 8.77 -2.79
N GLN D 148 -48.64 9.30 -4.00
CA GLN D 148 -49.32 10.52 -4.39
C GLN D 148 -50.84 10.34 -4.40
N GLU D 149 -51.31 9.16 -4.80
CA GLU D 149 -52.74 8.89 -4.74
C GLU D 149 -53.26 9.01 -3.32
N LEU D 150 -52.50 8.52 -2.34
CA LEU D 150 -52.97 8.52 -0.95
C LEU D 150 -52.95 9.91 -0.35
N MET D 151 -52.04 10.78 -0.79
CA MET D 151 -52.04 12.16 -0.30
C MET D 151 -53.21 12.95 -0.88
N ALA D 152 -53.68 12.56 -2.06
CA ALA D 152 -54.84 13.24 -2.66
C ALA D 152 -56.12 12.95 -1.88
N GLY D 153 -56.27 11.74 -1.35
CA GLY D 153 -57.45 11.37 -0.62
C GLY D 153 -57.27 11.49 0.88
N PRO D 154 -56.96 10.38 1.56
CA PRO D 154 -56.85 10.44 3.02
C PRO D 154 -55.86 11.49 3.52
N GLY D 155 -54.79 11.76 2.77
CA GLY D 155 -53.77 12.67 3.22
C GLY D 155 -52.75 12.07 4.15
N HIS D 156 -52.90 10.80 4.50
CA HIS D 156 -51.95 10.09 5.36
C HIS D 156 -51.98 8.61 5.00
N PHE D 157 -50.95 7.90 5.43
CA PHE D 157 -50.80 6.50 5.05
C PHE D 157 -49.84 5.80 6.01
N ASN D 158 -49.90 4.47 6.00
CA ASN D 158 -48.93 3.64 6.69
C ASN D 158 -47.93 3.12 5.68
N PRO D 159 -46.65 3.51 5.74
CA PRO D 159 -45.71 3.14 4.67
C PRO D 159 -45.46 1.65 4.53
N TYR D 160 -45.51 0.90 5.63
CA TYR D 160 -45.17 -0.52 5.57
C TYR D 160 -46.06 -1.26 4.58
N ARG D 161 -47.33 -0.87 4.47
CA ARG D 161 -48.25 -1.56 3.58
C ARG D 161 -47.78 -1.48 2.12
N TYR D 162 -47.10 -0.39 1.75
CA TYR D 162 -46.71 -0.15 0.37
C TYR D 162 -45.23 -0.42 0.11
N VAL D 163 -44.40 -0.32 1.13
CA VAL D 163 -43.00 -0.69 0.98
C VAL D 163 -42.87 -2.20 0.85
N VAL D 164 -43.72 -2.96 1.54
CA VAL D 164 -43.68 -4.41 1.47
C VAL D 164 -43.99 -4.90 0.06
N VAL D 165 -44.83 -4.17 -0.67
CA VAL D 165 -45.15 -4.56 -2.04
C VAL D 165 -43.97 -4.27 -2.97
N SER D 166 -43.43 -3.05 -2.89
CA SER D 166 -42.30 -2.69 -3.74
C SER D 166 -41.11 -3.60 -3.50
N VAL D 167 -40.79 -3.89 -2.23
CA VAL D 167 -39.63 -4.72 -1.94
C VAL D 167 -39.85 -6.14 -2.43
N THR D 168 -41.09 -6.63 -2.35
CA THR D 168 -41.34 -8.01 -2.80
C THR D 168 -41.23 -8.13 -4.32
N ASN D 169 -41.74 -7.14 -5.06
CA ASN D 169 -41.68 -7.22 -6.51
C ASN D 169 -40.23 -7.28 -7.00
N VAL D 170 -39.30 -6.69 -6.25
CA VAL D 170 -37.89 -6.76 -6.62
C VAL D 170 -37.35 -8.16 -6.41
N ILE D 171 -37.48 -8.68 -5.19
CA ILE D 171 -36.99 -10.02 -4.90
C ILE D 171 -37.82 -11.06 -5.64
N CYS D 172 -39.08 -10.75 -5.93
CA CYS D 172 -39.91 -11.68 -6.69
C CYS D 172 -39.45 -11.75 -8.15
N ALA D 173 -39.06 -10.61 -8.72
CA ALA D 173 -38.53 -10.60 -10.08
C ALA D 173 -37.19 -11.32 -10.16
N ILE D 174 -36.36 -11.17 -9.13
CA ILE D 174 -35.07 -11.86 -9.12
C ILE D 174 -35.24 -13.37 -9.02
N CYS D 175 -36.30 -13.82 -8.33
CA CYS D 175 -36.54 -15.24 -8.12
C CYS D 175 -37.47 -15.82 -9.18
N PHE D 176 -38.51 -15.08 -9.58
CA PHE D 176 -39.53 -15.60 -10.47
C PHE D 176 -39.69 -14.80 -11.75
N GLY D 177 -39.13 -13.59 -11.81
CA GLY D 177 -39.11 -12.82 -13.04
C GLY D 177 -40.36 -12.03 -13.38
N ARG D 178 -41.16 -11.65 -12.39
CA ARG D 178 -42.31 -10.79 -12.64
C ARG D 178 -42.63 -10.02 -11.37
N ARG D 179 -43.43 -8.96 -11.53
CA ARG D 179 -43.89 -8.14 -10.42
C ARG D 179 -45.41 -8.25 -10.28
N TYR D 180 -45.90 -7.89 -9.10
CA TYR D 180 -47.32 -8.08 -8.80
C TYR D 180 -47.93 -6.72 -8.44
N VAL D 191 -48.41 -13.12 1.84
CA VAL D 191 -47.18 -12.34 1.94
C VAL D 191 -47.21 -11.53 3.23
N ASN D 192 -48.33 -10.84 3.43
CA ASN D 192 -48.55 -9.93 4.54
C ASN D 192 -49.61 -10.46 5.50
N LEU D 193 -50.18 -11.64 5.20
CA LEU D 193 -51.29 -12.18 5.97
C LEU D 193 -50.79 -12.71 7.31
N ASN D 194 -50.60 -11.77 8.24
CA ASN D 194 -50.35 -12.08 9.65
C ASN D 194 -49.32 -13.18 9.79
N ASN D 195 -48.13 -12.93 9.25
CA ASN D 195 -47.04 -13.88 9.30
C ASN D 195 -46.22 -13.66 10.56
N ASN D 196 -46.15 -14.70 11.38
CA ASN D 196 -45.47 -14.65 12.67
C ASN D 196 -44.14 -15.41 12.63
N PHE D 197 -43.56 -15.58 11.44
CA PHE D 197 -42.30 -16.30 11.30
C PHE D 197 -41.27 -15.78 12.29
N GLY D 198 -41.05 -14.46 12.30
CA GLY D 198 -40.07 -13.89 13.18
C GLY D 198 -40.43 -14.00 14.65
N GLU D 199 -41.72 -14.10 14.96
CA GLU D 199 -42.13 -14.17 16.35
C GLU D 199 -41.75 -15.51 16.98
N VAL D 200 -41.83 -16.60 16.21
CA VAL D 200 -41.60 -17.93 16.78
C VAL D 200 -40.17 -18.36 16.52
N VAL D 201 -39.57 -17.89 15.42
CA VAL D 201 -38.23 -18.32 15.06
C VAL D 201 -37.16 -17.55 15.82
N GLY D 202 -37.47 -16.38 16.37
CA GLY D 202 -36.52 -15.64 17.17
C GLY D 202 -35.88 -16.52 18.23
N SER D 203 -34.57 -16.37 18.42
CA SER D 203 -33.85 -17.19 19.39
C SER D 203 -34.53 -17.13 20.75
N GLY D 204 -34.67 -18.31 21.38
CA GLY D 204 -35.25 -18.40 22.69
C GLY D 204 -36.69 -18.85 22.75
N ASN D 205 -37.27 -19.24 21.63
CA ASN D 205 -38.65 -19.72 21.63
C ASN D 205 -38.81 -20.86 22.63
N PRO D 206 -39.63 -20.70 23.68
CA PRO D 206 -39.74 -21.80 24.66
C PRO D 206 -40.17 -23.12 24.06
N ALA D 207 -40.98 -23.11 23.01
CA ALA D 207 -41.47 -24.35 22.43
C ALA D 207 -40.34 -25.28 22.00
N ASP D 208 -39.18 -24.71 21.61
CA ASP D 208 -38.07 -25.53 21.16
C ASP D 208 -37.36 -26.23 22.31
N PHE D 209 -37.53 -25.75 23.55
CA PHE D 209 -36.85 -26.30 24.70
C PHE D 209 -37.81 -26.86 25.74
N ILE D 210 -39.11 -26.64 25.59
CA ILE D 210 -40.11 -27.18 26.49
C ILE D 210 -41.00 -28.14 25.69
N PRO D 211 -40.77 -29.45 25.81
CA PRO D 211 -41.49 -30.40 24.95
C PRO D 211 -43.00 -30.33 25.07
N ILE D 212 -43.53 -29.79 26.18
CA ILE D 212 -44.98 -29.84 26.38
C ILE D 212 -45.68 -28.73 25.59
N LEU D 213 -45.03 -27.59 25.39
CA LEU D 213 -45.65 -26.50 24.65
C LEU D 213 -45.92 -26.85 23.18
N ARG D 214 -45.32 -27.92 22.67
CA ARG D 214 -45.53 -28.30 21.28
C ARG D 214 -46.91 -28.91 21.05
N TYR D 215 -47.54 -29.48 22.09
CA TYR D 215 -48.79 -30.20 21.94
C TYR D 215 -50.01 -29.47 22.49
N LEU D 216 -49.81 -28.43 23.30
CA LEU D 216 -50.94 -27.68 23.83
C LEU D 216 -51.53 -26.76 22.76
N PRO D 217 -52.77 -26.30 22.98
CA PRO D 217 -53.34 -25.30 22.08
C PRO D 217 -52.43 -24.09 21.92
N ASN D 218 -51.82 -23.95 20.74
CA ASN D 218 -50.85 -22.89 20.47
C ASN D 218 -51.23 -22.23 19.16
N PRO D 219 -52.03 -21.16 19.21
CA PRO D 219 -52.43 -20.51 17.95
C PRO D 219 -51.25 -19.99 17.16
N SER D 220 -50.22 -19.49 17.85
CA SER D 220 -49.02 -19.01 17.16
C SER D 220 -48.33 -20.16 16.43
N LEU D 221 -48.21 -21.32 17.08
CA LEU D 221 -47.51 -22.44 16.47
C LEU D 221 -48.32 -23.08 15.35
N ASN D 222 -49.63 -23.19 15.53
CA ASN D 222 -50.46 -23.79 14.49
C ASN D 222 -50.52 -22.92 13.24
N ALA D 223 -50.66 -21.60 13.40
CA ALA D 223 -50.59 -20.69 12.27
C ALA D 223 -49.22 -20.77 11.58
N PHE D 224 -48.17 -21.08 12.35
CA PHE D 224 -46.84 -21.22 11.78
C PHE D 224 -46.77 -22.40 10.82
N LYS D 225 -47.35 -23.54 11.20
CA LYS D 225 -47.33 -24.71 10.32
C LYS D 225 -48.13 -24.47 9.05
N ASP D 226 -49.26 -23.77 9.15
CA ASP D 226 -50.16 -23.64 8.01
C ASP D 226 -49.47 -22.96 6.83
N LEU D 227 -48.89 -21.77 7.07
CA LEU D 227 -48.32 -21.01 5.96
C LEU D 227 -47.05 -21.66 5.44
N ASN D 228 -46.24 -22.27 6.31
CA ASN D 228 -45.08 -22.99 5.82
C ASN D 228 -45.47 -24.08 4.84
N GLU D 229 -46.63 -24.70 5.05
CA GLU D 229 -47.13 -25.69 4.10
C GLU D 229 -47.68 -25.01 2.86
N LYS D 230 -48.31 -23.84 3.03
CA LYS D 230 -48.78 -23.06 1.89
C LYS D 230 -47.61 -22.54 1.06
N PHE D 231 -46.60 -21.96 1.73
CA PHE D 231 -45.42 -21.49 1.01
C PHE D 231 -44.83 -22.60 0.16
N TYR D 232 -44.69 -23.80 0.74
CA TYR D 232 -44.10 -24.92 0.03
C TYR D 232 -44.98 -25.37 -1.14
N SER D 233 -46.28 -25.15 -1.05
CA SER D 233 -47.17 -25.47 -2.17
C SER D 233 -47.16 -24.36 -3.21
N PHE D 234 -47.15 -23.09 -2.78
CA PHE D 234 -46.97 -21.99 -3.73
C PHE D 234 -45.66 -22.15 -4.49
N MET D 235 -44.62 -22.63 -3.80
CA MET D 235 -43.34 -22.87 -4.45
C MET D 235 -43.50 -23.82 -5.64
N GLN D 236 -44.16 -24.96 -5.41
CA GLN D 236 -44.36 -25.93 -6.49
C GLN D 236 -45.05 -25.29 -7.68
N LYS D 237 -46.09 -24.48 -7.44
CA LYS D 237 -46.76 -23.78 -8.53
C LYS D 237 -45.75 -23.02 -9.40
N MET D 238 -44.84 -22.28 -8.75
CA MET D 238 -43.89 -21.47 -9.51
C MET D 238 -42.88 -22.34 -10.25
N VAL D 239 -42.38 -23.38 -9.58
CA VAL D 239 -41.39 -24.26 -10.19
C VAL D 239 -42.02 -24.97 -11.38
N LYS D 240 -43.32 -25.28 -11.28
CA LYS D 240 -44.01 -25.92 -12.41
C LYS D 240 -44.23 -24.94 -13.56
N GLU D 241 -44.67 -23.72 -13.28
CA GLU D 241 -44.85 -22.75 -14.35
C GLU D 241 -43.56 -22.52 -15.13
N HIS D 242 -42.42 -22.75 -14.50
CA HIS D 242 -41.13 -22.59 -15.15
C HIS D 242 -40.77 -23.84 -15.96
N TYR D 243 -41.02 -25.03 -15.39
CA TYR D 243 -40.72 -26.27 -16.10
C TYR D 243 -41.46 -26.36 -17.43
N LYS D 244 -42.70 -25.88 -17.48
CA LYS D 244 -43.45 -25.94 -18.74
C LYS D 244 -42.85 -24.98 -19.76
N THR D 245 -42.47 -23.78 -19.33
CA THR D 245 -41.91 -22.76 -20.20
C THR D 245 -40.39 -22.65 -20.08
N PHE D 246 -39.74 -23.69 -19.54
CA PHE D 246 -38.30 -23.62 -19.30
C PHE D 246 -37.55 -23.66 -20.63
N GLU D 247 -36.69 -22.66 -20.84
CA GLU D 247 -35.82 -22.60 -22.00
C GLU D 247 -34.40 -22.96 -21.57
N LYS D 248 -33.83 -23.99 -22.20
CA LYS D 248 -32.59 -24.58 -21.71
C LYS D 248 -31.42 -23.61 -21.81
N GLY D 249 -31.42 -22.71 -22.80
CA GLY D 249 -30.31 -21.80 -23.00
C GLY D 249 -30.57 -20.39 -22.53
N HIS D 250 -31.78 -20.11 -22.09
CA HIS D 250 -32.17 -18.77 -21.63
C HIS D 250 -32.62 -18.87 -20.18
N ILE D 251 -31.69 -18.67 -19.26
CA ILE D 251 -32.01 -18.69 -17.83
C ILE D 251 -32.64 -17.35 -17.47
N ARG D 252 -33.87 -17.38 -16.98
CA ARG D 252 -34.64 -16.16 -16.75
C ARG D 252 -34.53 -15.65 -15.33
N ASP D 253 -34.37 -16.53 -14.36
CA ASP D 253 -34.37 -16.15 -12.95
C ASP D 253 -33.68 -17.26 -12.16
N ILE D 254 -33.73 -17.16 -10.82
CA ILE D 254 -33.05 -18.14 -9.99
C ILE D 254 -33.71 -19.50 -10.07
N THR D 255 -35.03 -19.54 -10.28
CA THR D 255 -35.71 -20.83 -10.41
C THR D 255 -35.17 -21.60 -11.61
N ASP D 256 -34.91 -20.90 -12.73
CA ASP D 256 -34.38 -21.57 -13.90
C ASP D 256 -32.96 -22.07 -13.67
N SER D 257 -32.10 -21.25 -13.05
CA SER D 257 -30.73 -21.67 -12.79
C SER D 257 -30.67 -22.90 -11.89
N LEU D 258 -31.70 -23.12 -11.08
CA LEU D 258 -31.74 -24.32 -10.24
C LEU D 258 -32.31 -25.51 -11.02
N ILE D 259 -33.30 -25.27 -11.87
CA ILE D 259 -33.79 -26.32 -12.76
C ILE D 259 -32.66 -26.80 -13.68
N GLU D 260 -31.92 -25.85 -14.25
CA GLU D 260 -30.78 -26.22 -15.09
C GLU D 260 -29.77 -27.04 -14.30
N HIS D 261 -29.62 -26.75 -13.00
CA HIS D 261 -28.66 -27.44 -12.16
C HIS D 261 -29.14 -28.80 -11.68
N CYS D 262 -30.45 -29.05 -11.70
CA CYS D 262 -30.95 -30.37 -11.30
C CYS D 262 -30.55 -31.50 -12.24
N GLN D 263 -29.79 -31.22 -13.28
CA GLN D 263 -29.25 -32.27 -14.14
C GLN D 263 -28.05 -31.76 -14.94
N SER D 276 -30.22 -33.95 -3.16
CA SER D 276 -31.51 -34.32 -3.77
C SER D 276 -32.09 -33.15 -4.55
N ASP D 277 -33.10 -33.45 -5.38
CA ASP D 277 -33.77 -32.40 -6.15
C ASP D 277 -34.54 -31.45 -5.24
N GLU D 278 -35.19 -31.98 -4.20
CA GLU D 278 -35.98 -31.14 -3.31
C GLU D 278 -35.12 -30.08 -2.63
N LYS D 279 -33.94 -30.49 -2.12
CA LYS D 279 -33.07 -29.53 -1.44
C LYS D 279 -32.42 -28.54 -2.40
N ILE D 280 -32.44 -28.80 -3.69
CA ILE D 280 -31.91 -27.85 -4.65
C ILE D 280 -32.96 -26.83 -5.08
N ILE D 281 -34.23 -27.23 -5.13
CA ILE D 281 -35.27 -26.32 -5.60
C ILE D 281 -35.74 -25.40 -4.48
N ASN D 282 -35.85 -25.92 -3.26
CA ASN D 282 -36.37 -25.13 -2.15
C ASN D 282 -35.42 -24.03 -1.70
N ILE D 283 -34.28 -23.85 -2.37
CA ILE D 283 -33.39 -22.75 -2.01
C ILE D 283 -34.04 -21.41 -2.28
N VAL D 284 -34.82 -21.30 -3.36
CA VAL D 284 -35.51 -20.06 -3.66
C VAL D 284 -36.42 -19.63 -2.53
N LEU D 285 -36.85 -20.57 -1.68
CA LEU D 285 -37.73 -20.22 -0.57
C LEU D 285 -36.99 -19.42 0.48
N ASP D 286 -35.74 -19.79 0.78
CA ASP D 286 -34.95 -19.03 1.75
C ASP D 286 -34.58 -17.66 1.19
N LEU D 287 -34.20 -17.59 -0.09
CA LEU D 287 -33.85 -16.32 -0.69
C LEU D 287 -35.04 -15.37 -0.73
N PHE D 288 -36.19 -15.86 -1.18
CA PHE D 288 -37.37 -15.02 -1.24
C PHE D 288 -37.84 -14.61 0.15
N GLY D 289 -37.79 -15.55 1.10
CA GLY D 289 -38.25 -15.25 2.45
C GLY D 289 -37.38 -14.22 3.16
N ALA D 290 -36.06 -14.41 3.11
CA ALA D 290 -35.16 -13.44 3.72
C ALA D 290 -35.16 -12.12 2.96
N GLY D 291 -35.42 -12.17 1.66
CA GLY D 291 -35.34 -10.97 0.84
C GLY D 291 -36.36 -9.92 1.19
N PHE D 292 -37.65 -10.26 1.13
CA PHE D 292 -38.68 -9.25 1.29
C PHE D 292 -38.85 -8.76 2.73
N ASP D 293 -38.54 -9.58 3.73
CA ASP D 293 -38.79 -9.20 5.12
C ASP D 293 -37.70 -8.25 5.63
N THR D 294 -36.44 -8.67 5.55
CA THR D 294 -35.37 -7.89 6.17
C THR D 294 -35.24 -6.54 5.48
N VAL D 295 -35.24 -6.50 4.14
CA VAL D 295 -35.08 -5.23 3.44
C VAL D 295 -36.28 -4.34 3.73
N THR D 296 -37.49 -4.90 3.76
CA THR D 296 -38.66 -4.11 4.08
C THR D 296 -38.57 -3.54 5.49
N THR D 297 -38.15 -4.36 6.46
CA THR D 297 -38.00 -3.87 7.81
C THR D 297 -36.95 -2.76 7.88
N ALA D 298 -35.84 -2.94 7.16
CA ALA D 298 -34.80 -1.93 7.14
C ALA D 298 -35.32 -0.60 6.60
N ILE D 299 -36.01 -0.64 5.47
CA ILE D 299 -36.55 0.59 4.89
C ILE D 299 -37.61 1.18 5.81
N SER D 300 -38.44 0.33 6.41
CA SER D 300 -39.47 0.80 7.33
C SER D 300 -38.83 1.58 8.48
N TRP D 301 -37.81 1.01 9.11
CA TRP D 301 -37.13 1.69 10.21
C TRP D 301 -36.50 3.00 9.75
N SER D 302 -35.91 3.00 8.56
CA SER D 302 -35.31 4.22 8.04
C SER D 302 -36.34 5.35 7.96
N LEU D 303 -37.52 5.05 7.42
CA LEU D 303 -38.57 6.07 7.33
C LEU D 303 -38.95 6.59 8.71
N MET D 304 -39.03 5.69 9.70
CA MET D 304 -39.34 6.13 11.06
C MET D 304 -38.29 7.08 11.59
N TYR D 305 -37.01 6.78 11.33
CA TYR D 305 -35.94 7.65 11.79
C TYR D 305 -35.91 8.96 11.01
N LEU D 306 -36.25 8.92 9.72
CA LEU D 306 -36.25 10.15 8.92
C LEU D 306 -37.30 11.14 9.43
N VAL D 307 -38.50 10.64 9.74
CA VAL D 307 -39.58 11.52 10.17
C VAL D 307 -39.36 11.99 11.60
N MET D 308 -38.81 11.12 12.44
CA MET D 308 -38.51 11.48 13.83
C MET D 308 -37.24 12.31 13.95
N ASN D 309 -36.46 12.42 12.87
CA ASN D 309 -35.26 13.26 12.83
C ASN D 309 -35.26 14.05 11.54
N PRO D 310 -36.11 15.07 11.43
CA PRO D 310 -36.14 15.88 10.21
C PRO D 310 -34.81 16.55 9.89
N ARG D 311 -33.94 16.73 10.90
CA ARG D 311 -32.63 17.29 10.65
C ARG D 311 -31.83 16.41 9.70
N VAL D 312 -31.76 15.10 9.98
CA VAL D 312 -30.95 14.22 9.15
C VAL D 312 -31.58 14.03 7.78
N GLN D 313 -32.91 14.13 7.69
CA GLN D 313 -33.57 14.01 6.39
C GLN D 313 -33.13 15.13 5.44
N ARG D 314 -33.07 16.37 5.93
CA ARG D 314 -32.61 17.47 5.10
C ARG D 314 -31.15 17.32 4.73
N LYS D 315 -30.30 16.96 5.69
CA LYS D 315 -28.88 16.79 5.40
C LYS D 315 -28.68 15.78 4.27
N ILE D 316 -29.51 14.75 4.20
CA ILE D 316 -29.48 13.83 3.06
C ILE D 316 -29.88 14.58 1.79
N GLN D 317 -31.06 15.18 1.79
CA GLN D 317 -31.54 15.90 0.61
C GLN D 317 -30.55 16.96 0.17
N GLU D 318 -29.90 17.63 1.12
CA GLU D 318 -28.88 18.61 0.79
C GLU D 318 -27.69 17.95 0.10
N GLU D 319 -27.25 16.79 0.61
CA GLU D 319 -26.13 16.11 -0.01
C GLU D 319 -26.47 15.63 -1.42
N LEU D 320 -27.72 15.20 -1.65
CA LEU D 320 -28.10 14.79 -2.99
C LEU D 320 -28.11 15.98 -3.93
N ASP D 321 -28.74 17.08 -3.52
CA ASP D 321 -28.77 18.28 -4.36
C ASP D 321 -27.36 18.78 -4.65
N THR D 322 -26.46 18.69 -3.66
CA THR D 322 -25.09 19.15 -3.85
C THR D 322 -24.33 18.22 -4.79
N VAL D 323 -24.37 16.92 -4.50
CA VAL D 323 -23.58 15.96 -5.27
C VAL D 323 -24.28 15.63 -6.59
N ILE D 324 -25.61 15.67 -6.61
CA ILE D 324 -26.40 15.31 -7.78
C ILE D 324 -27.43 16.41 -7.99
N GLY D 325 -27.37 17.07 -9.15
CA GLY D 325 -28.31 18.15 -9.40
C GLY D 325 -29.74 17.65 -9.44
N ARG D 326 -30.63 18.39 -10.11
CA ARG D 326 -32.02 17.98 -10.25
C ARG D 326 -32.35 17.63 -11.70
N SER D 327 -31.30 17.38 -12.49
CA SER D 327 -31.44 17.05 -13.90
C SER D 327 -31.56 15.55 -14.16
N ARG D 328 -31.33 14.72 -13.15
CA ARG D 328 -31.38 13.28 -13.31
C ARG D 328 -31.62 12.68 -11.95
N ARG D 329 -32.20 11.48 -11.95
CA ARG D 329 -32.43 10.72 -10.74
C ARG D 329 -31.12 10.05 -10.30
N PRO D 330 -30.94 9.80 -9.02
CA PRO D 330 -29.74 9.09 -8.56
C PRO D 330 -29.60 7.68 -9.13
N ARG D 331 -28.37 7.18 -9.06
CA ARG D 331 -28.04 5.88 -9.60
C ARG D 331 -27.10 5.16 -8.65
N LEU D 332 -27.03 3.85 -8.81
CA LEU D 332 -26.21 3.04 -7.92
C LEU D 332 -24.76 3.48 -7.97
N SER D 333 -24.26 3.85 -9.15
CA SER D 333 -22.88 4.29 -9.30
C SER D 333 -22.54 5.45 -8.36
N ASP D 334 -23.54 6.22 -7.93
CA ASP D 334 -23.31 7.37 -7.07
C ASP D 334 -23.16 7.00 -5.59
N ARG D 335 -23.49 5.76 -5.22
CA ARG D 335 -23.43 5.37 -3.82
C ARG D 335 -22.08 5.69 -3.19
N SER D 336 -20.99 5.53 -3.92
CA SER D 336 -19.68 5.76 -3.34
C SER D 336 -19.40 7.23 -3.06
N HIS D 337 -20.20 8.15 -3.58
CA HIS D 337 -19.99 9.58 -3.40
C HIS D 337 -21.03 10.21 -2.49
N LEU D 338 -21.82 9.40 -1.78
CA LEU D 338 -22.85 9.87 -0.87
C LEU D 338 -22.58 9.34 0.53
N PRO D 339 -21.57 9.89 1.22
CA PRO D 339 -21.22 9.37 2.55
C PRO D 339 -22.32 9.50 3.59
N TYR D 340 -23.09 10.61 3.59
CA TYR D 340 -24.09 10.78 4.64
C TYR D 340 -25.23 9.79 4.48
N MET D 341 -25.64 9.52 3.23
CA MET D 341 -26.65 8.50 2.99
C MET D 341 -26.21 7.16 3.59
N GLU D 342 -24.95 6.77 3.36
CA GLU D 342 -24.45 5.53 3.93
C GLU D 342 -24.36 5.62 5.44
N ALA D 343 -23.96 6.78 5.96
CA ALA D 343 -23.89 6.96 7.41
C ALA D 343 -25.27 6.85 8.04
N PHE D 344 -26.31 7.31 7.35
CA PHE D 344 -27.66 7.19 7.88
C PHE D 344 -28.11 5.73 7.89
N ILE D 345 -27.82 4.99 6.82
CA ILE D 345 -28.19 3.58 6.76
C ILE D 345 -27.47 2.79 7.85
N LEU D 346 -26.20 3.10 8.08
CA LEU D 346 -25.45 2.43 9.13
C LEU D 346 -26.04 2.71 10.50
N GLU D 347 -26.42 3.96 10.74
CA GLU D 347 -26.99 4.30 12.04
C GLU D 347 -28.39 3.71 12.21
N THR D 348 -29.10 3.49 11.10
CA THR D 348 -30.36 2.75 11.18
C THR D 348 -30.11 1.31 11.59
N PHE D 349 -29.20 0.63 10.90
CA PHE D 349 -28.84 -0.74 11.27
C PHE D 349 -28.36 -0.81 12.71
N ARG D 350 -27.54 0.16 13.13
CA ARG D 350 -26.93 0.08 14.45
C ARG D 350 -27.94 0.33 15.56
N HIS D 351 -28.67 1.46 15.47
CA HIS D 351 -29.55 1.84 16.56
C HIS D 351 -30.68 0.83 16.73
N SER D 352 -31.37 0.50 15.63
CA SER D 352 -32.47 -0.45 15.70
C SER D 352 -31.97 -1.86 15.96
N SER D 353 -30.90 -2.25 15.28
CA SER D 353 -30.41 -3.62 15.33
C SER D 353 -31.56 -4.59 15.07
N PHE D 354 -32.34 -4.29 14.02
CA PHE D 354 -33.58 -5.01 13.83
C PHE D 354 -33.37 -6.50 13.59
N VAL D 355 -32.13 -6.96 13.49
CA VAL D 355 -31.84 -8.39 13.58
C VAL D 355 -30.97 -8.58 14.83
N PRO D 356 -31.56 -8.54 16.03
CA PRO D 356 -30.73 -8.51 17.25
C PRO D 356 -29.92 -9.77 17.46
N PHE D 357 -30.48 -10.94 17.16
CA PHE D 357 -29.76 -12.20 17.22
C PHE D 357 -29.60 -12.77 15.82
N THR D 358 -28.46 -13.40 15.58
CA THR D 358 -28.32 -14.22 14.39
C THR D 358 -29.16 -15.49 14.55
N ILE D 359 -29.38 -16.18 13.43
CA ILE D 359 -30.03 -17.49 13.55
C ILE D 359 -29.20 -18.35 14.49
N PRO D 360 -29.81 -19.07 15.43
CA PRO D 360 -29.01 -19.79 16.44
C PRO D 360 -27.98 -20.70 15.80
N HIS D 361 -26.80 -20.78 16.42
CA HIS D 361 -25.74 -21.65 15.97
C HIS D 361 -25.61 -22.86 16.90
N SER D 362 -24.83 -23.83 16.44
CA SER D 362 -24.54 -25.03 17.20
C SER D 362 -23.11 -25.43 16.90
N THR D 363 -22.42 -25.95 17.91
CA THR D 363 -21.02 -26.34 17.74
C THR D 363 -20.93 -27.65 16.98
N THR D 364 -20.06 -27.68 15.97
CA THR D 364 -19.84 -28.87 15.15
C THR D 364 -18.81 -29.82 15.75
N ARG D 365 -18.19 -29.45 16.86
CA ARG D 365 -17.12 -30.26 17.44
C ARG D 365 -16.78 -29.72 18.81
N ASP D 366 -16.25 -30.60 19.66
CA ASP D 366 -15.66 -30.14 20.92
C ASP D 366 -14.62 -29.07 20.63
N THR D 367 -14.79 -27.89 21.22
CA THR D 367 -13.90 -26.77 20.94
C THR D 367 -13.72 -25.95 22.22
N SER D 368 -12.92 -24.89 22.11
CA SER D 368 -12.65 -24.01 23.24
C SER D 368 -12.63 -22.57 22.75
N LEU D 369 -12.85 -21.65 23.68
CA LEU D 369 -12.93 -20.23 23.36
C LEU D 369 -12.67 -19.45 24.63
N LYS D 370 -11.63 -18.62 24.62
CA LYS D 370 -11.29 -17.80 25.78
C LYS D 370 -11.14 -18.63 27.05
N GLY D 371 -10.66 -19.86 26.90
CA GLY D 371 -10.41 -20.71 28.05
C GLY D 371 -11.59 -21.50 28.55
N PHE D 372 -12.67 -21.57 27.78
CA PHE D 372 -13.88 -22.27 28.20
C PHE D 372 -14.11 -23.48 27.29
N TYR D 373 -14.68 -24.52 27.87
CA TYR D 373 -14.96 -25.77 27.15
C TYR D 373 -16.39 -25.75 26.64
N ILE D 374 -16.56 -26.08 25.37
CA ILE D 374 -17.89 -26.12 24.74
C ILE D 374 -18.05 -27.47 24.05
N PRO D 375 -18.92 -28.35 24.53
CA PRO D 375 -19.06 -29.67 23.88
C PRO D 375 -19.75 -29.56 22.53
N LYS D 376 -19.73 -30.68 21.81
CA LYS D 376 -20.39 -30.75 20.53
C LYS D 376 -21.91 -30.72 20.70
N GLY D 377 -22.58 -30.03 19.79
CA GLY D 377 -24.03 -29.93 19.81
C GLY D 377 -24.59 -28.84 20.70
N ARG D 378 -23.74 -28.10 21.41
CA ARG D 378 -24.21 -27.05 22.30
C ARG D 378 -24.81 -25.91 21.48
N CYS D 379 -26.00 -25.46 21.87
CA CYS D 379 -26.64 -24.34 21.19
C CYS D 379 -25.95 -23.03 21.57
N VAL D 380 -25.75 -22.17 20.57
CA VAL D 380 -25.00 -20.94 20.74
C VAL D 380 -25.82 -19.78 20.19
N PHE D 381 -25.96 -18.72 20.99
CA PHE D 381 -26.61 -17.49 20.57
C PHE D 381 -25.57 -16.40 20.33
N VAL D 382 -25.83 -15.56 19.34
CA VAL D 382 -24.95 -14.46 18.96
C VAL D 382 -25.73 -13.17 19.11
N ASN D 383 -25.32 -12.34 20.07
CA ASN D 383 -26.04 -11.12 20.44
C ASN D 383 -25.47 -9.95 19.66
N GLN D 384 -26.00 -9.73 18.46
CA GLN D 384 -25.59 -8.57 17.66
C GLN D 384 -26.02 -7.27 18.34
N TRP D 385 -27.21 -7.25 18.95
CA TRP D 385 -27.68 -6.04 19.62
C TRP D 385 -26.66 -5.54 20.64
N GLN D 386 -26.01 -6.46 21.36
CA GLN D 386 -25.03 -6.05 22.36
C GLN D 386 -23.89 -5.27 21.73
N ILE D 387 -23.37 -5.74 20.60
CA ILE D 387 -22.26 -5.06 19.93
C ILE D 387 -22.68 -3.64 19.56
N ASN D 388 -23.78 -3.50 18.82
CA ASN D 388 -24.20 -2.20 18.31
C ASN D 388 -24.59 -1.22 19.41
N HIS D 389 -24.74 -1.69 20.66
CA HIS D 389 -25.10 -0.84 21.78
C HIS D 389 -24.11 -0.93 22.93
N ASP D 390 -22.88 -1.35 22.66
CA ASP D 390 -21.87 -1.47 23.71
C ASP D 390 -21.35 -0.08 24.04
N GLN D 391 -21.48 0.32 25.31
CA GLN D 391 -21.10 1.67 25.72
C GLN D 391 -19.63 1.96 25.47
N LYS D 392 -18.76 0.95 25.52
CA LYS D 392 -17.33 1.19 25.35
C LYS D 392 -16.96 1.50 23.91
N LEU D 393 -17.69 0.93 22.94
CA LEU D 393 -17.35 1.10 21.53
C LEU D 393 -18.01 2.31 20.90
N TRP D 394 -19.11 2.79 21.48
CA TRP D 394 -19.87 3.89 20.91
C TRP D 394 -20.04 4.98 21.95
N VAL D 395 -20.30 6.19 21.47
CA VAL D 395 -20.57 7.33 22.33
C VAL D 395 -22.07 7.55 22.32
N ASN D 396 -22.70 7.37 23.49
CA ASN D 396 -24.16 7.45 23.59
C ASN D 396 -24.79 6.45 22.63
N PRO D 397 -24.66 5.14 22.88
CA PRO D 397 -25.20 4.15 21.94
C PRO D 397 -26.70 4.21 21.79
N SER D 398 -27.41 4.81 22.75
CA SER D 398 -28.86 4.88 22.70
C SER D 398 -29.35 6.01 21.80
N GLU D 399 -28.46 6.84 21.29
CA GLU D 399 -28.83 7.99 20.47
C GLU D 399 -28.65 7.68 18.99
N PHE D 400 -29.53 8.26 18.18
CA PHE D 400 -29.46 8.15 16.73
C PHE D 400 -28.62 9.31 16.20
N LEU D 401 -27.36 9.03 15.88
CA LEU D 401 -26.40 10.05 15.48
C LEU D 401 -25.62 9.55 14.28
N PRO D 402 -26.17 9.75 13.07
CA PRO D 402 -25.46 9.28 11.87
C PRO D 402 -24.07 9.86 11.72
N GLU D 403 -23.81 11.04 12.30
CA GLU D 403 -22.52 11.70 12.16
C GLU D 403 -21.39 10.93 12.84
N ARG D 404 -21.70 9.91 13.64
CA ARG D 404 -20.65 9.16 14.31
C ARG D 404 -19.77 8.38 13.35
N PHE D 405 -20.27 8.06 12.16
CA PHE D 405 -19.50 7.33 11.17
C PHE D 405 -18.75 8.22 10.20
N LEU D 406 -18.72 9.52 10.43
CA LEU D 406 -18.11 10.47 9.52
C LEU D 406 -16.79 10.97 10.10
N THR D 407 -15.81 11.14 9.23
CA THR D 407 -14.53 11.72 9.61
C THR D 407 -14.65 13.23 9.68
N PRO D 408 -13.65 13.91 10.26
CA PRO D 408 -13.70 15.38 10.30
C PRO D 408 -13.83 16.01 8.93
N ASP D 409 -13.41 15.31 7.87
CA ASP D 409 -13.49 15.82 6.51
C ASP D 409 -14.80 15.48 5.82
N GLY D 410 -15.68 14.73 6.48
CA GLY D 410 -17.00 14.45 5.94
C GLY D 410 -17.11 13.19 5.12
N ALA D 411 -16.22 12.22 5.32
CA ALA D 411 -16.24 10.95 4.61
C ALA D 411 -16.45 9.81 5.58
N ILE D 412 -16.84 8.65 5.03
CA ILE D 412 -17.13 7.50 5.87
C ILE D 412 -15.84 6.96 6.47
N ASP D 413 -15.84 6.77 7.79
CA ASP D 413 -14.75 6.13 8.50
C ASP D 413 -14.92 4.62 8.42
N LYS D 414 -14.24 3.99 7.45
CA LYS D 414 -14.45 2.57 7.21
C LYS D 414 -14.09 1.71 8.43
N VAL D 415 -13.22 2.20 9.31
CA VAL D 415 -12.86 1.42 10.48
C VAL D 415 -14.04 1.31 11.44
N LEU D 416 -14.74 2.41 11.67
CA LEU D 416 -15.88 2.39 12.59
C LEU D 416 -17.11 1.75 11.96
N SER D 417 -17.32 1.94 10.66
CA SER D 417 -18.48 1.34 10.01
C SER D 417 -18.42 -0.18 10.03
N GLU D 418 -17.22 -0.76 10.05
CA GLU D 418 -17.09 -2.21 10.09
C GLU D 418 -17.36 -2.79 11.47
N LYS D 419 -17.61 -1.95 12.47
CA LYS D 419 -18.00 -2.42 13.80
C LYS D 419 -19.52 -2.53 13.95
N VAL D 420 -20.28 -2.20 12.91
CA VAL D 420 -21.73 -2.36 12.90
C VAL D 420 -22.03 -3.77 12.43
N ILE D 421 -22.42 -4.64 13.35
CA ILE D 421 -22.64 -6.06 13.06
C ILE D 421 -24.14 -6.32 13.02
N ILE D 422 -24.64 -6.72 11.85
CA ILE D 422 -26.06 -7.04 11.70
C ILE D 422 -26.25 -8.15 10.66
N PHE D 423 -25.22 -8.42 9.86
CA PHE D 423 -25.29 -9.45 8.83
C PHE D 423 -24.61 -10.76 9.23
N GLY D 424 -24.03 -10.83 10.42
CA GLY D 424 -23.34 -12.03 10.83
C GLY D 424 -21.89 -12.03 10.45
N MET D 425 -21.27 -13.20 10.60
CA MET D 425 -19.86 -13.39 10.31
C MET D 425 -19.62 -14.84 9.93
N GLY D 426 -18.42 -15.11 9.43
CA GLY D 426 -17.99 -16.48 9.27
C GLY D 426 -18.71 -17.20 8.14
N LYS D 427 -18.83 -18.52 8.32
CA LYS D 427 -19.37 -19.37 7.27
C LYS D 427 -20.88 -19.24 7.11
N ARG D 428 -21.55 -18.55 8.03
CA ARG D 428 -22.99 -18.41 8.00
C ARG D 428 -23.45 -16.97 7.75
N LYS D 429 -22.53 -16.08 7.37
CA LYS D 429 -22.90 -14.69 7.16
C LYS D 429 -23.96 -14.56 6.08
N CYS D 430 -24.64 -13.42 6.09
CA CYS D 430 -25.65 -13.13 5.09
C CYS D 430 -25.07 -13.20 3.69
N ILE D 431 -25.79 -13.86 2.79
CA ILE D 431 -25.38 -13.95 1.38
C ILE D 431 -26.07 -12.91 0.51
N GLY D 432 -27.02 -12.17 1.05
CA GLY D 432 -27.64 -11.08 0.31
C GLY D 432 -27.26 -9.74 0.89
N GLU D 433 -26.12 -9.69 1.57
CA GLU D 433 -25.67 -8.46 2.20
C GLU D 433 -25.49 -7.36 1.17
N THR D 434 -24.77 -7.66 0.08
CA THR D 434 -24.55 -6.66 -0.96
C THR D 434 -25.87 -6.23 -1.60
N ILE D 435 -26.74 -7.19 -1.91
CA ILE D 435 -28.03 -6.86 -2.50
C ILE D 435 -28.82 -5.95 -1.55
N ALA D 436 -28.80 -6.26 -0.26
CA ALA D 436 -29.57 -5.48 0.70
C ALA D 436 -29.04 -4.05 0.80
N ARG D 437 -27.72 -3.89 0.89
CA ARG D 437 -27.16 -2.56 1.02
C ARG D 437 -27.45 -1.70 -0.20
N TRP D 438 -27.49 -2.31 -1.38
CA TRP D 438 -27.79 -1.55 -2.60
C TRP D 438 -29.28 -1.27 -2.72
N GLU D 439 -30.11 -2.26 -2.40
CA GLU D 439 -31.56 -2.08 -2.50
C GLU D 439 -32.03 -1.00 -1.54
N VAL D 440 -31.53 -1.02 -0.29
CA VAL D 440 -31.89 -0.01 0.68
C VAL D 440 -31.39 1.37 0.23
N PHE D 441 -30.16 1.42 -0.27
CA PHE D 441 -29.61 2.69 -0.73
C PHE D 441 -30.45 3.27 -1.85
N LEU D 442 -30.77 2.47 -2.87
CA LEU D 442 -31.48 2.98 -4.03
C LEU D 442 -32.86 3.50 -3.66
N PHE D 443 -33.65 2.69 -2.96
CA PHE D 443 -35.00 3.11 -2.59
C PHE D 443 -34.97 4.46 -1.86
N LEU D 444 -34.06 4.61 -0.89
CA LEU D 444 -33.97 5.85 -0.14
C LEU D 444 -33.47 6.99 -1.02
N ALA D 445 -32.48 6.72 -1.87
CA ALA D 445 -31.91 7.77 -2.72
C ALA D 445 -32.93 8.29 -3.72
N ILE D 446 -33.59 7.39 -4.46
CA ILE D 446 -34.52 7.81 -5.50
C ILE D 446 -35.67 8.62 -4.91
N LEU D 447 -36.13 8.23 -3.72
CA LEU D 447 -37.30 8.88 -3.11
C LEU D 447 -36.96 10.25 -2.54
N LEU D 448 -36.00 10.30 -1.60
CA LEU D 448 -35.71 11.54 -0.89
C LEU D 448 -35.27 12.66 -1.82
N GLN D 449 -34.82 12.35 -3.04
CA GLN D 449 -34.53 13.42 -4.00
C GLN D 449 -35.79 14.13 -4.45
N ARG D 450 -36.92 13.42 -4.47
CA ARG D 450 -38.15 13.90 -5.10
C ARG D 450 -39.25 14.23 -4.11
N VAL D 451 -39.28 13.57 -2.95
CA VAL D 451 -40.35 13.74 -1.98
C VAL D 451 -39.73 13.94 -0.61
N GLU D 452 -40.53 14.44 0.32
CA GLU D 452 -40.12 14.67 1.69
C GLU D 452 -41.18 14.08 2.61
N PHE D 453 -40.77 13.21 3.52
CA PHE D 453 -41.70 12.56 4.44
C PHE D 453 -41.76 13.34 5.74
N SER D 454 -42.93 13.27 6.38
CA SER D 454 -43.16 13.99 7.63
C SER D 454 -44.31 13.33 8.36
N VAL D 455 -44.44 13.68 9.63
CA VAL D 455 -45.55 13.21 10.47
C VAL D 455 -45.99 14.40 11.31
N PRO D 456 -47.29 14.66 11.43
CA PRO D 456 -47.74 15.86 12.15
C PRO D 456 -47.42 15.79 13.64
N LEU D 457 -47.38 16.97 14.25
CA LEU D 457 -47.20 17.06 15.69
C LEU D 457 -48.40 16.51 16.44
N GLY D 458 -48.14 15.99 17.64
CA GLY D 458 -49.20 15.54 18.52
C GLY D 458 -49.68 14.13 18.27
N VAL D 459 -48.93 13.31 17.54
CA VAL D 459 -49.30 11.94 17.26
C VAL D 459 -48.25 11.01 17.87
N LYS D 460 -48.70 9.93 18.49
CA LYS D 460 -47.80 8.95 19.07
C LYS D 460 -47.12 8.16 17.95
N VAL D 461 -45.81 7.95 18.10
CA VAL D 461 -45.03 7.13 17.18
C VAL D 461 -44.13 6.24 18.03
N ASP D 462 -44.63 5.05 18.38
CA ASP D 462 -43.89 4.13 19.23
C ASP D 462 -42.70 3.59 18.45
N MET D 463 -41.52 4.11 18.76
CA MET D 463 -40.28 3.64 18.15
C MET D 463 -39.68 2.44 18.87
N THR D 464 -40.37 1.90 19.87
CA THR D 464 -39.86 0.76 20.61
C THR D 464 -39.87 -0.46 19.72
N PRO D 465 -38.74 -1.16 19.52
CA PRO D 465 -38.75 -2.36 18.69
C PRO D 465 -39.55 -3.48 19.33
N ILE D 466 -40.13 -4.32 18.48
CA ILE D 466 -40.91 -5.48 18.89
C ILE D 466 -40.06 -6.71 18.63
N TYR D 467 -39.75 -7.46 19.69
CA TYR D 467 -38.76 -8.52 19.58
C TYR D 467 -39.19 -9.58 18.55
N GLY D 468 -38.19 -10.20 17.95
CA GLY D 468 -38.41 -11.21 16.94
C GLY D 468 -37.14 -11.39 16.13
N LEU D 469 -37.19 -12.36 15.22
CA LEU D 469 -36.07 -12.55 14.30
C LEU D 469 -35.71 -11.24 13.62
N THR D 470 -36.71 -10.58 13.04
CA THR D 470 -36.56 -9.23 12.48
C THR D 470 -37.47 -8.32 13.29
N MET D 471 -36.89 -7.51 14.18
CA MET D 471 -37.69 -6.68 15.06
C MET D 471 -38.47 -5.64 14.26
N LYS D 472 -39.78 -5.60 14.47
CA LYS D 472 -40.66 -4.65 13.83
C LYS D 472 -40.95 -3.48 14.77
N HIS D 473 -41.80 -2.56 14.30
CA HIS D 473 -42.27 -1.44 15.11
C HIS D 473 -43.79 -1.34 15.00
N ALA D 474 -44.37 -0.56 15.91
CA ALA D 474 -45.81 -0.33 15.86
C ALA D 474 -46.19 0.41 14.58
N CYS D 475 -47.20 -0.10 13.89
CA CYS D 475 -47.66 0.52 12.65
C CYS D 475 -48.05 1.97 12.90
N CYS D 476 -47.70 2.85 11.96
CA CYS D 476 -47.96 4.27 12.05
C CYS D 476 -48.80 4.69 10.85
N GLU D 477 -49.99 5.23 11.11
CA GLU D 477 -50.94 5.57 10.06
C GLU D 477 -50.91 7.05 9.69
N HIS D 478 -49.89 7.80 10.14
CA HIS D 478 -49.89 9.25 10.01
C HIS D 478 -48.77 9.76 9.12
N PHE D 479 -48.15 8.89 8.33
CA PHE D 479 -47.07 9.33 7.44
C PHE D 479 -47.64 10.21 6.33
N GLN D 480 -46.89 11.24 5.97
CA GLN D 480 -47.29 12.17 4.93
C GLN D 480 -46.13 12.38 3.97
N MET D 481 -46.47 12.62 2.71
CA MET D 481 -45.50 12.82 1.64
C MET D 481 -45.91 14.02 0.81
N GLN D 482 -44.93 14.81 0.38
CA GLN D 482 -45.17 15.97 -0.46
C GLN D 482 -43.98 16.15 -1.41
N LEU D 483 -44.25 16.53 -2.65
CA LEU D 483 -43.18 16.75 -3.61
C LEU D 483 -42.26 17.89 -3.20
N ARG D 484 -41.15 18.00 -3.92
CA ARG D 484 -40.10 18.99 -3.67
C ARG D 484 -39.98 19.94 -4.85
N SER D 485 -39.26 21.05 -4.61
CA SER D 485 -39.05 22.08 -5.61
C SER D 485 -38.61 21.47 -6.95
#